data_7JQP
#
_entry.id   7JQP
#
_cell.length_a   110.900
_cell.length_b   110.900
_cell.length_c   351.800
_cell.angle_alpha   90.000
_cell.angle_beta   90.000
_cell.angle_gamma   90.000
#
_symmetry.space_group_name_H-M   'P 43 21 2'
#
loop_
_entity.id
_entity.type
_entity.pdbx_description
1 polymer 'Encapsidation protein'
2 non-polymer 'SULFATE ION'
3 water water
#
_entity_poly.entity_id   1
_entity_poly.type   'polypeptide(L)'
_entity_poly.pdbx_seq_one_letter_code
;(MSE)ITKSNEFWTPKRLLETDDRIFLVVGGRGVGKTFNVTGEALDDLFFNNVS(MSE)VYLRRLGVEIDELEKNNFITE
E(MSE)LRVYFGNRFSDFNADESKQI(MSE)RFSIDGAIHEIKAIRNKIFFDDRCIVYFIALSRAGHVKSNNYPDVKYLV
FDEVIIDRSI(MSE)PNARYIRNEFTVLLNLIETIKRKREDFYLF(MSE)LSNVGENFNPIFAGLGYYLTHEDIKKGFVK
REDYCVQFVENKQEELN(MSE)TDPFVRLGAKNRDFSNSKTNAFENIRTPYFKHYGKKPKLLVKYDRQYLGIAERKIPSG
LEYYYQVYKTLDGLENITVFNNNFDTL(MSE)EDEVFLEETQLKKKFKTYFELFQQN(MSE)VYHESPETFLEWSKFVYA
LKLEHHHHHH
;
_entity_poly.pdbx_strand_id   A,B,C,D,E
#
loop_
_chem_comp.id
_chem_comp.type
_chem_comp.name
_chem_comp.formula
SO4 non-polymer 'SULFATE ION' 'O4 S -2'
#
# COMPACT_ATOMS: atom_id res chain seq x y z
N SER A 5 28.39 -18.78 -27.72
CA SER A 5 27.20 -18.65 -28.54
C SER A 5 26.35 -19.91 -28.46
N ASN A 6 26.90 -21.02 -28.94
CA ASN A 6 26.18 -22.29 -28.90
C ASN A 6 25.78 -22.68 -27.48
N GLU A 7 26.41 -22.08 -26.47
CA GLU A 7 26.16 -22.50 -25.09
C GLU A 7 24.71 -22.27 -24.69
N PHE A 8 24.10 -21.18 -25.16
CA PHE A 8 22.82 -20.77 -24.59
C PHE A 8 21.67 -21.61 -25.11
N TRP A 9 20.76 -21.94 -24.19
CA TRP A 9 19.58 -22.74 -24.50
C TRP A 9 18.63 -21.99 -25.43
N THR A 10 18.05 -22.72 -26.38
CA THR A 10 17.10 -22.15 -27.33
C THR A 10 16.01 -23.16 -27.63
N PRO A 11 14.80 -22.69 -27.97
CA PRO A 11 13.69 -23.62 -28.23
C PRO A 11 13.55 -24.09 -29.67
N LYS A 12 14.60 -23.93 -30.49
CA LYS A 12 14.50 -24.36 -31.88
C LYS A 12 14.25 -25.86 -31.97
N ARG A 13 15.02 -26.65 -31.23
CA ARG A 13 14.82 -28.10 -31.24
C ARG A 13 13.42 -28.47 -30.76
N LEU A 14 12.94 -27.79 -29.72
CA LEU A 14 11.61 -28.10 -29.18
C LEU A 14 10.51 -27.77 -30.16
N LEU A 15 10.64 -26.67 -30.91
CA LEU A 15 9.60 -26.25 -31.83
C LEU A 15 9.45 -27.21 -33.00
N GLU A 16 10.54 -27.85 -33.44
CA GLU A 16 10.44 -28.79 -34.55
C GLU A 16 9.53 -29.96 -34.20
N THR A 17 9.52 -30.38 -32.94
CA THR A 17 8.68 -31.50 -32.53
C THR A 17 7.20 -31.14 -32.63
N ASP A 18 6.36 -32.17 -32.78
CA ASP A 18 4.93 -31.95 -32.94
C ASP A 18 4.30 -31.37 -31.68
N ASP A 19 4.83 -31.71 -30.50
CA ASP A 19 4.21 -31.28 -29.26
C ASP A 19 4.14 -29.76 -29.19
N ARG A 20 3.03 -29.26 -28.63
CA ARG A 20 2.81 -27.83 -28.44
C ARG A 20 2.98 -27.38 -26.99
N ILE A 21 3.24 -28.31 -26.08
CA ILE A 21 3.42 -28.00 -24.66
C ILE A 21 4.80 -28.48 -24.24
N PHE A 22 5.58 -27.58 -23.63
CA PHE A 22 6.94 -27.87 -23.21
C PHE A 22 7.15 -27.42 -21.77
N LEU A 23 7.93 -28.19 -21.04
CA LEU A 23 8.35 -27.84 -19.67
C LEU A 23 9.86 -27.77 -19.64
N VAL A 24 10.40 -26.60 -19.33
CA VAL A 24 11.84 -26.37 -19.29
C VAL A 24 12.22 -26.06 -17.85
N VAL A 25 13.08 -26.90 -17.28
CA VAL A 25 13.51 -26.78 -15.88
C VAL A 25 15.02 -26.70 -15.86
N GLY A 26 15.56 -25.92 -14.94
CA GLY A 26 16.99 -25.76 -14.82
C GLY A 26 17.53 -24.67 -15.71
N GLY A 27 18.84 -24.67 -15.85
CA GLY A 27 19.50 -23.67 -16.67
C GLY A 27 19.30 -22.26 -16.19
N ARG A 28 19.41 -22.03 -14.89
CA ARG A 28 19.31 -20.68 -14.36
C ARG A 28 20.41 -19.79 -14.92
N GLY A 29 20.04 -18.57 -15.28
CA GLY A 29 20.98 -17.65 -15.89
C GLY A 29 21.31 -17.95 -17.34
N VAL A 30 20.57 -18.86 -17.97
CA VAL A 30 20.77 -19.21 -19.37
C VAL A 30 19.83 -18.44 -20.29
N GLY A 31 19.07 -17.50 -19.73
CA GLY A 31 18.15 -16.72 -20.53
C GLY A 31 17.09 -17.56 -21.23
N LYS A 32 16.40 -18.42 -20.48
CA LYS A 32 15.30 -19.18 -21.06
C LYS A 32 14.19 -18.25 -21.53
N THR A 33 13.82 -17.28 -20.69
CA THR A 33 12.84 -16.28 -21.11
C THR A 33 13.37 -15.46 -22.27
N PHE A 34 14.65 -15.08 -22.19
CA PHE A 34 15.27 -14.30 -23.27
C PHE A 34 15.20 -15.03 -24.60
N ASN A 35 15.65 -16.28 -24.64
CA ASN A 35 15.69 -17.01 -25.90
C ASN A 35 14.28 -17.36 -26.39
N VAL A 36 13.37 -17.74 -25.49
CA VAL A 36 12.02 -18.06 -25.91
C VAL A 36 11.33 -16.84 -26.51
N THR A 37 11.49 -15.68 -25.86
CA THR A 37 10.90 -14.45 -26.36
C THR A 37 11.56 -14.03 -27.67
N GLY A 38 12.86 -14.27 -27.80
CA GLY A 38 13.55 -13.87 -29.02
C GLY A 38 13.14 -14.67 -30.24
N GLU A 39 13.04 -15.99 -30.09
CA GLU A 39 12.64 -16.84 -31.22
C GLU A 39 11.22 -16.51 -31.67
N ALA A 40 10.36 -16.14 -30.72
CA ALA A 40 8.98 -15.80 -31.06
C ALA A 40 8.89 -14.51 -31.85
N LEU A 41 9.87 -13.60 -31.68
CA LEU A 41 9.76 -12.26 -32.24
C LEU A 41 9.31 -12.29 -33.70
N ASP A 42 9.91 -13.18 -34.50
CA ASP A 42 9.54 -13.22 -35.91
C ASP A 42 8.04 -13.36 -36.08
N ASP A 43 7.40 -14.19 -35.27
CA ASP A 43 5.95 -14.34 -35.32
C ASP A 43 5.25 -13.10 -34.81
N LEU A 44 5.70 -12.58 -33.66
CA LEU A 44 5.00 -11.43 -33.08
C LEU A 44 5.13 -10.21 -33.98
N PHE A 45 6.33 -9.98 -34.54
CA PHE A 45 6.56 -8.77 -35.32
C PHE A 45 5.80 -8.81 -36.65
N PHE A 46 5.82 -9.96 -37.35
CA PHE A 46 5.31 -10.01 -38.72
C PHE A 46 4.20 -11.01 -38.98
N ASN A 47 3.86 -11.89 -38.04
CA ASN A 47 2.81 -12.87 -38.26
C ASN A 47 1.50 -12.52 -37.56
N ASN A 48 1.38 -11.31 -37.02
CA ASN A 48 0.12 -10.83 -36.46
C ASN A 48 -0.38 -11.72 -35.32
N VAL A 49 0.55 -12.19 -34.49
CA VAL A 49 0.22 -13.02 -33.33
C VAL A 49 0.77 -12.34 -32.09
N SER A 50 0.02 -12.39 -31.01
CA SER A 50 0.41 -11.78 -29.75
C SER A 50 1.01 -12.84 -28.84
N MSE A 51 1.56 -12.36 -27.73
CA MSE A 51 2.16 -13.25 -26.74
C MSE A 51 1.62 -12.87 -25.37
O MSE A 51 1.23 -11.73 -25.13
CB MSE A 51 3.68 -13.14 -26.76
CG MSE A 51 4.39 -14.01 -25.74
SE MSE A 51 6.22 -13.39 -25.44
CE MSE A 51 7.01 -15.05 -24.81
H MSE A 51 1.59 -11.53 -27.52
HA MSE A 51 1.95 -14.17 -26.94
HB2 MSE A 51 4.00 -13.39 -27.63
HB3 MSE A 51 3.92 -12.21 -26.58
HG2 MSE A 51 3.91 -13.97 -24.89
HG3 MSE A 51 4.43 -14.92 -26.06
HE1 MSE A 51 7.98 -14.98 -24.84
HE2 MSE A 51 6.71 -15.22 -23.90
HE3 MSE A 51 6.72 -15.78 -25.39
N VAL A 52 1.61 -13.85 -24.47
CA VAL A 52 1.20 -13.64 -23.10
C VAL A 52 2.32 -14.12 -22.18
N TYR A 53 2.76 -13.25 -21.28
CA TYR A 53 3.75 -13.58 -20.27
C TYR A 53 3.03 -13.77 -18.94
N LEU A 54 3.13 -14.97 -18.37
CA LEU A 54 2.37 -15.33 -17.18
C LEU A 54 3.29 -15.48 -15.98
N ARG A 55 2.78 -15.05 -14.82
CA ARG A 55 3.50 -15.14 -13.55
C ARG A 55 2.50 -15.54 -12.48
N ARG A 56 2.98 -16.23 -11.45
CA ARG A 56 2.07 -16.73 -10.42
C ARG A 56 1.43 -15.60 -9.65
N LEU A 57 2.21 -14.58 -9.27
CA LEU A 57 1.73 -13.53 -8.38
C LEU A 57 1.82 -12.16 -9.04
N GLY A 58 0.94 -11.26 -8.61
CA GLY A 58 0.93 -9.92 -9.17
C GLY A 58 2.23 -9.18 -8.95
N VAL A 59 2.83 -9.35 -7.77
CA VAL A 59 4.09 -8.66 -7.47
C VAL A 59 5.15 -9.04 -8.48
N GLU A 60 5.14 -10.30 -8.95
CA GLU A 60 6.12 -10.72 -9.94
C GLU A 60 6.05 -9.89 -11.20
N ILE A 61 4.84 -9.45 -11.57
CA ILE A 61 4.67 -8.61 -12.76
C ILE A 61 4.79 -7.14 -12.42
N ASP A 62 4.23 -6.71 -11.29
CA ASP A 62 4.32 -5.30 -10.92
C ASP A 62 5.77 -4.87 -10.79
N GLU A 63 6.61 -5.73 -10.22
CA GLU A 63 8.04 -5.45 -10.10
C GLU A 63 8.79 -5.72 -11.39
N LEU A 64 8.19 -6.41 -12.36
CA LEU A 64 8.87 -6.71 -13.61
C LEU A 64 9.08 -5.45 -14.44
N GLU A 65 10.22 -5.38 -15.12
CA GLU A 65 10.55 -4.25 -15.99
C GLU A 65 10.14 -4.62 -17.42
N LYS A 66 8.92 -4.22 -17.82
CA LYS A 66 8.45 -4.57 -19.15
C LYS A 66 9.31 -3.96 -20.24
N ASN A 67 9.88 -2.77 -19.98
CA ASN A 67 10.68 -2.10 -21.00
C ASN A 67 11.83 -2.97 -21.46
N ASN A 68 12.42 -3.74 -20.56
CA ASN A 68 13.57 -4.58 -20.89
C ASN A 68 13.16 -6.01 -21.25
N PHE A 69 11.86 -6.26 -21.43
CA PHE A 69 11.41 -7.57 -21.87
C PHE A 69 11.98 -7.89 -23.25
N ILE A 70 12.02 -6.89 -24.13
CA ILE A 70 12.68 -6.96 -25.43
C ILE A 70 13.86 -6.00 -25.38
N THR A 71 15.05 -6.50 -25.70
CA THR A 71 16.28 -5.74 -25.54
C THR A 71 16.96 -5.57 -26.90
N GLU A 72 17.83 -4.56 -26.98
CA GLU A 72 18.59 -4.35 -28.20
C GLU A 72 19.40 -5.59 -28.56
N GLU A 73 20.02 -6.22 -27.55
CA GLU A 73 20.82 -7.41 -27.79
C GLU A 73 19.97 -8.55 -28.31
N MSE A 74 18.74 -8.69 -27.81
CA MSE A 74 17.82 -9.73 -28.26
C MSE A 74 17.53 -9.50 -29.74
O MSE A 74 17.61 -10.42 -30.57
CB MSE A 74 16.53 -9.71 -27.46
CG MSE A 74 15.69 -10.98 -27.58
SE MSE A 74 14.31 -11.05 -26.22
CE MSE A 74 12.79 -10.36 -27.22
H MSE A 74 18.43 -8.19 -27.18
HA MSE A 74 18.22 -10.60 -28.14
HB2 MSE A 74 16.76 -9.60 -26.52
HB3 MSE A 74 15.99 -8.97 -27.76
HG2 MSE A 74 15.28 -10.99 -28.46
HG3 MSE A 74 16.27 -11.76 -27.49
HE1 MSE A 74 12.04 -10.24 -26.61
HE2 MSE A 74 13.03 -9.51 -27.62
HE3 MSE A 74 12.55 -11.00 -27.91
N LEU A 75 17.19 -8.26 -30.06
CA LEU A 75 16.90 -7.89 -31.45
C LEU A 75 18.12 -8.12 -32.33
N ARG A 76 19.30 -7.74 -31.81
CA ARG A 76 20.53 -7.90 -32.58
C ARG A 76 20.93 -9.36 -32.72
N VAL A 77 20.71 -10.16 -31.68
CA VAL A 77 21.05 -11.58 -31.74
C VAL A 77 20.11 -12.32 -32.67
N TYR A 78 18.80 -12.12 -32.52
CA TYR A 78 17.84 -12.90 -33.29
C TYR A 78 17.68 -12.42 -34.71
N PHE A 79 17.83 -11.11 -34.97
CA PHE A 79 17.75 -10.60 -36.33
C PHE A 79 19.13 -10.35 -36.95
N GLY A 80 20.20 -10.45 -36.17
CA GLY A 80 21.55 -10.34 -36.72
C GLY A 80 21.75 -9.12 -37.59
N ASN A 81 22.32 -9.33 -38.78
CA ASN A 81 22.64 -8.20 -39.65
C ASN A 81 21.41 -7.35 -39.97
N ARG A 82 20.23 -7.97 -40.05
CA ARG A 82 19.05 -7.20 -40.40
C ARG A 82 18.76 -6.09 -39.39
N PHE A 83 19.28 -6.19 -38.17
CA PHE A 83 19.03 -5.20 -37.14
C PHE A 83 20.05 -4.09 -37.27
N SER A 84 19.57 -2.85 -37.27
CA SER A 84 20.39 -1.66 -37.47
C SER A 84 19.57 -0.44 -37.06
N ASP A 85 20.25 0.70 -36.97
CA ASP A 85 19.58 1.97 -36.69
C ASP A 85 18.85 1.95 -35.35
N PHE A 86 19.48 1.37 -34.33
CA PHE A 86 18.85 1.34 -33.02
C PHE A 86 18.97 2.71 -32.37
N ASN A 87 17.84 3.28 -31.98
CA ASN A 87 17.83 4.54 -31.23
C ASN A 87 16.57 4.55 -30.38
N ALA A 88 16.74 4.68 -29.07
CA ALA A 88 15.63 4.60 -28.12
C ALA A 88 15.55 5.86 -27.28
N ASP A 89 14.31 6.28 -26.99
CA ASP A 89 14.04 7.44 -26.15
C ASP A 89 13.81 6.95 -24.72
N GLU A 90 14.73 7.30 -23.82
CA GLU A 90 14.64 6.82 -22.44
C GLU A 90 13.46 7.47 -21.70
N SER A 91 13.11 8.71 -22.04
CA SER A 91 12.06 9.41 -21.31
C SER A 91 10.71 8.76 -21.55
N LYS A 92 10.38 8.45 -22.80
CA LYS A 92 9.12 7.82 -23.15
C LYS A 92 9.17 6.30 -23.07
N GLN A 93 10.35 5.72 -22.84
CA GLN A 93 10.50 4.25 -22.82
C GLN A 93 10.01 3.66 -24.14
N ILE A 94 10.37 4.31 -25.25
CA ILE A 94 10.05 3.85 -26.60
C ILE A 94 11.36 3.51 -27.31
N MSE A 95 11.46 2.27 -27.79
CA MSE A 95 12.59 1.85 -28.63
C MSE A 95 12.24 2.09 -30.10
O MSE A 95 11.11 1.85 -30.51
CB MSE A 95 12.93 0.37 -28.41
CG MSE A 95 13.40 0.02 -27.02
SE MSE A 95 13.31 -1.92 -26.68
CE MSE A 95 14.90 -2.54 -27.63
H MSE A 95 10.88 1.65 -27.65
HA MSE A 95 13.38 2.36 -28.38
HB2 MSE A 95 12.13 -0.15 -28.59
HB3 MSE A 95 13.63 0.13 -29.03
HG2 MSE A 95 14.33 0.30 -26.92
HG3 MSE A 95 12.85 0.46 -26.37
HE1 MSE A 95 14.97 -3.51 -27.54
HE2 MSE A 95 14.83 -2.30 -28.56
HE3 MSE A 95 15.69 -2.12 -27.23
N ARG A 96 13.21 2.54 -30.91
CA ARG A 96 13.02 2.71 -32.34
C ARG A 96 14.21 2.08 -33.05
N PHE A 97 13.94 1.29 -34.09
CA PHE A 97 14.98 0.52 -34.77
C PHE A 97 14.53 0.19 -36.18
N SER A 98 15.42 -0.46 -36.93
CA SER A 98 15.20 -0.84 -38.32
C SER A 98 15.43 -2.34 -38.50
N ILE A 99 14.47 -3.00 -39.15
CA ILE A 99 14.64 -4.38 -39.58
C ILE A 99 14.27 -4.45 -41.05
N ASP A 100 15.22 -4.88 -41.88
CA ASP A 100 15.03 -5.02 -43.33
C ASP A 100 14.69 -3.70 -43.99
N GLY A 101 15.09 -2.58 -43.39
CA GLY A 101 14.77 -1.28 -43.92
C GLY A 101 13.45 -0.71 -43.47
N ALA A 102 12.61 -1.51 -42.83
CA ALA A 102 11.33 -1.05 -42.31
C ALA A 102 11.51 -0.37 -40.96
N ILE A 103 10.53 0.46 -40.61
CA ILE A 103 10.55 1.22 -39.37
C ILE A 103 9.70 0.50 -38.34
N HIS A 104 10.32 0.05 -37.25
CA HIS A 104 9.60 -0.63 -36.18
C HIS A 104 9.91 0.06 -34.87
N GLU A 105 8.89 0.21 -34.02
CA GLU A 105 9.04 0.81 -32.71
C GLU A 105 8.34 -0.08 -31.68
N ILE A 106 9.03 -0.35 -30.58
CA ILE A 106 8.50 -1.15 -29.48
C ILE A 106 8.18 -0.20 -28.34
N LYS A 107 6.91 -0.15 -27.95
CA LYS A 107 6.40 0.71 -26.89
C LYS A 107 5.79 -0.16 -25.80
N ALA A 108 6.21 0.07 -24.57
CA ALA A 108 5.68 -0.65 -23.42
C ALA A 108 4.89 0.29 -22.54
N ILE A 109 3.59 0.02 -22.38
CA ILE A 109 2.72 0.83 -21.55
C ILE A 109 1.91 -0.11 -20.66
N ARG A 110 1.97 0.11 -19.35
CA ARG A 110 1.19 -0.64 -18.37
C ARG A 110 1.58 -2.12 -18.49
N ASN A 111 0.63 -3.03 -18.58
CA ASN A 111 0.87 -4.46 -18.65
C ASN A 111 0.93 -4.98 -20.08
N LYS A 112 1.17 -4.10 -21.06
CA LYS A 112 1.22 -4.50 -22.45
C LYS A 112 2.49 -3.96 -23.09
N ILE A 113 2.96 -4.65 -24.12
CA ILE A 113 4.04 -4.21 -24.98
C ILE A 113 3.47 -4.09 -26.39
N PHE A 114 3.71 -2.96 -27.05
CA PHE A 114 3.14 -2.70 -28.36
C PHE A 114 4.26 -2.63 -29.40
N PHE A 115 4.05 -3.30 -30.52
CA PHE A 115 4.97 -3.29 -31.66
C PHE A 115 4.25 -2.68 -32.84
N ASP A 116 4.69 -1.49 -33.26
CA ASP A 116 4.06 -0.80 -34.39
C ASP A 116 2.57 -0.61 -34.14
N ASP A 117 2.25 -0.14 -32.93
CA ASP A 117 0.88 0.15 -32.50
C ASP A 117 0.02 -1.10 -32.36
N ARG A 118 0.63 -2.27 -32.23
CA ARG A 118 -0.10 -3.51 -32.03
C ARG A 118 0.49 -4.25 -30.85
N CYS A 119 -0.38 -4.58 -29.88
CA CYS A 119 0.08 -5.30 -28.70
C CYS A 119 0.62 -6.67 -29.09
N ILE A 120 1.85 -6.95 -28.65
CA ILE A 120 2.47 -8.24 -28.94
C ILE A 120 2.73 -9.05 -27.68
N VAL A 121 2.73 -8.45 -26.49
CA VAL A 121 2.94 -9.16 -25.24
C VAL A 121 1.93 -8.68 -24.22
N TYR A 122 1.32 -9.63 -23.52
CA TYR A 122 0.41 -9.37 -22.42
C TYR A 122 1.03 -9.92 -21.14
N PHE A 123 0.96 -9.15 -20.06
CA PHE A 123 1.43 -9.60 -18.75
C PHE A 123 0.23 -9.89 -17.87
N ILE A 124 0.17 -11.12 -17.34
CA ILE A 124 -0.95 -11.60 -16.55
C ILE A 124 -0.43 -12.32 -15.32
N ALA A 125 -1.20 -12.25 -14.24
CA ALA A 125 -0.88 -12.92 -12.99
C ALA A 125 -1.93 -13.98 -12.71
N LEU A 126 -1.47 -15.19 -12.40
CA LEU A 126 -2.40 -16.29 -12.15
C LEU A 126 -3.33 -15.96 -10.98
N SER A 127 -2.84 -15.16 -10.02
CA SER A 127 -3.69 -14.76 -8.90
C SER A 127 -4.89 -13.96 -9.40
N ARG A 128 -4.70 -13.13 -10.42
CA ARG A 128 -5.75 -12.30 -10.98
C ARG A 128 -6.42 -12.96 -12.18
N ALA A 129 -6.03 -14.19 -12.51
CA ALA A 129 -6.56 -14.86 -13.70
C ALA A 129 -8.06 -15.16 -13.58
N GLY A 130 -8.51 -15.50 -12.37
CA GLY A 130 -9.91 -15.92 -12.23
C GLY A 130 -10.91 -14.89 -12.70
N HIS A 131 -10.69 -13.62 -12.35
CA HIS A 131 -11.65 -12.59 -12.74
C HIS A 131 -11.60 -12.27 -14.24
N VAL A 132 -10.51 -12.62 -14.93
CA VAL A 132 -10.42 -12.29 -16.35
C VAL A 132 -10.91 -13.47 -17.18
N LYS A 133 -11.91 -14.18 -16.68
CA LYS A 133 -12.40 -15.34 -17.43
C LYS A 133 -13.16 -14.88 -18.67
N SER A 134 -13.68 -13.66 -18.65
CA SER A 134 -14.39 -13.09 -19.79
C SER A 134 -13.48 -12.26 -20.70
N ASN A 135 -12.22 -12.06 -20.34
CA ASN A 135 -11.34 -11.23 -21.14
C ASN A 135 -11.11 -11.85 -22.52
N ASN A 136 -10.82 -10.99 -23.49
CA ASN A 136 -10.60 -11.39 -24.87
C ASN A 136 -9.16 -11.08 -25.28
N TYR A 137 -8.48 -12.08 -25.83
CA TYR A 137 -7.12 -11.95 -26.36
C TYR A 137 -7.12 -12.44 -27.80
N PRO A 138 -7.23 -11.55 -28.79
CA PRO A 138 -7.59 -12.02 -30.14
C PRO A 138 -6.63 -13.03 -30.76
N ASP A 139 -5.34 -12.74 -30.88
CA ASP A 139 -4.44 -13.56 -31.68
C ASP A 139 -3.20 -14.03 -30.91
N VAL A 140 -3.41 -14.60 -29.73
CA VAL A 140 -2.30 -15.11 -28.92
C VAL A 140 -1.87 -16.48 -29.42
N LYS A 141 -0.57 -16.60 -29.75
CA LYS A 141 -0.01 -17.87 -30.20
C LYS A 141 0.97 -18.47 -29.21
N TYR A 142 1.53 -17.67 -28.30
CA TYR A 142 2.52 -18.13 -27.34
C TYR A 142 2.07 -17.76 -25.94
N LEU A 143 2.20 -18.70 -25.01
CA LEU A 143 1.96 -18.45 -23.59
C LEU A 143 3.18 -18.97 -22.83
N VAL A 144 3.83 -18.09 -22.09
CA VAL A 144 5.03 -18.43 -21.34
C VAL A 144 4.76 -18.23 -19.85
N PHE A 145 4.89 -19.32 -19.09
CA PHE A 145 4.71 -19.32 -17.65
C PHE A 145 6.12 -19.44 -17.06
N ASP A 146 6.72 -18.29 -16.76
CA ASP A 146 8.09 -18.26 -16.24
C ASP A 146 8.09 -18.50 -14.74
N GLU A 147 9.17 -19.09 -14.24
CA GLU A 147 9.30 -19.40 -12.82
C GLU A 147 8.11 -20.21 -12.32
N VAL A 148 7.74 -21.23 -13.10
CA VAL A 148 6.53 -21.99 -12.81
C VAL A 148 6.63 -22.66 -11.44
N ILE A 149 7.82 -23.12 -11.05
CA ILE A 149 8.00 -23.77 -9.75
C ILE A 149 8.65 -22.79 -8.79
N ILE A 150 8.04 -22.62 -7.62
CA ILE A 150 8.54 -21.67 -6.64
C ILE A 150 9.93 -22.10 -6.16
N ASP A 151 10.81 -21.12 -5.99
CA ASP A 151 12.13 -21.33 -5.43
C ASP A 151 12.13 -20.90 -3.96
N ARG A 152 12.42 -21.84 -3.07
CA ARG A 152 12.41 -21.54 -1.63
C ARG A 152 13.54 -20.59 -1.27
N SER A 153 14.70 -20.74 -1.91
CA SER A 153 15.85 -19.89 -1.59
C SER A 153 15.56 -18.43 -1.92
N ILE A 154 15.12 -18.16 -3.16
CA ILE A 154 14.83 -16.78 -3.55
C ILE A 154 13.62 -16.24 -2.80
N MSE A 155 12.57 -17.04 -2.67
CA MSE A 155 11.36 -16.60 -1.98
C MSE A 155 11.09 -17.46 -0.74
O MSE A 155 10.88 -18.66 -0.87
CB MSE A 155 10.16 -16.64 -2.92
CG MSE A 155 10.25 -15.63 -4.05
SE MSE A 155 8.79 -15.74 -5.34
CE MSE A 155 9.47 -14.47 -6.65
H MSE A 155 12.52 -17.84 -2.99
HA MSE A 155 11.47 -15.68 -1.69
HB2 MSE A 155 10.09 -17.52 -3.31
HB3 MSE A 155 9.35 -16.45 -2.42
HG2 MSE A 155 10.24 -14.74 -3.68
HG3 MSE A 155 11.07 -15.78 -4.54
HE1 MSE A 155 8.83 -14.40 -7.39
HE2 MSE A 155 9.56 -13.60 -6.23
HE3 MSE A 155 10.32 -14.78 -6.98
N PRO A 156 11.10 -16.84 0.44
CA PRO A 156 11.05 -17.66 1.66
C PRO A 156 9.73 -18.41 1.84
N ASN A 157 8.58 -17.77 1.71
CA ASN A 157 7.26 -18.41 1.90
C ASN A 157 6.31 -17.88 0.84
N ALA A 158 6.47 -18.38 -0.37
CA ALA A 158 5.56 -18.11 -1.47
C ALA A 158 4.66 -19.33 -1.63
N ARG A 159 3.36 -19.08 -1.71
CA ARG A 159 2.36 -20.14 -1.71
C ARG A 159 1.76 -20.31 -3.09
N TYR A 160 1.58 -21.56 -3.51
CA TYR A 160 0.85 -21.84 -4.74
C TYR A 160 -0.60 -21.43 -4.57
N ILE A 161 -1.25 -21.11 -5.70
CA ILE A 161 -2.64 -20.67 -5.64
C ILE A 161 -3.54 -21.86 -5.35
N ARG A 162 -4.65 -21.60 -4.67
CA ARG A 162 -5.62 -22.65 -4.40
C ARG A 162 -6.18 -23.19 -5.71
N ASN A 163 -6.11 -24.51 -5.88
CA ASN A 163 -6.54 -25.16 -7.12
C ASN A 163 -5.86 -24.50 -8.32
N GLU A 164 -4.55 -24.32 -8.20
CA GLU A 164 -3.81 -23.55 -9.21
C GLU A 164 -3.98 -24.14 -10.59
N PHE A 165 -3.86 -25.46 -10.74
CA PHE A 165 -3.88 -26.03 -12.08
C PHE A 165 -5.23 -25.83 -12.76
N THR A 166 -6.32 -25.92 -12.00
CA THR A 166 -7.63 -25.64 -12.59
C THR A 166 -7.71 -24.19 -13.04
N VAL A 167 -7.15 -23.27 -12.23
CA VAL A 167 -7.10 -21.88 -12.63
C VAL A 167 -6.22 -21.71 -13.86
N LEU A 168 -5.11 -22.44 -13.93
CA LEU A 168 -4.24 -22.37 -15.09
C LEU A 168 -4.95 -22.89 -16.33
N LEU A 169 -5.58 -24.06 -16.25
CA LEU A 169 -6.25 -24.62 -17.41
C LEU A 169 -7.36 -23.71 -17.90
N ASN A 170 -8.10 -23.10 -16.98
CA ASN A 170 -9.13 -22.15 -17.38
C ASN A 170 -8.53 -20.96 -18.13
N LEU A 171 -7.37 -20.48 -17.69
CA LEU A 171 -6.71 -19.37 -18.38
C LEU A 171 -6.28 -19.78 -19.78
N ILE A 172 -5.84 -21.03 -19.95
CA ILE A 172 -5.50 -21.52 -21.28
C ILE A 172 -6.72 -21.42 -22.20
N GLU A 173 -7.89 -21.79 -21.68
CA GLU A 173 -9.10 -21.73 -22.48
C GLU A 173 -9.44 -20.29 -22.85
N THR A 174 -9.30 -19.37 -21.89
CA THR A 174 -9.61 -17.97 -22.16
C THR A 174 -8.63 -17.38 -23.17
N ILE A 175 -7.33 -17.65 -23.00
CA ILE A 175 -6.33 -17.12 -23.91
C ILE A 175 -6.41 -17.79 -25.27
N LYS A 176 -6.75 -19.08 -25.29
CA LYS A 176 -6.77 -19.89 -26.50
C LYS A 176 -8.21 -20.31 -26.77
N ARG A 177 -8.78 -19.82 -27.87
CA ARG A 177 -10.15 -20.14 -28.24
C ARG A 177 -10.18 -20.62 -29.69
N LYS A 178 -10.47 -21.90 -29.88
CA LYS A 178 -10.59 -22.49 -31.21
C LYS A 178 -9.34 -22.23 -32.05
N ARG A 179 -8.18 -22.21 -31.40
CA ARG A 179 -6.90 -21.99 -32.07
C ARG A 179 -6.10 -23.28 -32.02
N GLU A 180 -5.89 -23.90 -33.18
CA GLU A 180 -5.05 -25.09 -33.22
C GLU A 180 -3.58 -24.73 -33.04
N ASP A 181 -3.17 -23.57 -33.55
CA ASP A 181 -1.77 -23.13 -33.51
C ASP A 181 -1.57 -22.34 -32.22
N PHE A 182 -1.18 -23.05 -31.15
CA PHE A 182 -0.95 -22.44 -29.85
C PHE A 182 0.24 -23.15 -29.22
N TYR A 183 1.02 -22.40 -28.45
CA TYR A 183 2.20 -22.94 -27.77
C TYR A 183 2.23 -22.48 -26.33
N LEU A 184 2.58 -23.39 -25.44
CA LEU A 184 2.71 -23.11 -24.02
C LEU A 184 4.12 -23.47 -23.55
N PHE A 185 4.78 -22.55 -22.88
CA PHE A 185 6.13 -22.74 -22.36
C PHE A 185 6.09 -22.59 -20.85
N MSE A 186 6.52 -23.63 -20.14
CA MSE A 186 6.63 -23.58 -18.68
C MSE A 186 8.11 -23.56 -18.31
O MSE A 186 8.83 -24.52 -18.57
CB MSE A 186 5.93 -24.77 -18.05
CG MSE A 186 4.43 -24.57 -17.85
SE MSE A 186 3.47 -26.28 -17.75
CE MSE A 186 1.81 -25.64 -16.94
H MSE A 186 6.75 -24.37 -20.47
HA MSE A 186 6.20 -22.78 -18.34
HB2 MSE A 186 6.05 -25.54 -18.63
HB3 MSE A 186 6.31 -24.93 -17.18
HG2 MSE A 186 4.27 -24.09 -17.02
HG3 MSE A 186 4.07 -24.07 -18.60
HE1 MSE A 186 1.22 -26.40 -16.82
HE2 MSE A 186 2.01 -25.23 -16.09
HE3 MSE A 186 1.40 -24.99 -17.54
N LEU A 187 8.56 -22.47 -17.68
CA LEU A 187 9.95 -22.27 -17.33
C LEU A 187 10.12 -22.27 -15.82
N SER A 188 11.01 -23.13 -15.32
CA SER A 188 11.29 -23.24 -13.90
C SER A 188 12.79 -23.19 -13.68
N ASN A 189 13.24 -22.36 -12.75
CA ASN A 189 14.66 -22.36 -12.42
C ASN A 189 15.04 -23.57 -11.58
N VAL A 190 14.13 -24.06 -10.74
CA VAL A 190 14.37 -25.20 -9.88
C VAL A 190 13.31 -26.26 -10.15
N GLY A 191 13.72 -27.53 -10.04
CA GLY A 191 12.82 -28.65 -10.27
C GLY A 191 12.65 -29.54 -9.06
N GLU A 192 11.40 -29.69 -8.61
CA GLU A 192 11.10 -30.48 -7.42
C GLU A 192 9.71 -31.10 -7.53
N ASN A 193 9.46 -32.10 -6.69
CA ASN A 193 8.16 -32.73 -6.59
C ASN A 193 7.31 -32.01 -5.53
N PHE A 194 6.08 -32.48 -5.33
CA PHE A 194 5.16 -31.92 -4.34
C PHE A 194 4.73 -30.50 -4.68
N ASN A 195 4.63 -30.20 -5.98
CA ASN A 195 4.12 -28.92 -6.45
C ASN A 195 2.91 -29.14 -7.35
N PRO A 196 1.96 -28.20 -7.34
CA PRO A 196 0.71 -28.45 -8.09
C PRO A 196 0.89 -28.56 -9.60
N ILE A 197 1.78 -27.76 -10.19
CA ILE A 197 1.95 -27.80 -11.64
C ILE A 197 2.43 -29.18 -12.09
N PHE A 198 3.40 -29.76 -11.39
CA PHE A 198 3.86 -31.09 -11.77
C PHE A 198 2.75 -32.12 -11.61
N ALA A 199 1.87 -31.94 -10.60
CA ALA A 199 0.80 -32.89 -10.39
C ALA A 199 -0.23 -32.83 -11.52
N GLY A 200 -0.65 -31.62 -11.89
CA GLY A 200 -1.62 -31.48 -12.96
C GLY A 200 -1.13 -32.05 -14.28
N LEU A 201 0.15 -31.81 -14.59
CA LEU A 201 0.72 -32.38 -15.81
C LEU A 201 0.74 -33.90 -15.74
N GLY A 202 0.91 -34.45 -14.54
CA GLY A 202 1.09 -35.88 -14.38
C GLY A 202 2.54 -36.31 -14.39
N TYR A 203 3.47 -35.38 -14.25
CA TYR A 203 4.89 -35.69 -14.33
C TYR A 203 5.46 -35.92 -12.93
N TYR A 204 6.15 -37.04 -12.76
CA TYR A 204 6.89 -37.35 -11.55
C TYR A 204 8.39 -37.15 -11.84
N LEU A 205 9.03 -36.28 -11.06
CA LEU A 205 10.42 -35.94 -11.33
C LEU A 205 11.34 -36.98 -10.71
N THR A 206 12.21 -37.56 -11.53
CA THR A 206 13.15 -38.59 -11.10
C THR A 206 14.52 -38.28 -11.67
N HIS A 207 15.56 -38.66 -10.92
CA HIS A 207 16.92 -38.37 -11.33
C HIS A 207 17.26 -39.02 -12.67
N GLU A 208 16.69 -40.19 -12.97
CA GLU A 208 16.99 -40.86 -14.23
C GLU A 208 16.52 -40.01 -15.40
N ASP A 209 15.36 -39.36 -15.26
CA ASP A 209 14.86 -38.49 -16.31
C ASP A 209 15.79 -37.31 -16.55
N ILE A 210 16.34 -36.74 -15.47
CA ILE A 210 17.23 -35.59 -15.62
C ILE A 210 18.46 -35.96 -16.42
N LYS A 211 19.03 -37.14 -16.16
CA LYS A 211 20.21 -37.57 -16.90
C LYS A 211 19.90 -37.68 -18.40
N LYS A 212 18.71 -38.20 -18.73
CA LYS A 212 18.32 -38.30 -20.14
C LYS A 212 18.24 -36.94 -20.79
N GLY A 213 17.75 -35.94 -20.06
CA GLY A 213 17.67 -34.58 -20.57
C GLY A 213 16.45 -34.30 -21.42
N PHE A 214 15.75 -35.34 -21.86
CA PHE A 214 14.58 -35.21 -22.70
C PHE A 214 13.57 -36.26 -22.29
N VAL A 215 12.31 -35.86 -22.16
CA VAL A 215 11.23 -36.75 -21.77
C VAL A 215 10.00 -36.39 -22.62
N LYS A 216 9.39 -37.39 -23.23
CA LYS A 216 8.23 -37.20 -24.09
C LYS A 216 7.01 -37.86 -23.47
N ARG A 217 5.88 -37.16 -23.53
CA ARG A 217 4.62 -37.66 -23.00
C ARG A 217 3.53 -37.43 -24.04
N GLU A 218 2.35 -37.98 -23.76
CA GLU A 218 1.26 -37.91 -24.73
C GLU A 218 0.90 -36.47 -25.07
N ASP A 219 0.79 -35.61 -24.05
CA ASP A 219 0.32 -34.25 -24.25
C ASP A 219 1.40 -33.19 -24.07
N TYR A 220 2.60 -33.57 -23.64
CA TYR A 220 3.62 -32.55 -23.39
C TYR A 220 5.01 -33.18 -23.44
N CYS A 221 6.01 -32.30 -23.53
CA CYS A 221 7.41 -32.68 -23.60
C CYS A 221 8.16 -31.94 -22.50
N VAL A 222 9.05 -32.67 -21.81
CA VAL A 222 9.83 -32.11 -20.71
C VAL A 222 11.30 -32.12 -21.11
N GLN A 223 11.96 -30.97 -20.95
CA GLN A 223 13.38 -30.83 -21.21
C GLN A 223 14.05 -30.22 -19.99
N PHE A 224 15.27 -30.68 -19.69
CA PHE A 224 16.05 -30.19 -18.56
C PHE A 224 17.25 -29.43 -19.10
N VAL A 225 17.47 -28.22 -18.59
CA VAL A 225 18.55 -27.35 -19.06
C VAL A 225 19.68 -27.38 -18.05
N GLU A 226 20.84 -27.83 -18.51
CA GLU A 226 22.07 -27.87 -17.73
C GLU A 226 22.91 -26.63 -18.00
N ASN A 227 23.36 -25.98 -16.92
CA ASN A 227 24.21 -24.81 -17.07
C ASN A 227 25.48 -25.19 -17.83
N LYS A 228 25.83 -24.40 -18.84
CA LYS A 228 26.99 -24.72 -19.66
C LYS A 228 28.25 -24.70 -18.80
N GLN A 229 29.07 -25.74 -18.95
CA GLN A 229 30.34 -25.81 -18.23
C GLN A 229 31.36 -24.98 -18.98
N GLU A 230 31.38 -23.69 -18.69
CA GLU A 230 32.34 -22.78 -19.29
C GLU A 230 33.45 -22.66 -18.26
N GLU A 231 34.70 -22.64 -18.73
CA GLU A 231 35.81 -22.57 -17.78
C GLU A 231 35.83 -21.21 -17.09
N LEU A 232 36.31 -21.23 -15.86
CA LEU A 232 36.38 -20.02 -15.03
C LEU A 232 37.81 -19.51 -15.04
N ASN A 233 37.98 -18.26 -15.49
CA ASN A 233 39.28 -17.62 -15.51
C ASN A 233 39.71 -17.29 -14.07
N MSE A 234 40.80 -17.88 -13.62
CA MSE A 234 41.26 -17.63 -12.26
C MSE A 234 42.24 -16.46 -12.19
O MSE A 234 42.56 -15.97 -11.12
CB MSE A 234 41.91 -18.89 -11.67
CG MSE A 234 40.93 -20.06 -11.53
SE MSE A 234 39.61 -19.76 -10.11
CE MSE A 234 38.05 -20.51 -11.00
H MSE A 234 41.30 -18.41 -14.08
HA MSE A 234 40.50 -17.41 -11.71
HB2 MSE A 234 42.63 -19.18 -12.26
HB3 MSE A 234 42.26 -18.69 -10.80
HG2 MSE A 234 40.46 -20.17 -12.36
HG3 MSE A 234 41.44 -20.86 -11.31
HE1 MSE A 234 37.28 -20.40 -10.43
HE2 MSE A 234 37.91 -20.05 -11.85
HE3 MSE A 234 38.21 -21.45 -11.16
N THR A 235 42.71 -16.01 -13.35
CA THR A 235 43.51 -14.78 -13.38
C THR A 235 42.67 -13.58 -12.99
N ASP A 236 41.39 -13.59 -13.36
CA ASP A 236 40.48 -12.51 -12.98
C ASP A 236 40.15 -12.61 -11.50
N PRO A 237 40.34 -11.55 -10.72
CA PRO A 237 40.01 -11.66 -9.29
C PRO A 237 38.53 -11.85 -9.05
N PHE A 238 37.68 -11.21 -9.85
CA PHE A 238 36.24 -11.34 -9.65
C PHE A 238 35.80 -12.80 -9.73
N VAL A 239 36.40 -13.57 -10.64
CA VAL A 239 36.07 -14.99 -10.74
C VAL A 239 36.56 -15.73 -9.50
N ARG A 240 37.78 -15.44 -9.03
CA ARG A 240 38.28 -16.12 -7.85
C ARG A 240 37.43 -15.81 -6.63
N LEU A 241 36.99 -14.56 -6.49
CA LEU A 241 36.16 -14.19 -5.36
C LEU A 241 34.86 -14.98 -5.36
N GLY A 242 34.25 -15.16 -6.53
CA GLY A 242 33.04 -15.95 -6.61
C GLY A 242 33.26 -17.40 -6.24
N ALA A 243 34.39 -17.97 -6.70
CA ALA A 243 34.69 -19.35 -6.37
C ALA A 243 34.87 -19.52 -4.87
N LYS A 244 35.47 -18.53 -4.20
CA LYS A 244 35.68 -18.66 -2.77
C LYS A 244 34.36 -18.69 -2.01
N ASN A 245 33.34 -17.98 -2.49
CA ASN A 245 32.03 -18.00 -1.86
C ASN A 245 31.27 -19.22 -2.37
N ARG A 246 31.09 -20.22 -1.51
CA ARG A 246 30.46 -21.46 -1.95
C ARG A 246 29.00 -21.23 -2.29
N ASP A 247 28.30 -20.39 -1.52
CA ASP A 247 26.87 -20.18 -1.76
C ASP A 247 26.61 -19.69 -3.18
N PHE A 248 27.40 -18.72 -3.65
CA PHE A 248 27.21 -18.24 -5.01
C PHE A 248 27.50 -19.33 -6.02
N SER A 249 28.58 -20.08 -5.82
CA SER A 249 28.93 -21.14 -6.75
C SER A 249 27.87 -22.25 -6.74
N ASN A 250 27.39 -22.63 -5.55
CA ASN A 250 26.35 -23.66 -5.47
C ASN A 250 25.06 -23.24 -6.12
N SER A 251 24.71 -21.95 -6.09
CA SER A 251 23.42 -21.53 -6.61
C SER A 251 23.28 -21.90 -8.09
N LYS A 252 24.36 -21.82 -8.87
CA LYS A 252 24.29 -22.13 -10.29
C LYS A 252 23.86 -23.57 -10.52
N THR A 253 24.34 -24.51 -9.69
CA THR A 253 24.00 -25.92 -9.87
C THR A 253 22.93 -26.40 -8.90
N ASN A 254 22.17 -25.49 -8.29
CA ASN A 254 21.16 -25.86 -7.32
C ASN A 254 19.80 -26.12 -7.94
N ALA A 255 19.74 -26.25 -9.27
CA ALA A 255 18.46 -26.48 -9.94
C ALA A 255 17.82 -27.79 -9.49
N PHE A 256 18.63 -28.83 -9.31
CA PHE A 256 18.16 -30.16 -8.92
C PHE A 256 18.75 -30.59 -7.58
N GLU A 257 19.05 -29.62 -6.71
CA GLU A 257 19.64 -29.94 -5.42
C GLU A 257 18.78 -30.93 -4.65
N ASN A 258 17.48 -30.68 -4.58
CA ASN A 258 16.54 -31.59 -3.93
C ASN A 258 15.29 -31.72 -4.80
N ILE A 259 14.96 -32.94 -5.22
CA ILE A 259 13.77 -33.16 -6.02
C ILE A 259 12.59 -33.65 -5.16
N ARG A 260 12.76 -33.68 -3.84
CA ARG A 260 11.66 -34.00 -2.93
C ARG A 260 11.01 -35.33 -3.29
N THR A 261 11.84 -36.36 -3.38
CA THR A 261 11.34 -37.69 -3.68
C THR A 261 10.45 -38.18 -2.55
N PRO A 262 9.30 -38.80 -2.84
CA PRO A 262 8.43 -39.28 -1.76
C PRO A 262 8.82 -40.68 -1.29
N TYR A 263 8.40 -41.00 -0.06
CA TYR A 263 8.61 -42.35 0.48
C TYR A 263 7.48 -43.25 0.00
N PHE A 264 7.81 -44.49 -0.35
CA PHE A 264 6.85 -45.43 -0.91
C PHE A 264 6.86 -46.75 -0.15
N LYS A 265 5.66 -47.21 0.24
CA LYS A 265 5.52 -48.50 0.93
C LYS A 265 4.07 -48.95 0.77
N HIS A 266 3.85 -50.27 0.90
CA HIS A 266 2.53 -50.86 0.77
C HIS A 266 2.08 -51.49 2.08
N TYR A 267 0.81 -51.25 2.44
CA TYR A 267 0.20 -51.78 3.65
C TYR A 267 -1.05 -52.56 3.28
N GLY A 268 -1.11 -53.82 3.72
CA GLY A 268 -2.21 -54.69 3.31
C GLY A 268 -3.55 -54.32 3.94
N LYS A 269 -3.55 -53.89 5.19
CA LYS A 269 -4.81 -53.70 5.89
C LYS A 269 -5.69 -52.68 5.17
N LYS A 270 -7.00 -52.81 5.38
CA LYS A 270 -7.95 -51.93 4.72
C LYS A 270 -7.87 -50.52 5.27
N PRO A 271 -8.21 -49.52 4.46
CA PRO A 271 -8.03 -48.13 4.88
C PRO A 271 -9.05 -47.69 5.92
N LYS A 272 -8.65 -46.67 6.68
CA LYS A 272 -9.51 -46.10 7.71
C LYS A 272 -10.69 -45.35 7.10
N LEU A 273 -10.45 -44.62 6.02
CA LEU A 273 -11.49 -43.85 5.36
C LEU A 273 -11.25 -43.84 3.87
N LEU A 274 -12.31 -43.54 3.11
CA LEU A 274 -12.26 -43.52 1.66
C LEU A 274 -12.90 -42.24 1.15
N VAL A 275 -12.34 -41.70 0.07
CA VAL A 275 -12.93 -40.58 -0.66
C VAL A 275 -12.99 -40.97 -2.13
N LYS A 276 -14.15 -40.79 -2.74
CA LYS A 276 -14.33 -41.15 -4.15
C LYS A 276 -13.92 -39.94 -4.99
N TYR A 277 -12.85 -40.09 -5.77
CA TYR A 277 -12.34 -39.00 -6.57
C TYR A 277 -11.92 -39.52 -7.94
N ASP A 278 -12.41 -38.86 -8.99
CA ASP A 278 -11.95 -39.11 -10.36
C ASP A 278 -12.11 -40.58 -10.72
N ARG A 279 -13.33 -41.10 -10.57
CA ARG A 279 -13.68 -42.45 -10.97
C ARG A 279 -12.88 -43.51 -10.21
N GLN A 280 -12.39 -43.15 -9.04
CA GLN A 280 -11.61 -44.06 -8.20
C GLN A 280 -11.90 -43.73 -6.75
N TYR A 281 -11.37 -44.55 -5.85
CA TYR A 281 -11.49 -44.34 -4.41
C TYR A 281 -10.10 -44.21 -3.81
N LEU A 282 -9.88 -43.11 -3.10
CA LEU A 282 -8.63 -42.87 -2.40
C LEU A 282 -8.81 -43.22 -0.94
N GLY A 283 -7.87 -43.99 -0.39
CA GLY A 283 -7.97 -44.43 0.98
C GLY A 283 -6.71 -44.08 1.75
N ILE A 284 -6.91 -43.80 3.03
CA ILE A 284 -5.82 -43.54 3.97
C ILE A 284 -5.84 -44.64 5.02
N ALA A 285 -4.70 -45.30 5.19
CA ALA A 285 -4.57 -46.41 6.13
C ALA A 285 -3.63 -46.01 7.26
N GLU A 286 -4.07 -46.23 8.49
CA GLU A 286 -3.28 -45.93 9.68
C GLU A 286 -2.89 -47.24 10.35
N ARG A 287 -1.59 -47.41 10.57
CA ARG A 287 -1.04 -48.61 11.19
C ARG A 287 -0.42 -48.29 12.54
N LYS A 288 -0.89 -48.97 13.57
CA LYS A 288 -0.38 -48.75 14.92
C LYS A 288 1.01 -49.37 15.03
N ILE A 289 1.98 -48.56 15.46
CA ILE A 289 3.35 -49.01 15.66
C ILE A 289 3.76 -48.58 17.07
N PRO A 290 4.73 -49.26 17.68
CA PRO A 290 5.04 -48.93 19.08
C PRO A 290 5.41 -47.47 19.28
N SER A 291 6.14 -46.89 18.33
CA SER A 291 6.55 -45.50 18.46
C SER A 291 5.36 -44.56 18.43
N GLY A 292 4.38 -44.85 17.59
CA GLY A 292 3.20 -44.04 17.43
C GLY A 292 2.26 -44.65 16.42
N LEU A 293 2.05 -43.95 15.29
CA LEU A 293 1.16 -44.43 14.25
C LEU A 293 1.84 -44.17 12.90
N GLU A 294 1.55 -45.03 11.93
CA GLU A 294 2.11 -45.02 10.58
C GLU A 294 1.01 -44.75 9.55
N TYR A 295 1.31 -43.94 8.54
CA TYR A 295 0.34 -43.53 7.54
C TYR A 295 0.68 -44.12 6.18
N TYR A 296 -0.33 -44.67 5.50
CA TYR A 296 -0.20 -45.15 4.13
C TYR A 296 -1.31 -44.56 3.29
N TYR A 297 -0.95 -44.01 2.14
CA TYR A 297 -1.90 -43.41 1.21
C TYR A 297 -2.05 -44.37 0.03
N GLN A 298 -3.28 -44.82 -0.21
CA GLN A 298 -3.54 -45.86 -1.20
C GLN A 298 -4.67 -45.45 -2.13
N VAL A 299 -4.72 -46.12 -3.28
CA VAL A 299 -5.76 -45.92 -4.28
C VAL A 299 -6.39 -47.27 -4.60
N TYR A 300 -7.73 -47.31 -4.60
CA TYR A 300 -8.47 -48.52 -4.90
C TYR A 300 -9.35 -48.27 -6.12
N LYS A 301 -9.21 -49.13 -7.14
CA LYS A 301 -9.99 -48.97 -8.36
C LYS A 301 -11.47 -49.27 -8.12
N THR A 302 -11.76 -50.26 -7.26
CA THR A 302 -13.15 -50.64 -7.01
C THR A 302 -13.36 -50.84 -5.51
N LEU A 303 -14.62 -50.75 -5.10
CA LEU A 303 -15.01 -50.94 -3.70
C LEU A 303 -15.28 -52.42 -3.43
N ASP A 304 -14.20 -53.20 -3.49
CA ASP A 304 -14.27 -54.63 -3.25
C ASP A 304 -13.59 -54.93 -1.91
N GLY A 305 -14.34 -55.54 -1.00
CA GLY A 305 -13.83 -55.78 0.34
C GLY A 305 -13.86 -54.57 1.25
N LEU A 306 -14.53 -53.50 0.84
CA LEU A 306 -14.63 -52.27 1.62
C LEU A 306 -16.08 -51.89 1.83
N GLU A 307 -16.93 -52.90 2.10
CA GLU A 307 -18.37 -52.68 2.10
C GLU A 307 -18.78 -51.64 3.15
N ASN A 308 -18.25 -51.75 4.36
CA ASN A 308 -18.69 -50.91 5.47
C ASN A 308 -17.81 -49.70 5.71
N ILE A 309 -16.73 -49.52 4.93
CA ILE A 309 -15.88 -48.35 5.13
C ILE A 309 -16.59 -47.12 4.57
N THR A 310 -16.56 -46.03 5.35
CA THR A 310 -17.24 -44.81 4.95
C THR A 310 -16.55 -44.19 3.74
N VAL A 311 -17.34 -43.62 2.84
CA VAL A 311 -16.85 -43.00 1.61
C VAL A 311 -17.29 -41.55 1.59
N PHE A 312 -16.37 -40.66 1.28
CA PHE A 312 -16.64 -39.23 1.18
C PHE A 312 -16.59 -38.80 -0.28
N ASN A 313 -17.62 -38.09 -0.72
CA ASN A 313 -17.73 -37.68 -2.12
C ASN A 313 -17.75 -36.16 -2.16
N ASN A 314 -16.77 -35.58 -2.86
CA ASN A 314 -16.70 -34.13 -3.02
C ASN A 314 -17.82 -33.62 -3.90
N ASN A 315 -18.19 -34.37 -4.92
CA ASN A 315 -19.15 -33.94 -5.93
C ASN A 315 -20.55 -34.44 -5.58
N PHE A 316 -21.48 -33.50 -5.42
CA PHE A 316 -22.86 -33.87 -5.14
C PHE A 316 -23.51 -34.62 -6.29
N ASP A 317 -23.14 -34.29 -7.53
CA ASP A 317 -23.79 -34.88 -8.69
C ASP A 317 -23.59 -36.40 -8.73
N THR A 318 -22.39 -36.87 -8.40
CA THR A 318 -22.10 -38.30 -8.42
C THR A 318 -22.31 -38.97 -7.07
N LEU A 319 -22.79 -38.23 -6.08
CA LEU A 319 -23.05 -38.82 -4.77
C LEU A 319 -24.16 -39.84 -4.87
N MSE A 320 -23.98 -40.99 -4.23
CA MSE A 320 -24.98 -42.05 -4.25
C MSE A 320 -24.86 -43.00 -3.08
O MSE A 320 -23.83 -43.06 -2.41
CB MSE A 320 -24.86 -42.85 -5.57
CG MSE A 320 -23.63 -43.72 -5.64
SE MSE A 320 -23.31 -44.45 -7.42
CE MSE A 320 -21.70 -45.50 -7.04
H MSE A 320 -23.28 -41.18 -3.77
HA MSE A 320 -25.85 -41.63 -4.22
HB2 MSE A 320 -25.64 -43.42 -5.65
HB3 MSE A 320 -24.83 -42.22 -6.31
HG2 MSE A 320 -22.85 -43.19 -5.39
HG3 MSE A 320 -23.73 -44.47 -5.03
HE1 MSE A 320 -21.39 -45.92 -7.86
HE2 MSE A 320 -21.02 -44.90 -6.68
HE3 MSE A 320 -21.91 -46.18 -6.37
N GLU A 321 -25.94 -43.75 -2.83
CA GLU A 321 -25.97 -44.84 -1.83
C GLU A 321 -25.61 -44.24 -0.47
N ASP A 322 -24.68 -44.83 0.27
CA ASP A 322 -24.38 -44.44 1.65
C ASP A 322 -23.18 -43.50 1.75
N GLU A 323 -22.69 -42.98 0.63
CA GLU A 323 -21.54 -42.09 0.69
C GLU A 323 -21.88 -40.83 1.46
N VAL A 324 -20.88 -40.29 2.16
CA VAL A 324 -21.04 -39.09 2.96
C VAL A 324 -20.61 -37.89 2.13
N PHE A 325 -21.45 -36.87 2.08
CA PHE A 325 -21.12 -35.67 1.34
C PHE A 325 -19.92 -34.96 1.95
N LEU A 326 -18.97 -34.57 1.12
CA LEU A 326 -17.79 -33.82 1.57
C LEU A 326 -18.03 -32.34 1.30
N GLU A 327 -17.97 -31.53 2.34
CA GLU A 327 -18.20 -30.10 2.23
C GLU A 327 -17.00 -29.34 2.79
N GLU A 328 -16.95 -28.04 2.49
CA GLU A 328 -15.80 -27.23 2.88
C GLU A 328 -15.57 -27.29 4.38
N THR A 329 -16.65 -27.21 5.17
CA THR A 329 -16.50 -27.27 6.62
C THR A 329 -16.06 -28.67 7.07
N GLN A 330 -16.65 -29.71 6.47
CA GLN A 330 -16.33 -31.08 6.86
C GLN A 330 -14.89 -31.45 6.48
N LEU A 331 -14.46 -31.05 5.29
CA LEU A 331 -13.13 -31.45 4.83
C LEU A 331 -12.03 -30.81 5.66
N LYS A 332 -12.23 -29.55 6.08
CA LYS A 332 -11.23 -28.87 6.90
C LYS A 332 -11.04 -29.58 8.24
N LYS A 333 -12.14 -30.09 8.83
CA LYS A 333 -12.03 -30.68 10.15
C LYS A 333 -11.17 -31.94 10.13
N LYS A 334 -11.31 -32.80 9.11
CA LYS A 334 -10.58 -34.07 9.04
C LYS A 334 -9.39 -34.07 8.07
N PHE A 335 -9.55 -33.48 6.87
CA PHE A 335 -8.49 -33.60 5.88
C PHE A 335 -7.41 -32.54 6.06
N LYS A 336 -7.57 -31.64 7.04
CA LYS A 336 -6.52 -30.64 7.26
C LYS A 336 -5.24 -31.31 7.73
N THR A 337 -5.34 -32.22 8.71
CA THR A 337 -4.16 -32.92 9.19
C THR A 337 -3.57 -33.81 8.11
N TYR A 338 -4.42 -34.50 7.34
CA TYR A 338 -3.94 -35.38 6.28
C TYR A 338 -3.24 -34.60 5.17
N PHE A 339 -3.77 -33.43 4.80
CA PHE A 339 -3.09 -32.61 3.80
C PHE A 339 -1.70 -32.22 4.28
N GLU A 340 -1.58 -31.85 5.56
CA GLU A 340 -0.28 -31.50 6.12
C GLU A 340 0.67 -32.70 6.14
N LEU A 341 0.16 -33.86 6.53
CA LEU A 341 0.98 -35.08 6.50
C LEU A 341 1.46 -35.38 5.09
N PHE A 342 0.61 -35.13 4.09
CA PHE A 342 1.00 -35.33 2.69
C PHE A 342 2.04 -34.30 2.25
N GLN A 343 1.81 -33.03 2.58
CA GLN A 343 2.69 -31.96 2.12
C GLN A 343 4.13 -32.23 2.55
N GLN A 344 4.32 -32.60 3.80
CA GLN A 344 5.61 -33.12 4.26
C GLN A 344 5.73 -34.58 3.87
N ASN A 345 6.97 -35.04 3.68
CA ASN A 345 7.21 -36.44 3.31
C ASN A 345 7.09 -37.33 4.55
N MSE A 346 5.89 -37.34 5.13
CA MSE A 346 5.63 -38.08 6.37
C MSE A 346 4.70 -39.27 6.18
O MSE A 346 4.37 -39.97 7.13
CB MSE A 346 5.02 -37.13 7.42
CG MSE A 346 5.97 -36.10 8.02
SE MSE A 346 5.01 -35.04 9.36
CE MSE A 346 6.48 -34.06 10.20
H MSE A 346 5.20 -36.93 4.83
HA MSE A 346 6.49 -38.41 6.68
HB2 MSE A 346 4.29 -36.65 7.01
HB3 MSE A 346 4.69 -37.69 8.15
HG2 MSE A 346 6.72 -36.55 8.46
HG3 MSE A 346 6.29 -35.51 7.32
HE1 MSE A 346 6.12 -33.46 10.88
HE2 MSE A 346 7.08 -34.69 10.61
HE3 MSE A 346 6.94 -33.54 9.52
N VAL A 347 4.27 -39.51 4.93
CA VAL A 347 3.35 -40.59 4.63
C VAL A 347 3.96 -41.49 3.56
N TYR A 348 3.48 -42.74 3.53
CA TYR A 348 3.91 -43.73 2.55
C TYR A 348 2.92 -43.76 1.40
N HIS A 349 3.43 -43.70 0.17
CA HIS A 349 2.62 -43.76 -1.04
C HIS A 349 2.87 -45.09 -1.73
N GLU A 350 1.80 -45.69 -2.25
CA GLU A 350 1.93 -47.02 -2.85
C GLU A 350 2.92 -47.01 -4.02
N SER A 351 2.84 -46.01 -4.89
CA SER A 351 3.74 -45.90 -6.04
C SER A 351 3.73 -44.47 -6.53
N PRO A 352 4.67 -44.11 -7.39
CA PRO A 352 4.64 -42.74 -7.96
C PRO A 352 3.34 -42.44 -8.69
N GLU A 353 2.73 -43.44 -9.34
CA GLU A 353 1.46 -43.21 -9.99
C GLU A 353 0.41 -42.80 -8.98
N THR A 354 0.33 -43.50 -7.84
CA THR A 354 -0.63 -43.16 -6.81
C THR A 354 -0.32 -41.79 -6.21
N PHE A 355 0.98 -41.49 -6.03
CA PHE A 355 1.37 -40.19 -5.49
C PHE A 355 0.86 -39.06 -6.36
N LEU A 356 0.88 -39.24 -7.68
CA LEU A 356 0.39 -38.20 -8.58
C LEU A 356 -1.13 -38.09 -8.50
N GLU A 357 -1.84 -39.20 -8.34
CA GLU A 357 -3.27 -39.14 -8.14
C GLU A 357 -3.60 -38.43 -6.83
N TRP A 358 -2.87 -38.78 -5.76
CA TRP A 358 -3.10 -38.14 -4.47
C TRP A 358 -2.76 -36.65 -4.53
N SER A 359 -1.74 -36.28 -5.31
CA SER A 359 -1.36 -34.88 -5.41
C SER A 359 -2.45 -34.05 -6.09
N LYS A 360 -3.06 -34.60 -7.14
CA LYS A 360 -4.17 -33.89 -7.79
C LYS A 360 -5.30 -33.61 -6.80
N PHE A 361 -5.63 -34.60 -5.98
CA PHE A 361 -6.71 -34.43 -5.00
C PHE A 361 -6.33 -33.42 -3.94
N VAL A 362 -5.12 -33.54 -3.38
CA VAL A 362 -4.71 -32.67 -2.28
C VAL A 362 -4.75 -31.21 -2.74
N TYR A 363 -4.11 -30.90 -3.86
CA TYR A 363 -4.00 -29.50 -4.29
C TYR A 363 -5.33 -28.93 -4.75
N ALA A 364 -6.21 -29.76 -5.31
CA ALA A 364 -7.53 -29.26 -5.70
C ALA A 364 -8.30 -28.76 -4.49
N LEU A 365 -8.23 -29.49 -3.38
CA LEU A 365 -8.97 -29.17 -2.17
C LEU A 365 -8.11 -28.49 -1.11
N LYS A 366 -6.81 -28.32 -1.37
CA LYS A 366 -5.93 -27.70 -0.38
C LYS A 366 -6.39 -26.28 -0.07
N LEU A 367 -6.15 -25.87 1.17
CA LEU A 367 -6.48 -24.53 1.64
C LEU A 367 -5.24 -23.89 2.24
N GLU A 368 -5.29 -22.57 2.40
CA GLU A 368 -4.16 -21.81 2.91
C GLU A 368 -4.63 -20.69 3.84
N PHE B 8 42.14 15.09 1.79
CA PHE B 8 42.06 14.85 0.35
C PHE B 8 42.25 13.36 0.07
N TRP B 9 41.63 12.88 -1.01
CA TRP B 9 41.67 11.46 -1.34
C TRP B 9 41.57 11.32 -2.85
N THR B 10 42.31 10.36 -3.41
CA THR B 10 42.28 10.11 -4.84
C THR B 10 42.36 8.62 -5.13
N PRO B 11 41.74 8.17 -6.23
CA PRO B 11 41.84 6.75 -6.61
C PRO B 11 43.02 6.46 -7.52
N LYS B 12 43.74 7.49 -7.97
CA LYS B 12 44.79 7.28 -8.97
C LYS B 12 45.86 6.33 -8.45
N ARG B 13 46.22 6.43 -7.17
CA ARG B 13 47.26 5.57 -6.62
C ARG B 13 46.85 4.10 -6.69
N LEU B 14 45.61 3.80 -6.32
CA LEU B 14 45.14 2.41 -6.36
C LEU B 14 45.03 1.91 -7.80
N LEU B 15 44.61 2.76 -8.73
CA LEU B 15 44.45 2.31 -10.11
C LEU B 15 45.78 1.94 -10.75
N GLU B 16 46.90 2.41 -10.20
CA GLU B 16 48.20 1.98 -10.70
C GLU B 16 48.47 0.52 -10.33
N THR B 17 48.00 0.08 -9.16
CA THR B 17 48.22 -1.31 -8.76
C THR B 17 47.46 -2.25 -9.67
N ASP B 18 47.95 -3.49 -9.75
CA ASP B 18 47.34 -4.48 -10.63
C ASP B 18 45.93 -4.85 -10.18
N ASP B 19 45.66 -4.84 -8.88
CA ASP B 19 44.37 -5.28 -8.38
C ASP B 19 43.23 -4.46 -8.99
N ARG B 20 42.12 -5.14 -9.26
CA ARG B 20 40.93 -4.52 -9.83
C ARG B 20 39.79 -4.34 -8.84
N ILE B 21 39.96 -4.79 -7.60
CA ILE B 21 38.95 -4.68 -6.56
C ILE B 21 39.52 -3.88 -5.42
N PHE B 22 38.81 -2.83 -5.00
CA PHE B 22 39.30 -1.99 -3.91
C PHE B 22 38.20 -1.81 -2.88
N LEU B 23 38.60 -1.79 -1.61
CA LEU B 23 37.72 -1.47 -0.49
C LEU B 23 38.33 -0.25 0.19
N VAL B 24 37.63 0.87 0.15
CA VAL B 24 38.10 2.12 0.72
C VAL B 24 37.17 2.44 1.89
N VAL B 25 37.71 2.47 3.10
CA VAL B 25 36.91 2.62 4.31
C VAL B 25 37.41 3.84 5.06
N GLY B 26 36.49 4.57 5.68
CA GLY B 26 36.83 5.76 6.42
C GLY B 26 36.84 7.00 5.54
N GLY B 27 37.39 8.07 6.10
CA GLY B 27 37.46 9.34 5.38
C GLY B 27 36.11 9.93 5.05
N ARG B 28 35.20 9.93 6.03
CA ARG B 28 33.87 10.48 5.81
C ARG B 28 33.96 11.97 5.48
N GLY B 29 33.15 12.41 4.52
CA GLY B 29 33.16 13.80 4.12
C GLY B 29 34.36 14.21 3.30
N VAL B 30 35.17 13.26 2.84
CA VAL B 30 36.33 13.55 2.01
C VAL B 30 36.00 13.41 0.53
N GLY B 31 34.73 13.16 0.20
CA GLY B 31 34.31 13.02 -1.18
C GLY B 31 34.99 11.90 -1.92
N LYS B 32 34.97 10.69 -1.33
CA LYS B 32 35.52 9.54 -2.04
C LYS B 32 34.72 9.27 -3.31
N THR B 33 33.40 9.35 -3.21
CA THR B 33 32.53 9.13 -4.37
C THR B 33 32.78 10.18 -5.45
N PHE B 34 32.94 11.44 -5.04
CA PHE B 34 33.27 12.52 -5.97
C PHE B 34 34.55 12.20 -6.72
N ASN B 35 35.61 11.82 -5.99
CA ASN B 35 36.90 11.58 -6.62
C ASN B 35 36.88 10.33 -7.52
N VAL B 36 36.19 9.26 -7.09
CA VAL B 36 36.14 8.07 -7.92
C VAL B 36 35.41 8.37 -9.23
N THR B 37 34.29 9.10 -9.14
CA THR B 37 33.55 9.46 -10.33
C THR B 37 34.34 10.44 -11.19
N GLY B 38 35.07 11.35 -10.55
CA GLY B 38 35.83 12.34 -11.31
C GLY B 38 36.97 11.73 -12.09
N GLU B 39 37.71 10.81 -11.47
CA GLU B 39 38.84 10.19 -12.16
C GLU B 39 38.35 9.37 -13.34
N ALA B 40 37.17 8.75 -13.21
CA ALA B 40 36.61 7.91 -14.27
C ALA B 40 36.16 8.73 -15.48
N LEU B 41 35.82 10.01 -15.28
CA LEU B 41 35.18 10.79 -16.33
C LEU B 41 35.87 10.65 -17.68
N ASP B 42 37.20 10.82 -17.71
CA ASP B 42 37.89 10.78 -18.99
C ASP B 42 37.60 9.49 -19.75
N ASP B 43 37.58 8.36 -19.03
CA ASP B 43 37.26 7.09 -19.66
C ASP B 43 35.80 7.06 -20.10
N LEU B 44 34.90 7.53 -19.25
CA LEU B 44 33.48 7.54 -19.58
C LEU B 44 33.19 8.45 -20.76
N PHE B 45 33.82 9.63 -20.80
CA PHE B 45 33.50 10.59 -21.85
C PHE B 45 34.07 10.15 -23.20
N PHE B 46 35.32 9.69 -23.22
CA PHE B 46 36.04 9.51 -24.47
C PHE B 46 36.54 8.09 -24.76
N ASN B 47 36.48 7.17 -23.80
CA ASN B 47 36.93 5.80 -24.07
C ASN B 47 35.75 4.87 -24.28
N ASN B 48 34.53 5.41 -24.40
CA ASN B 48 33.34 4.62 -24.73
C ASN B 48 33.08 3.53 -23.69
N VAL B 49 33.24 3.89 -22.40
CA VAL B 49 32.98 2.99 -21.28
C VAL B 49 31.98 3.65 -20.34
N SER B 50 31.18 2.83 -19.66
CA SER B 50 30.19 3.28 -18.69
C SER B 50 30.61 3.01 -17.24
N MSE B 51 29.73 3.42 -16.32
CA MSE B 51 29.92 3.23 -14.88
C MSE B 51 28.57 2.81 -14.28
O MSE B 51 27.52 3.15 -14.81
CB MSE B 51 30.43 4.52 -14.23
CG MSE B 51 30.48 4.55 -12.70
SE MSE B 51 30.87 6.40 -12.15
CE MSE B 51 30.82 6.27 -10.21
H MSE B 51 29.00 3.82 -16.52
HA MSE B 51 30.58 2.55 -14.69
HB2 MSE B 51 31.33 4.67 -14.55
HB3 MSE B 51 29.85 5.24 -14.51
HG2 MSE B 51 29.63 4.28 -12.33
HG3 MSE B 51 31.18 3.96 -12.37
HE1 MSE B 51 30.51 7.11 -9.84
HE2 MSE B 51 30.21 5.55 -9.95
HE3 MSE B 51 31.72 6.07 -9.89
N VAL B 52 28.60 2.07 -13.17
CA VAL B 52 27.40 1.71 -12.42
C VAL B 52 27.59 2.17 -10.99
N TYR B 53 26.61 2.94 -10.49
CA TYR B 53 26.60 3.39 -9.10
C TYR B 53 25.60 2.52 -8.34
N LEU B 54 26.09 1.82 -7.32
CA LEU B 54 25.29 0.82 -6.63
C LEU B 54 25.00 1.25 -5.19
N ARG B 55 23.79 0.93 -4.75
CA ARG B 55 23.34 1.20 -3.39
C ARG B 55 22.56 0.00 -2.90
N ARG B 56 22.57 -0.21 -1.58
CA ARG B 56 21.91 -1.38 -1.04
C ARG B 56 20.40 -1.33 -1.26
N LEU B 57 19.78 -0.19 -1.04
CA LEU B 57 18.33 -0.07 -1.04
C LEU B 57 17.85 0.93 -2.09
N GLY B 58 16.64 0.69 -2.58
CA GLY B 58 16.07 1.57 -3.59
C GLY B 58 15.92 2.99 -3.09
N VAL B 59 15.53 3.15 -1.82
CA VAL B 59 15.35 4.48 -1.25
C VAL B 59 16.63 5.30 -1.36
N GLU B 60 17.78 4.65 -1.20
CA GLU B 60 19.06 5.34 -1.32
C GLU B 60 19.22 5.98 -2.68
N ILE B 61 18.70 5.34 -3.72
CA ILE B 61 18.80 5.88 -5.08
C ILE B 61 17.62 6.76 -5.42
N ASP B 62 16.40 6.39 -5.01
CA ASP B 62 15.25 7.21 -5.35
C ASP B 62 15.39 8.63 -4.79
N GLU B 63 15.88 8.74 -3.56
CA GLU B 63 16.11 10.05 -2.95
C GLU B 63 17.40 10.69 -3.42
N LEU B 64 18.25 9.95 -4.13
CA LEU B 64 19.49 10.51 -4.64
C LEU B 64 19.20 11.53 -5.74
N GLU B 65 20.00 12.59 -5.78
CA GLU B 65 19.87 13.62 -6.80
C GLU B 65 20.79 13.24 -7.97
N LYS B 66 20.21 12.55 -8.95
CA LYS B 66 20.98 12.09 -10.10
C LYS B 66 21.53 13.27 -10.90
N ASN B 67 20.76 14.35 -11.01
CA ASN B 67 21.16 15.47 -11.86
C ASN B 67 22.49 16.04 -11.41
N ASN B 68 22.72 16.13 -10.09
CA ASN B 68 23.95 16.70 -9.56
C ASN B 68 25.00 15.64 -9.24
N PHE B 69 24.81 14.41 -9.71
CA PHE B 69 25.86 13.40 -9.53
C PHE B 69 27.16 13.86 -10.16
N ILE B 70 27.07 14.50 -11.33
CA ILE B 70 28.22 15.16 -11.96
C ILE B 70 27.98 16.66 -11.88
N THR B 71 28.96 17.38 -11.35
CA THR B 71 28.84 18.79 -11.05
C THR B 71 29.81 19.62 -11.87
N GLU B 72 29.47 20.91 -12.01
CA GLU B 72 30.36 21.84 -12.69
C GLU B 72 31.72 21.88 -12.02
N GLU B 73 31.73 22.00 -10.69
CA GLU B 73 33.00 22.00 -9.96
C GLU B 73 33.81 20.74 -10.26
N MSE B 74 33.15 19.60 -10.34
CA MSE B 74 33.82 18.34 -10.63
C MSE B 74 34.47 18.38 -12.01
O MSE B 74 35.61 17.95 -12.18
CB MSE B 74 32.82 17.18 -10.54
CG MSE B 74 33.31 15.87 -11.15
SE MSE B 74 32.21 14.38 -10.51
CE MSE B 74 32.18 13.28 -12.11
H MSE B 74 32.30 19.52 -10.22
HA MSE B 74 34.51 18.18 -9.97
HB2 MSE B 74 32.63 17.01 -9.61
HB3 MSE B 74 32.01 17.44 -11.01
HG2 MSE B 74 33.24 15.91 -12.11
HG3 MSE B 74 34.23 15.71 -10.89
HE1 MSE B 74 31.57 12.53 -11.97
HE2 MSE B 74 31.88 13.81 -12.86
HE3 MSE B 74 33.08 12.95 -12.29
N LEU B 75 33.72 18.90 -12.98
CA LEU B 75 34.29 19.10 -14.32
C LEU B 75 35.44 20.09 -14.28
N ARG B 76 35.32 21.13 -13.46
CA ARG B 76 36.39 22.13 -13.36
C ARG B 76 37.65 21.52 -12.76
N VAL B 77 37.50 20.73 -11.70
CA VAL B 77 38.67 20.19 -11.00
C VAL B 77 39.39 19.18 -11.89
N TYR B 78 38.66 18.24 -12.48
CA TYR B 78 39.32 17.16 -13.20
C TYR B 78 39.75 17.56 -14.62
N PHE B 79 39.02 18.46 -15.30
CA PHE B 79 39.45 18.91 -16.61
C PHE B 79 40.06 20.31 -16.61
N GLY B 80 39.96 21.04 -15.51
CA GLY B 80 40.62 22.33 -15.42
C GLY B 80 40.37 23.26 -16.59
N ASN B 81 41.46 23.80 -17.13
CA ASN B 81 41.36 24.80 -18.18
C ASN B 81 40.61 24.28 -19.40
N ARG B 82 40.75 22.99 -19.70
CA ARG B 82 40.09 22.42 -20.87
C ARG B 82 38.58 22.56 -20.79
N PHE B 83 38.04 22.76 -19.58
CA PHE B 83 36.60 22.90 -19.37
C PHE B 83 36.22 24.36 -19.56
N SER B 84 35.17 24.62 -20.35
CA SER B 84 34.76 25.98 -20.65
C SER B 84 33.34 26.01 -21.21
N ASP B 85 32.80 27.22 -21.28
CA ASP B 85 31.49 27.44 -21.86
C ASP B 85 30.40 26.63 -21.18
N PHE B 86 30.43 26.59 -19.86
CA PHE B 86 29.45 25.84 -19.10
C PHE B 86 28.12 26.60 -19.07
N ASN B 87 27.05 25.96 -19.51
CA ASN B 87 25.68 26.46 -19.42
C ASN B 87 24.81 25.25 -19.13
N ALA B 88 23.92 25.35 -18.15
CA ALA B 88 23.12 24.22 -17.73
C ALA B 88 21.68 24.64 -17.47
N ASP B 89 20.75 23.73 -17.80
CA ASP B 89 19.33 23.90 -17.57
C ASP B 89 18.90 22.86 -16.55
N GLU B 90 18.84 23.27 -15.27
CA GLU B 90 18.50 22.33 -14.21
C GLU B 90 17.07 21.81 -14.36
N SER B 91 16.15 22.64 -14.85
CA SER B 91 14.76 22.22 -14.98
C SER B 91 14.62 21.00 -15.88
N LYS B 92 15.44 20.92 -16.93
CA LYS B 92 15.41 19.80 -17.85
C LYS B 92 16.53 18.80 -17.58
N GLN B 93 17.28 18.99 -16.49
CA GLN B 93 18.34 18.07 -16.09
C GLN B 93 19.36 17.91 -17.21
N ILE B 94 19.72 19.02 -17.85
CA ILE B 94 20.65 19.03 -18.97
C ILE B 94 21.85 19.89 -18.60
N MSE B 95 23.05 19.38 -18.91
CA MSE B 95 24.29 20.11 -18.70
C MSE B 95 25.00 20.30 -20.03
O MSE B 95 25.23 19.33 -20.75
CB MSE B 95 25.18 19.37 -17.72
CG MSE B 95 25.10 19.90 -16.30
SE MSE B 95 26.21 18.85 -15.10
CE MSE B 95 26.65 20.24 -13.82
H MSE B 95 23.15 18.60 -19.26
HA MSE B 95 24.09 20.97 -18.31
HB2 MSE B 95 24.93 18.43 -17.70
HB3 MSE B 95 26.10 19.46 -18.01
HG2 MSE B 95 25.41 20.81 -16.28
HG3 MSE B 95 24.18 19.84 -15.99
HE1 MSE B 95 27.09 19.84 -13.05
HE2 MSE B 95 27.24 20.89 -14.24
HE3 MSE B 95 25.83 20.69 -13.53
N ARG B 96 25.35 21.54 -20.35
CA ARG B 96 26.04 21.86 -21.60
C ARG B 96 27.36 22.55 -21.28
N PHE B 97 28.43 22.05 -21.88
CA PHE B 97 29.77 22.57 -21.62
C PHE B 97 30.65 22.19 -22.78
N SER B 98 31.89 22.69 -22.75
CA SER B 98 32.86 22.43 -23.80
C SER B 98 34.14 21.91 -23.17
N ILE B 99 34.68 20.83 -23.72
CA ILE B 99 35.98 20.28 -23.32
C ILE B 99 36.84 20.21 -24.57
N ASP B 100 37.98 20.89 -24.54
CA ASP B 100 38.92 20.93 -25.65
C ASP B 100 38.32 21.57 -26.90
N GLY B 101 37.32 22.43 -26.72
CA GLY B 101 36.65 23.09 -27.82
C GLY B 101 35.48 22.35 -28.40
N ALA B 102 35.28 21.09 -28.03
CA ALA B 102 34.14 20.32 -28.50
C ALA B 102 32.91 20.64 -27.65
N ILE B 103 31.73 20.39 -28.23
CA ILE B 103 30.46 20.63 -27.56
C ILE B 103 29.94 19.30 -27.03
N HIS B 104 29.80 19.20 -25.71
CA HIS B 104 29.31 18.01 -25.03
C HIS B 104 28.11 18.40 -24.17
N GLU B 105 27.13 17.51 -24.09
CA GLU B 105 25.94 17.74 -23.27
C GLU B 105 25.66 16.51 -22.41
N ILE B 106 25.42 16.73 -21.13
CA ILE B 106 25.12 15.66 -20.17
C ILE B 106 23.65 15.77 -19.78
N LYS B 107 22.90 14.68 -19.98
CA LYS B 107 21.48 14.60 -19.66
C LYS B 107 21.23 13.52 -18.62
N ALA B 108 20.40 13.82 -17.62
CA ALA B 108 20.00 12.86 -16.60
C ALA B 108 18.55 12.48 -16.84
N ILE B 109 18.29 11.19 -17.09
CA ILE B 109 16.95 10.69 -17.37
C ILE B 109 16.68 9.49 -16.47
N ARG B 110 15.53 9.52 -15.79
CA ARG B 110 15.13 8.42 -14.90
C ARG B 110 16.31 8.04 -14.02
N ASN B 111 16.84 6.82 -14.16
CA ASN B 111 17.95 6.37 -13.31
C ASN B 111 19.25 6.23 -14.08
N LYS B 112 19.40 6.95 -15.20
CA LYS B 112 20.59 6.93 -16.03
C LYS B 112 21.08 8.35 -16.29
N ILE B 113 22.40 8.46 -16.56
CA ILE B 113 23.04 9.70 -16.98
C ILE B 113 23.66 9.49 -18.35
N PHE B 114 23.40 10.42 -19.28
CA PHE B 114 23.86 10.34 -20.66
C PHE B 114 24.82 11.47 -21.00
N PHE B 115 25.91 11.12 -21.68
CA PHE B 115 26.91 12.06 -22.19
C PHE B 115 26.91 11.94 -23.71
N ASP B 116 26.46 13.00 -24.40
CA ASP B 116 26.37 13.00 -25.86
C ASP B 116 25.50 11.84 -26.35
N ASP B 117 24.36 11.67 -25.69
CA ASP B 117 23.34 10.69 -26.05
C ASP B 117 23.81 9.26 -25.84
N ARG B 118 24.82 9.06 -25.00
CA ARG B 118 25.34 7.75 -24.64
C ARG B 118 25.38 7.63 -23.12
N CYS B 119 24.76 6.57 -22.61
CA CYS B 119 24.72 6.36 -21.16
C CYS B 119 26.12 6.12 -20.61
N ILE B 120 26.49 6.91 -19.60
CA ILE B 120 27.78 6.77 -18.95
C ILE B 120 27.66 6.36 -17.48
N VAL B 121 26.50 6.50 -16.85
CA VAL B 121 26.30 6.09 -15.46
C VAL B 121 24.99 5.32 -15.38
N TYR B 122 25.01 4.17 -14.71
CA TYR B 122 23.80 3.41 -14.41
C TYR B 122 23.63 3.41 -12.90
N PHE B 123 22.40 3.67 -12.44
CA PHE B 123 22.07 3.66 -11.02
C PHE B 123 21.27 2.39 -10.73
N ILE B 124 21.76 1.60 -9.77
CA ILE B 124 21.18 0.31 -9.41
C ILE B 124 21.09 0.15 -7.91
N ALA B 125 20.06 -0.59 -7.48
CA ALA B 125 19.87 -0.93 -6.07
C ALA B 125 19.95 -2.45 -5.96
N LEU B 126 20.74 -2.93 -4.99
CA LEU B 126 20.92 -4.37 -4.84
C LEU B 126 19.58 -5.05 -4.58
N SER B 127 18.64 -4.36 -3.93
CA SER B 127 17.31 -4.93 -3.73
C SER B 127 16.62 -5.21 -5.06
N ARG B 128 16.82 -4.35 -6.05
CA ARG B 128 16.22 -4.48 -7.36
C ARG B 128 17.14 -5.20 -8.35
N ALA B 129 18.24 -5.77 -7.88
CA ALA B 129 19.19 -6.41 -8.79
C ALA B 129 18.55 -7.55 -9.58
N GLY B 130 17.59 -8.26 -8.99
CA GLY B 130 17.03 -9.41 -9.68
C GLY B 130 16.43 -9.05 -11.03
N HIS B 131 15.70 -7.93 -11.11
CA HIS B 131 15.09 -7.51 -12.37
C HIS B 131 16.09 -6.99 -13.39
N VAL B 132 17.32 -6.66 -12.98
CA VAL B 132 18.28 -6.13 -13.94
C VAL B 132 19.07 -7.33 -14.45
N LYS B 133 18.40 -8.48 -14.61
CA LYS B 133 19.09 -9.65 -15.12
C LYS B 133 19.37 -9.51 -16.61
N SER B 134 18.65 -8.60 -17.28
CA SER B 134 18.94 -8.28 -18.67
C SER B 134 20.32 -7.64 -18.79
N ASN B 135 21.07 -8.08 -19.80
CA ASN B 135 22.44 -7.61 -20.01
C ASN B 135 22.43 -6.33 -20.84
N ASN B 136 22.01 -5.24 -20.19
CA ASN B 136 22.04 -3.91 -20.79
C ASN B 136 23.23 -3.10 -20.28
N TYR B 137 24.37 -3.77 -20.07
CA TYR B 137 25.56 -3.15 -19.49
C TYR B 137 26.82 -3.51 -20.27
N PRO B 138 26.85 -3.21 -21.59
CA PRO B 138 27.98 -3.69 -22.41
C PRO B 138 29.30 -3.05 -22.01
N ASP B 139 29.31 -1.72 -21.91
CA ASP B 139 30.53 -0.95 -21.81
C ASP B 139 30.90 -0.56 -20.38
N VAL B 140 30.22 -1.12 -19.38
CA VAL B 140 30.49 -0.70 -18.00
C VAL B 140 31.88 -1.15 -17.60
N LYS B 141 32.70 -0.19 -17.15
CA LYS B 141 34.06 -0.42 -16.68
C LYS B 141 34.25 -0.18 -15.19
N TYR B 142 33.35 0.56 -14.53
CA TYR B 142 33.49 0.88 -13.13
C TYR B 142 32.20 0.55 -12.39
N LEU B 143 32.32 -0.05 -11.20
CA LEU B 143 31.20 -0.27 -10.31
C LEU B 143 31.57 0.30 -8.94
N VAL B 144 30.77 1.25 -8.46
CA VAL B 144 31.02 1.93 -7.19
C VAL B 144 29.86 1.59 -6.27
N PHE B 145 30.17 0.90 -5.18
CA PHE B 145 29.21 0.49 -4.15
C PHE B 145 29.44 1.42 -2.97
N ASP B 146 28.70 2.52 -2.93
CA ASP B 146 28.88 3.51 -1.89
C ASP B 146 28.14 3.12 -0.62
N GLU B 147 28.70 3.52 0.52
CA GLU B 147 28.12 3.22 1.83
C GLU B 147 27.89 1.72 1.96
N VAL B 148 28.89 0.95 1.53
CA VAL B 148 28.74 -0.50 1.45
C VAL B 148 28.44 -1.10 2.82
N ILE B 149 29.02 -0.54 3.88
CA ILE B 149 28.81 -1.06 5.22
C ILE B 149 27.84 -0.16 5.98
N ILE B 150 26.83 -0.80 6.59
CA ILE B 150 25.81 -0.07 7.33
C ILE B 150 26.42 0.66 8.52
N ASP B 151 25.94 1.89 8.74
CA ASP B 151 26.31 2.70 9.89
C ASP B 151 25.17 2.60 10.91
N ARG B 152 25.45 1.96 12.05
CA ARG B 152 24.41 1.81 13.06
C ARG B 152 24.09 3.13 13.75
N SER B 153 25.08 3.99 13.91
CA SER B 153 24.85 5.28 14.55
C SER B 153 23.87 6.12 13.75
N ILE B 154 24.16 6.31 12.46
CA ILE B 154 23.31 7.14 11.62
C ILE B 154 21.96 6.47 11.40
N MSE B 155 21.97 5.17 11.12
CA MSE B 155 20.74 4.40 10.92
C MSE B 155 20.59 3.35 12.02
O MSE B 155 21.41 2.45 12.15
CB MSE B 155 20.75 3.73 9.55
CG MSE B 155 20.69 4.70 8.39
SE MSE B 155 20.77 3.82 6.64
CE MSE B 155 20.89 5.41 5.51
H MSE B 155 22.68 4.70 11.03
HA MSE B 155 19.98 5.00 10.95
HB2 MSE B 155 21.56 3.20 9.46
HB3 MSE B 155 19.97 3.15 9.48
HG2 MSE B 155 19.86 5.20 8.43
HG3 MSE B 155 21.44 5.32 8.44
HE1 MSE B 155 20.94 5.12 4.58
HE2 MSE B 155 20.11 5.96 5.64
HE3 MSE B 155 21.70 5.90 5.74
N PRO B 156 19.51 3.47 12.81
CA PRO B 156 19.36 2.56 13.96
C PRO B 156 19.07 1.12 13.56
N ASN B 157 18.17 0.92 12.60
CA ASN B 157 17.70 -0.41 12.21
C ASN B 157 17.70 -0.54 10.69
N ALA B 158 18.89 -0.64 10.11
CA ALA B 158 19.07 -0.99 8.71
C ALA B 158 19.62 -2.40 8.62
N ARG B 159 19.00 -3.24 7.79
CA ARG B 159 19.36 -4.64 7.69
C ARG B 159 19.95 -4.96 6.32
N TYR B 160 21.02 -5.75 6.31
CA TYR B 160 21.61 -6.24 5.08
C TYR B 160 20.63 -7.17 4.35
N ILE B 161 20.82 -7.30 3.04
CA ILE B 161 19.94 -8.14 2.25
C ILE B 161 20.24 -9.61 2.54
N ARG B 162 19.19 -10.44 2.47
CA ARG B 162 19.37 -11.87 2.69
C ARG B 162 20.31 -12.45 1.65
N ASN B 163 21.34 -13.16 2.11
CA ASN B 163 22.36 -13.71 1.22
C ASN B 163 22.90 -12.60 0.32
N GLU B 164 23.23 -11.47 0.94
CA GLU B 164 23.60 -10.27 0.19
C GLU B 164 24.76 -10.52 -0.76
N PHE B 165 25.81 -11.22 -0.29
CA PHE B 165 26.99 -11.37 -1.12
C PHE B 165 26.69 -12.17 -2.37
N THR B 166 25.84 -13.21 -2.25
CA THR B 166 25.45 -13.96 -3.44
C THR B 166 24.70 -13.07 -4.43
N VAL B 167 23.83 -12.20 -3.92
CA VAL B 167 23.14 -11.25 -4.80
C VAL B 167 24.13 -10.29 -5.42
N LEU B 168 25.12 -9.84 -4.65
CA LEU B 168 26.13 -8.94 -5.18
C LEU B 168 26.95 -9.62 -6.26
N LEU B 169 27.43 -10.83 -6.01
CA LEU B 169 28.25 -11.54 -6.99
C LEU B 169 27.49 -11.77 -8.29
N ASN B 170 26.18 -12.08 -8.19
CA ASN B 170 25.38 -12.24 -9.40
C ASN B 170 25.35 -10.96 -10.22
N LEU B 171 25.19 -9.81 -9.55
CA LEU B 171 25.17 -8.54 -10.27
C LEU B 171 26.52 -8.22 -10.88
N ILE B 172 27.62 -8.58 -10.21
CA ILE B 172 28.94 -8.39 -10.80
C ILE B 172 29.04 -9.18 -12.10
N GLU B 173 28.56 -10.42 -12.10
CA GLU B 173 28.61 -11.25 -13.30
C GLU B 173 27.71 -10.70 -14.40
N THR B 174 26.52 -10.23 -14.05
CA THR B 174 25.59 -9.74 -15.06
C THR B 174 26.16 -8.49 -15.75
N ILE B 175 26.68 -7.56 -14.95
CA ILE B 175 27.24 -6.31 -15.48
C ILE B 175 28.59 -6.52 -16.16
N LYS B 176 29.39 -7.49 -15.68
CA LYS B 176 30.73 -7.75 -16.21
C LYS B 176 30.73 -9.14 -16.85
N ARG B 177 30.83 -9.20 -18.17
CA ARG B 177 30.76 -10.46 -18.91
C ARG B 177 32.01 -10.61 -19.78
N LYS B 178 32.90 -11.53 -19.38
CA LYS B 178 34.13 -11.79 -20.11
C LYS B 178 34.87 -10.48 -20.45
N ARG B 179 34.78 -9.51 -19.52
CA ARG B 179 35.39 -8.20 -19.65
C ARG B 179 36.54 -8.10 -18.65
N GLU B 180 37.77 -8.27 -19.14
CA GLU B 180 38.94 -8.17 -18.26
C GLU B 180 39.03 -6.78 -17.63
N ASP B 181 38.80 -5.73 -18.43
CA ASP B 181 38.93 -4.36 -17.94
C ASP B 181 37.65 -3.97 -17.21
N PHE B 182 37.61 -4.28 -15.91
CA PHE B 182 36.48 -3.95 -15.04
C PHE B 182 37.03 -3.63 -13.66
N TYR B 183 36.37 -2.70 -12.96
CA TYR B 183 36.81 -2.25 -11.65
C TYR B 183 35.65 -2.19 -10.67
N LEU B 184 35.90 -2.55 -9.41
CA LEU B 184 34.92 -2.46 -8.33
C LEU B 184 35.49 -1.57 -7.24
N PHE B 185 34.72 -0.55 -6.85
CA PHE B 185 35.10 0.41 -5.80
C PHE B 185 34.07 0.40 -4.68
N MSE B 186 34.17 -0.56 -3.76
CA MSE B 186 33.35 -0.52 -2.55
C MSE B 186 33.85 0.63 -1.64
O MSE B 186 35.04 0.70 -1.34
CB MSE B 186 33.41 -1.84 -1.78
CG MSE B 186 32.73 -3.03 -2.45
SE MSE B 186 33.64 -4.68 -1.92
CE MSE B 186 32.27 -6.03 -2.26
H MSE B 186 34.69 -1.24 -3.82
HA MSE B 186 32.42 -0.38 -2.80
HB2 MSE B 186 34.35 -2.08 -1.67
HB3 MSE B 186 33.00 -1.71 -0.92
HG2 MSE B 186 31.80 -3.07 -2.16
HG3 MSE B 186 32.77 -2.94 -3.41
HE1 MSE B 186 32.61 -6.89 -1.99
HE2 MSE B 186 31.47 -5.80 -1.75
HE3 MSE B 186 32.06 -6.04 -3.21
N LEU B 187 32.94 1.50 -1.21
CA LEU B 187 33.27 2.64 -0.36
C LEU B 187 32.39 2.62 0.87
N SER B 188 33.01 2.71 2.05
CA SER B 188 32.29 2.66 3.32
C SER B 188 32.68 3.80 4.25
N ASN B 189 31.67 4.45 4.83
CA ASN B 189 31.94 5.48 5.84
C ASN B 189 32.35 4.85 7.17
N VAL B 190 31.85 3.67 7.48
CA VAL B 190 32.13 2.98 8.73
C VAL B 190 32.74 1.62 8.42
N GLY B 191 33.72 1.22 9.24
CA GLY B 191 34.33 -0.09 9.10
C GLY B 191 34.21 -0.93 10.35
N GLU B 192 33.54 -2.07 10.26
CA GLU B 192 33.37 -2.95 11.40
C GLU B 192 33.27 -4.38 10.91
N ASN B 193 33.46 -5.33 11.82
CA ASN B 193 33.34 -6.74 11.50
C ASN B 193 31.87 -7.17 11.64
N PHE B 194 31.61 -8.44 11.34
CA PHE B 194 30.29 -9.04 11.42
C PHE B 194 29.33 -8.50 10.36
N ASN B 195 29.84 -8.20 9.17
CA ASN B 195 28.98 -7.84 8.06
C ASN B 195 29.22 -8.79 6.88
N PRO B 196 28.19 -9.09 6.09
CA PRO B 196 28.37 -10.05 4.99
C PRO B 196 29.41 -9.60 3.98
N ILE B 197 29.54 -8.30 3.74
CA ILE B 197 30.51 -7.81 2.77
C ILE B 197 31.92 -8.23 3.21
N PHE B 198 32.24 -8.05 4.48
CA PHE B 198 33.54 -8.45 4.99
C PHE B 198 33.71 -9.97 4.91
N ALA B 199 32.63 -10.71 5.20
CA ALA B 199 32.73 -12.17 5.17
C ALA B 199 32.93 -12.66 3.74
N GLY B 200 32.17 -12.13 2.79
CA GLY B 200 32.35 -12.53 1.41
C GLY B 200 33.74 -12.22 0.90
N LEU B 201 34.26 -11.03 1.22
CA LEU B 201 35.61 -10.69 0.80
C LEU B 201 36.66 -11.57 1.48
N GLY B 202 36.41 -11.97 2.71
CA GLY B 202 37.40 -12.68 3.49
C GLY B 202 38.30 -11.79 4.31
N TYR B 203 37.93 -10.53 4.48
CA TYR B 203 38.76 -9.58 5.21
C TYR B 203 38.34 -9.48 6.66
N TYR B 204 39.30 -9.62 7.56
CA TYR B 204 39.11 -9.43 8.99
C TYR B 204 39.74 -8.09 9.38
N LEU B 205 38.92 -7.20 9.95
CA LEU B 205 39.38 -5.85 10.28
C LEU B 205 40.08 -5.86 11.63
N THR B 206 41.30 -5.34 11.65
CA THR B 206 42.12 -5.28 12.85
C THR B 206 42.74 -3.89 12.95
N HIS B 207 42.93 -3.43 14.19
CA HIS B 207 43.49 -2.10 14.41
C HIS B 207 44.88 -1.97 13.79
N GLU B 208 45.65 -3.06 13.77
CA GLU B 208 46.98 -3.01 13.19
C GLU B 208 46.90 -2.71 11.70
N ASP B 209 45.92 -3.29 11.00
CA ASP B 209 45.73 -3.00 9.58
C ASP B 209 45.37 -1.54 9.38
N ILE B 210 44.52 -0.98 10.25
CA ILE B 210 44.13 0.41 10.10
C ILE B 210 45.35 1.31 10.23
N LYS B 211 46.24 0.98 11.16
CA LYS B 211 47.47 1.75 11.33
C LYS B 211 48.31 1.71 10.06
N LYS B 212 48.39 0.55 9.42
CA LYS B 212 49.15 0.44 8.18
C LYS B 212 48.59 1.35 7.11
N GLY B 213 47.27 1.46 7.03
CA GLY B 213 46.60 2.32 6.08
C GLY B 213 46.40 1.72 4.70
N PHE B 214 47.14 0.66 4.37
CA PHE B 214 47.04 0.01 3.07
C PHE B 214 47.23 -1.48 3.28
N VAL B 215 46.38 -2.28 2.63
CA VAL B 215 46.43 -3.73 2.76
C VAL B 215 46.17 -4.36 1.39
N LYS B 216 47.05 -5.28 0.99
CA LYS B 216 46.95 -5.98 -0.28
C LYS B 216 46.70 -7.46 -0.04
N ARG B 217 45.77 -8.03 -0.80
CA ARG B 217 45.43 -9.44 -0.73
C ARG B 217 45.30 -10.01 -2.15
N GLU B 218 45.05 -11.31 -2.22
CA GLU B 218 45.11 -12.03 -3.50
C GLU B 218 44.08 -11.46 -4.49
N ASP B 219 42.82 -11.26 -4.06
CA ASP B 219 41.77 -10.88 -5.01
C ASP B 219 41.30 -9.44 -4.86
N TYR B 220 41.77 -8.72 -3.85
CA TYR B 220 41.28 -7.36 -3.62
C TYR B 220 42.32 -6.60 -2.80
N CYS B 221 42.14 -5.28 -2.77
CA CYS B 221 43.02 -4.36 -2.06
C CYS B 221 42.18 -3.52 -1.11
N VAL B 222 42.67 -3.33 0.11
CA VAL B 222 41.97 -2.59 1.14
C VAL B 222 42.78 -1.34 1.49
N GLN B 223 42.12 -0.19 1.49
CA GLN B 223 42.72 1.08 1.89
C GLN B 223 41.87 1.75 2.95
N PHE B 224 42.54 2.35 3.93
CA PHE B 224 41.88 3.10 5.00
C PHE B 224 42.26 4.56 4.85
N VAL B 225 41.24 5.42 4.87
CA VAL B 225 41.39 6.85 4.63
C VAL B 225 41.37 7.58 5.97
N GLU B 226 42.39 8.40 6.20
CA GLU B 226 42.44 9.19 7.42
C GLU B 226 41.57 10.43 7.21
N ASN B 227 40.65 10.67 8.13
CA ASN B 227 39.77 11.82 8.00
C ASN B 227 40.60 13.10 8.01
N LYS B 228 40.30 13.99 7.06
CA LYS B 228 41.07 15.22 6.93
C LYS B 228 40.97 16.05 8.18
N GLN B 229 42.11 16.54 8.67
CA GLN B 229 42.12 17.47 9.80
C GLN B 229 41.84 18.86 9.23
N GLU B 230 40.57 19.14 8.98
CA GLU B 230 40.19 20.45 8.47
C GLU B 230 39.78 21.28 9.68
N GLU B 231 40.18 22.53 9.66
CA GLU B 231 39.85 23.40 10.77
C GLU B 231 38.35 23.72 10.75
N LEU B 232 37.80 23.93 11.94
CA LEU B 232 36.40 24.30 12.11
C LEU B 232 36.34 25.80 12.36
N ASN B 233 35.65 26.53 11.49
CA ASN B 233 35.50 27.97 11.67
C ASN B 233 34.57 28.24 12.83
N MSE B 234 35.08 28.89 13.87
CA MSE B 234 34.28 29.14 15.07
C MSE B 234 33.54 30.49 14.98
O MSE B 234 32.66 30.76 15.80
CB MSE B 234 35.16 29.11 16.31
CG MSE B 234 35.82 27.76 16.55
SE MSE B 234 34.55 26.40 17.14
CE MSE B 234 35.25 24.88 16.14
H MSE B 234 35.88 29.20 13.91
HA MSE B 234 33.61 28.44 15.14
HB2 MSE B 234 35.87 29.77 16.22
HB3 MSE B 234 34.62 29.32 17.08
HG2 MSE B 234 36.23 27.46 15.72
HG3 MSE B 234 36.50 27.86 17.24
HE1 MSE B 234 34.63 24.14 16.21
HE2 MSE B 234 35.36 25.14 15.21
HE3 MSE B 234 36.11 24.63 16.51
N THR B 235 33.91 31.31 14.00
CA THR B 235 33.13 32.51 13.74
C THR B 235 31.75 32.17 13.19
N ASP B 236 31.65 31.08 12.42
CA ASP B 236 30.38 30.63 11.89
C ASP B 236 29.54 29.99 12.99
N PRO B 237 28.29 30.42 13.18
CA PRO B 237 27.48 29.79 14.26
C PRO B 237 27.17 28.33 14.00
N PHE B 238 26.93 27.96 12.75
CA PHE B 238 26.59 26.57 12.45
C PHE B 238 27.69 25.62 12.91
N VAL B 239 28.95 26.03 12.76
CA VAL B 239 30.05 25.20 13.23
C VAL B 239 30.02 25.10 14.75
N ARG B 240 29.77 26.22 15.43
CA ARG B 240 29.69 26.19 16.88
C ARG B 240 28.52 25.32 17.35
N LEU B 241 27.39 25.41 16.65
CA LEU B 241 26.23 24.60 17.04
C LEU B 241 26.55 23.12 16.92
N GLY B 242 27.23 22.71 15.86
CA GLY B 242 27.60 21.31 15.73
C GLY B 242 28.57 20.86 16.81
N ALA B 243 29.55 21.71 17.13
CA ALA B 243 30.51 21.36 18.16
C ALA B 243 29.83 21.18 19.51
N LYS B 244 28.81 21.97 19.80
CA LYS B 244 28.12 21.83 21.08
C LYS B 244 27.40 20.50 21.20
N ASN B 245 26.90 19.96 20.09
CA ASN B 245 26.26 18.65 20.10
C ASN B 245 27.32 17.58 19.99
N ARG B 246 27.57 16.85 21.08
CA ARG B 246 28.65 15.87 21.08
C ARG B 246 28.34 14.70 20.15
N ASP B 247 27.08 14.25 20.12
CA ASP B 247 26.74 13.08 19.30
C ASP B 247 27.07 13.34 17.82
N PHE B 248 26.69 14.51 17.31
CA PHE B 248 26.99 14.84 15.92
C PHE B 248 28.50 14.96 15.69
N SER B 249 29.20 15.63 16.61
CA SER B 249 30.63 15.82 16.44
C SER B 249 31.38 14.49 16.45
N ASN B 250 31.01 13.60 17.37
CA ASN B 250 31.65 12.30 17.41
C ASN B 250 31.42 11.52 16.13
N SER B 251 30.26 11.71 15.50
CA SER B 251 29.97 10.95 14.29
C SER B 251 31.06 11.15 13.26
N LYS B 252 31.57 12.38 13.13
CA LYS B 252 32.56 12.66 12.08
C LYS B 252 33.77 11.73 12.18
N THR B 253 34.21 11.42 13.40
CA THR B 253 35.37 10.57 13.60
C THR B 253 35.01 9.17 14.09
N ASN B 254 33.76 8.74 13.89
CA ASN B 254 33.28 7.46 14.40
C ASN B 254 33.49 6.30 13.43
N ALA B 255 34.32 6.47 12.40
CA ALA B 255 34.51 5.41 11.41
C ALA B 255 35.02 4.14 12.06
N PHE B 256 35.95 4.25 13.01
CA PHE B 256 36.54 3.10 13.68
C PHE B 256 36.23 3.10 15.18
N GLU B 257 35.09 3.69 15.55
CA GLU B 257 34.72 3.73 16.96
C GLU B 257 34.65 2.33 17.55
N ASN B 258 33.99 1.41 16.85
CA ASN B 258 33.92 0.01 17.29
C ASN B 258 34.09 -0.88 16.06
N ILE B 259 35.12 -1.74 16.08
CA ILE B 259 35.39 -2.65 14.98
C ILE B 259 34.86 -4.06 15.25
N ARG B 260 34.14 -4.25 16.34
CA ARG B 260 33.47 -5.52 16.62
C ARG B 260 34.45 -6.70 16.61
N THR B 261 35.52 -6.57 17.37
CA THR B 261 36.51 -7.65 17.45
C THR B 261 35.89 -8.86 18.15
N PRO B 262 36.08 -10.07 17.63
CA PRO B 262 35.51 -11.25 18.28
C PRO B 262 36.46 -11.92 19.27
N TYR B 263 35.87 -12.74 20.13
CA TYR B 263 36.62 -13.49 21.13
C TYR B 263 37.26 -14.73 20.54
N PHE B 264 38.49 -15.01 20.97
CA PHE B 264 39.26 -16.14 20.46
C PHE B 264 39.77 -16.99 21.61
N LYS B 265 39.54 -18.29 21.53
CA LYS B 265 40.01 -19.25 22.53
C LYS B 265 40.04 -20.63 21.86
N HIS B 266 40.86 -21.52 22.41
CA HIS B 266 41.03 -22.87 21.87
C HIS B 266 40.52 -23.89 22.87
N TYR B 267 39.73 -24.86 22.39
CA TYR B 267 39.17 -25.93 23.20
C TYR B 267 39.58 -27.26 22.58
N GLY B 268 40.23 -28.11 23.38
CA GLY B 268 40.74 -29.37 22.84
C GLY B 268 39.65 -30.38 22.55
N LYS B 269 38.62 -30.43 23.39
CA LYS B 269 37.63 -31.50 23.29
C LYS B 269 36.92 -31.46 21.93
N LYS B 270 36.40 -32.63 21.54
CA LYS B 270 35.74 -32.77 20.25
C LYS B 270 34.39 -32.06 20.26
N PRO B 271 33.92 -31.61 19.09
CA PRO B 271 32.69 -30.82 19.04
C PRO B 271 31.44 -31.66 19.24
N LYS B 272 30.37 -30.98 19.65
CA LYS B 272 29.08 -31.64 19.86
C LYS B 272 28.46 -32.03 18.54
N LEU B 273 28.51 -31.16 17.54
CA LEU B 273 27.89 -31.43 16.25
C LEU B 273 28.74 -30.85 15.14
N LEU B 274 28.54 -31.37 13.93
CA LEU B 274 29.28 -30.95 12.75
C LEU B 274 28.32 -30.69 11.59
N VAL B 275 28.64 -29.69 10.78
CA VAL B 275 27.92 -29.42 9.54
C VAL B 275 28.94 -29.31 8.42
N LYS B 276 28.68 -30.03 7.31
CA LYS B 276 29.61 -30.06 6.19
C LYS B 276 29.28 -28.91 5.23
N TYR B 277 30.22 -27.97 5.11
CA TYR B 277 30.04 -26.81 4.23
C TYR B 277 31.35 -26.50 3.53
N ASP B 278 31.29 -26.38 2.21
CA ASP B 278 32.41 -25.90 1.39
C ASP B 278 33.67 -26.71 1.63
N ARG B 279 33.56 -28.03 1.42
CA ARG B 279 34.69 -28.95 1.50
C ARG B 279 35.29 -29.01 2.90
N GLN B 280 34.51 -28.67 3.92
CA GLN B 280 35.00 -28.67 5.29
C GLN B 280 33.85 -29.04 6.21
N TYR B 281 34.18 -29.23 7.49
CA TYR B 281 33.20 -29.52 8.52
C TYR B 281 33.31 -28.45 9.61
N LEU B 282 32.19 -27.80 9.91
CA LEU B 282 32.13 -26.80 10.95
C LEU B 282 31.56 -27.43 12.20
N GLY B 283 32.22 -27.21 13.33
CA GLY B 283 31.82 -27.83 14.58
C GLY B 283 31.62 -26.81 15.68
N ILE B 284 30.67 -27.11 16.56
CA ILE B 284 30.40 -26.30 17.75
C ILE B 284 30.71 -27.15 18.97
N ALA B 285 31.54 -26.62 19.86
CA ALA B 285 31.97 -27.31 21.06
C ALA B 285 31.44 -26.60 22.30
N GLU B 286 30.89 -27.37 23.23
CA GLU B 286 30.35 -26.87 24.48
C GLU B 286 31.24 -27.34 25.63
N ARG B 287 31.69 -26.41 26.46
CA ARG B 287 32.55 -26.69 27.59
C ARG B 287 31.78 -26.39 28.87
N LYS B 288 31.68 -27.37 29.77
CA LYS B 288 30.93 -27.18 31.00
C LYS B 288 31.70 -26.28 31.97
N ILE B 289 31.06 -25.21 32.41
CA ILE B 289 31.63 -24.31 33.43
C ILE B 289 30.55 -24.11 34.49
N PRO B 290 30.94 -23.72 35.71
CA PRO B 290 29.92 -23.64 36.77
C PRO B 290 28.78 -22.69 36.44
N SER B 291 29.08 -21.53 35.84
CA SER B 291 28.03 -20.58 35.51
C SER B 291 27.07 -21.14 34.48
N GLY B 292 27.58 -21.88 33.50
CA GLY B 292 26.75 -22.40 32.43
C GLY B 292 27.55 -23.22 31.43
N LEU B 293 27.66 -22.72 30.22
CA LEU B 293 28.39 -23.37 29.13
C LEU B 293 29.26 -22.35 28.42
N GLU B 294 30.40 -22.82 27.93
CA GLU B 294 31.33 -21.99 27.16
C GLU B 294 31.38 -22.56 25.77
N TYR B 295 31.05 -21.74 24.77
CA TYR B 295 30.89 -22.20 23.40
C TYR B 295 32.16 -21.89 22.61
N TYR B 296 32.59 -22.88 21.82
CA TYR B 296 33.74 -22.74 20.94
C TYR B 296 33.34 -23.17 19.53
N TYR B 297 33.65 -22.33 18.55
CA TYR B 297 33.34 -22.58 17.15
C TYR B 297 34.63 -22.97 16.43
N GLN B 298 34.64 -24.17 15.84
CA GLN B 298 35.85 -24.72 15.26
C GLN B 298 35.58 -25.20 13.84
N VAL B 299 36.68 -25.38 13.09
CA VAL B 299 36.65 -25.88 11.73
C VAL B 299 37.61 -27.06 11.64
N TYR B 300 37.14 -28.17 11.07
CA TYR B 300 37.95 -29.38 10.91
C TYR B 300 38.08 -29.70 9.42
N LYS B 301 39.31 -29.84 8.95
CA LYS B 301 39.55 -30.12 7.54
C LYS B 301 39.09 -31.53 7.17
N THR B 302 39.29 -32.50 8.06
CA THR B 302 38.92 -33.88 7.79
C THR B 302 38.24 -34.47 9.02
N LEU B 303 37.44 -35.50 8.77
CA LEU B 303 36.72 -36.19 9.84
C LEU B 303 37.64 -37.25 10.47
N ASP B 304 38.63 -36.74 11.20
CA ASP B 304 39.61 -37.56 11.90
C ASP B 304 39.34 -37.48 13.40
N GLY B 305 39.08 -38.65 14.01
CA GLY B 305 38.74 -38.67 15.42
C GLY B 305 37.32 -38.27 15.71
N LEU B 306 36.48 -38.12 14.70
CA LEU B 306 35.10 -37.70 14.83
C LEU B 306 34.17 -38.74 14.22
N GLU B 307 34.50 -40.01 14.46
CA GLU B 307 33.83 -41.11 13.75
C GLU B 307 32.34 -41.13 14.02
N ASN B 308 31.93 -40.99 15.28
CA ASN B 308 30.54 -41.16 15.67
C ASN B 308 29.79 -39.84 15.84
N ILE B 309 30.44 -38.70 15.61
CA ILE B 309 29.74 -37.43 15.72
C ILE B 309 28.84 -37.26 14.51
N THR B 310 27.59 -36.86 14.76
CA THR B 310 26.64 -36.70 13.67
C THR B 310 27.05 -35.53 12.78
N VAL B 311 26.83 -35.67 11.49
CA VAL B 311 27.17 -34.64 10.51
C VAL B 311 25.88 -34.23 9.81
N PHE B 312 25.64 -32.92 9.75
CA PHE B 312 24.47 -32.36 9.09
C PHE B 312 24.92 -31.67 7.81
N ASN B 313 24.20 -31.95 6.73
CA ASN B 313 24.55 -31.44 5.42
C ASN B 313 23.45 -30.53 4.91
N ASN B 314 23.79 -29.29 4.61
CA ASN B 314 22.81 -28.35 4.06
C ASN B 314 22.43 -28.74 2.64
N ASN B 315 23.40 -29.23 1.86
CA ASN B 315 23.20 -29.50 0.44
C ASN B 315 22.88 -30.98 0.25
N PHE B 316 21.70 -31.24 -0.32
CA PHE B 316 21.30 -32.62 -0.62
C PHE B 316 22.18 -33.26 -1.69
N ASP B 317 22.65 -32.47 -2.65
CA ASP B 317 23.40 -33.03 -3.78
C ASP B 317 24.67 -33.73 -3.32
N THR B 318 25.39 -33.13 -2.38
CA THR B 318 26.63 -33.70 -1.88
C THR B 318 26.41 -34.61 -0.67
N LEU B 319 25.15 -34.87 -0.32
CA LEU B 319 24.87 -35.76 0.80
C LEU B 319 25.38 -37.17 0.57
N MSE B 320 25.96 -37.76 1.62
CA MSE B 320 26.47 -39.14 1.52
C MSE B 320 26.64 -39.82 2.87
O MSE B 320 26.67 -39.18 3.92
CB MSE B 320 27.83 -39.11 0.79
CG MSE B 320 28.97 -38.50 1.60
SE MSE B 320 30.54 -38.13 0.50
CE MSE B 320 31.71 -37.42 1.89
H MSE B 320 26.07 -37.40 2.38
HA MSE B 320 25.81 -39.65 1.02
HB2 MSE B 320 28.09 -40.02 0.58
HB3 MSE B 320 27.73 -38.59 -0.02
HG2 MSE B 320 28.66 -37.66 1.98
HG3 MSE B 320 29.23 -39.11 2.30
HE1 MSE B 320 32.56 -37.17 1.50
HE2 MSE B 320 31.28 -36.64 2.30
HE3 MSE B 320 31.84 -38.10 2.57
N GLU B 321 26.72 -41.15 2.83
CA GLU B 321 27.06 -41.99 3.99
C GLU B 321 25.98 -41.79 5.05
N ASP B 322 26.33 -41.54 6.32
CA ASP B 322 25.39 -41.53 7.44
C ASP B 322 24.94 -40.12 7.82
N GLU B 323 25.30 -39.11 7.04
CA GLU B 323 24.91 -37.74 7.34
C GLU B 323 23.39 -37.58 7.24
N VAL B 324 22.85 -36.72 8.11
CA VAL B 324 21.42 -36.43 8.15
C VAL B 324 21.15 -35.17 7.34
N PHE B 325 20.20 -35.23 6.40
CA PHE B 325 19.87 -34.03 5.64
C PHE B 325 19.21 -33.00 6.55
N LEU B 326 19.74 -31.79 6.56
CA LEU B 326 19.17 -30.68 7.32
C LEU B 326 18.45 -29.76 6.35
N GLU B 327 17.13 -29.64 6.49
CA GLU B 327 16.38 -28.75 5.62
C GLU B 327 16.30 -27.36 6.23
N GLU B 328 15.90 -26.40 5.40
CA GLU B 328 15.94 -25.00 5.82
C GLU B 328 15.12 -24.77 7.08
N THR B 329 13.93 -25.40 7.17
CA THR B 329 13.12 -25.27 8.37
C THR B 329 13.76 -26.00 9.54
N GLN B 330 14.27 -27.21 9.32
CA GLN B 330 14.92 -27.95 10.41
C GLN B 330 16.19 -27.25 10.86
N LEU B 331 16.92 -26.66 9.90
CA LEU B 331 18.17 -25.97 10.21
C LEU B 331 17.92 -24.73 11.07
N LYS B 332 16.85 -23.99 10.77
CA LYS B 332 16.49 -22.84 11.59
C LYS B 332 16.12 -23.27 13.00
N LYS B 333 15.52 -24.44 13.16
CA LYS B 333 15.06 -24.86 14.47
C LYS B 333 16.23 -25.03 15.45
N LYS B 334 17.35 -25.59 14.99
CA LYS B 334 18.45 -25.93 15.88
C LYS B 334 19.59 -24.91 15.85
N PHE B 335 19.98 -24.40 14.68
CA PHE B 335 21.13 -23.50 14.60
C PHE B 335 20.75 -22.04 14.85
N LYS B 336 19.47 -21.75 15.07
CA LYS B 336 19.07 -20.37 15.33
C LYS B 336 19.71 -19.85 16.61
N THR B 337 19.66 -20.64 17.69
CA THR B 337 20.29 -20.21 18.93
C THR B 337 21.80 -20.09 18.73
N TYR B 338 22.41 -21.04 18.02
CA TYR B 338 23.84 -20.96 17.75
C TYR B 338 24.15 -19.74 16.90
N PHE B 339 23.30 -19.46 15.91
CA PHE B 339 23.48 -18.26 15.09
C PHE B 339 23.36 -16.99 15.93
N GLU B 340 22.41 -16.96 16.87
CA GLU B 340 22.29 -15.81 17.74
C GLU B 340 23.56 -15.64 18.58
N LEU B 341 24.09 -16.75 19.08
CA LEU B 341 25.34 -16.69 19.83
C LEU B 341 26.48 -16.15 18.96
N PHE B 342 26.47 -16.49 17.67
CA PHE B 342 27.52 -15.97 16.79
C PHE B 342 27.34 -14.48 16.53
N GLN B 343 26.10 -14.04 16.26
CA GLN B 343 25.86 -12.63 15.95
C GLN B 343 26.28 -11.74 17.11
N GLN B 344 25.89 -12.12 18.33
CA GLN B 344 26.42 -11.46 19.51
C GLN B 344 27.79 -12.04 19.82
N ASN B 345 28.65 -11.23 20.42
CA ASN B 345 30.02 -11.65 20.68
C ASN B 345 30.05 -12.55 21.93
N MSE B 346 29.38 -13.69 21.80
CA MSE B 346 29.17 -14.58 22.92
C MSE B 346 29.85 -15.94 22.80
O MSE B 346 29.63 -16.84 23.62
CB MSE B 346 27.66 -14.81 23.15
CG MSE B 346 26.91 -13.63 23.71
SE MSE B 346 25.01 -14.02 23.92
CE MSE B 346 24.57 -12.61 25.21
H MSE B 346 29.02 -13.97 21.06
HA MSE B 346 29.56 -14.14 23.70
HB2 MSE B 346 27.26 -15.04 22.28
HB3 MSE B 346 27.55 -15.55 23.75
HG2 MSE B 346 27.27 -13.41 24.59
HG3 MSE B 346 27.01 -12.88 23.11
HE1 MSE B 346 23.62 -12.67 25.41
HE2 MSE B 346 25.09 -12.75 26.02
HE3 MSE B 346 24.78 -11.75 24.82
N VAL B 347 30.68 -16.11 21.78
CA VAL B 347 31.35 -17.38 21.54
C VAL B 347 32.82 -17.14 21.25
N TYR B 348 33.62 -18.18 21.49
CA TYR B 348 35.06 -18.16 21.25
C TYR B 348 35.35 -18.76 19.89
N HIS B 349 36.16 -18.08 19.09
CA HIS B 349 36.55 -18.55 17.78
C HIS B 349 38.01 -18.99 17.79
N GLU B 350 38.29 -20.13 17.15
CA GLU B 350 39.63 -20.70 17.20
C GLU B 350 40.67 -19.73 16.64
N SER B 351 40.38 -19.08 15.52
CA SER B 351 41.30 -18.14 14.93
C SER B 351 40.53 -17.24 13.98
N PRO B 352 41.12 -16.13 13.54
CA PRO B 352 40.42 -15.27 12.56
C PRO B 352 40.09 -15.99 11.27
N GLU B 353 40.94 -16.92 10.82
CA GLU B 353 40.64 -17.68 9.62
C GLU B 353 39.36 -18.50 9.81
N THR B 354 39.24 -19.18 10.95
CA THR B 354 38.03 -19.94 11.23
C THR B 354 36.81 -19.03 11.37
N PHE B 355 37.00 -17.86 11.98
CA PHE B 355 35.88 -16.94 12.16
C PHE B 355 35.27 -16.55 10.82
N LEU B 356 36.11 -16.34 9.80
CA LEU B 356 35.60 -15.94 8.49
C LEU B 356 34.84 -17.07 7.82
N GLU B 357 35.30 -18.32 7.98
CA GLU B 357 34.57 -19.45 7.42
C GLU B 357 33.19 -19.56 8.06
N TRP B 358 33.12 -19.40 9.38
CA TRP B 358 31.83 -19.45 10.06
C TRP B 358 30.93 -18.29 9.63
N SER B 359 31.52 -17.13 9.35
CA SER B 359 30.70 -15.98 8.97
C SER B 359 30.04 -16.21 7.62
N LYS B 360 30.77 -16.79 6.67
CA LYS B 360 30.19 -17.11 5.37
C LYS B 360 28.99 -18.02 5.52
N PHE B 361 29.11 -19.05 6.37
CA PHE B 361 28.02 -20.00 6.56
C PHE B 361 26.82 -19.33 7.19
N VAL B 362 27.04 -18.54 8.25
CA VAL B 362 25.93 -17.90 8.94
C VAL B 362 25.17 -16.98 7.99
N TYR B 363 25.90 -16.08 7.32
CA TYR B 363 25.25 -15.08 6.48
C TYR B 363 24.63 -15.69 5.24
N ALA B 364 25.23 -16.75 4.70
CA ALA B 364 24.65 -17.43 3.54
C ALA B 364 23.30 -18.03 3.89
N LEU B 365 23.19 -18.62 5.08
CA LEU B 365 22.00 -19.33 5.52
C LEU B 365 21.11 -18.54 6.47
N LYS B 366 21.52 -17.33 6.85
CA LYS B 366 20.73 -16.55 7.80
C LYS B 366 19.34 -16.25 7.22
N LEU B 367 18.36 -16.19 8.11
CA LEU B 367 16.99 -15.88 7.73
C LEU B 367 16.46 -14.70 8.55
N GLU C 7 0.47 38.59 9.34
CA GLU C 7 0.33 39.90 8.73
C GLU C 7 1.50 40.81 9.10
N PHE C 8 1.67 41.05 10.40
CA PHE C 8 2.69 42.00 10.83
C PHE C 8 4.06 41.35 10.95
N TRP C 9 4.14 40.09 11.36
CA TRP C 9 5.43 39.45 11.51
C TRP C 9 6.12 39.33 10.14
N THR C 10 7.41 39.66 10.12
CA THR C 10 8.25 39.58 8.93
C THR C 10 9.65 39.21 9.41
N PRO C 11 10.44 38.53 8.60
CA PRO C 11 11.80 38.17 9.03
C PRO C 11 12.83 39.25 8.75
N LYS C 12 12.39 40.48 8.45
CA LYS C 12 13.31 41.56 8.19
C LYS C 12 14.07 41.94 9.45
N ARG C 13 13.39 42.01 10.59
CA ARG C 13 14.06 42.37 11.84
C ARG C 13 15.12 41.35 12.21
N LEU C 14 14.81 40.06 12.06
CA LEU C 14 15.76 39.02 12.44
C LEU C 14 16.98 39.05 11.53
N LEU C 15 16.78 39.33 10.23
CA LEU C 15 17.88 39.33 9.29
C LEU C 15 18.87 40.45 9.58
N GLU C 16 18.38 41.55 10.15
CA GLU C 16 19.27 42.65 10.53
C GLU C 16 20.28 42.20 11.59
N THR C 17 19.85 41.32 12.49
CA THR C 17 20.76 40.82 13.52
C THR C 17 21.86 39.97 12.89
N ASP C 18 22.99 39.89 13.58
CA ASP C 18 24.13 39.14 13.06
C ASP C 18 23.85 37.65 12.97
N ASP C 19 23.03 37.12 13.89
CA ASP C 19 22.81 35.68 13.94
C ASP C 19 22.24 35.16 12.63
N ARG C 20 22.67 33.96 12.25
CA ARG C 20 22.20 33.30 11.04
C ARG C 20 21.22 32.16 11.32
N ILE C 21 20.95 31.87 12.59
CA ILE C 21 20.03 30.81 12.98
C ILE C 21 18.91 31.45 13.79
N PHE C 22 17.67 31.19 13.41
CA PHE C 22 16.51 31.77 14.08
C PHE C 22 15.49 30.69 14.40
N LEU C 23 14.84 30.86 15.55
CA LEU C 23 13.72 30.01 15.98
C LEU C 23 12.52 30.91 16.20
N VAL C 24 11.45 30.68 15.43
CA VAL C 24 10.23 31.48 15.51
C VAL C 24 9.11 30.61 16.03
N VAL C 25 8.55 30.98 17.18
CA VAL C 25 7.51 30.22 17.85
C VAL C 25 6.29 31.10 18.03
N GLY C 26 5.12 30.51 17.91
CA GLY C 26 3.88 31.24 18.05
C GLY C 26 3.43 31.85 16.75
N GLY C 27 2.43 32.72 16.87
CA GLY C 27 1.91 33.38 15.68
C GLY C 27 1.35 32.41 14.67
N ARG C 28 0.61 31.40 15.12
CA ARG C 28 -0.01 30.46 14.21
C ARG C 28 -1.01 31.16 13.31
N GLY C 29 -1.01 30.80 12.04
CA GLY C 29 -1.87 31.44 11.07
C GLY C 29 -1.43 32.82 10.65
N VAL C 30 -0.21 33.22 10.98
CA VAL C 30 0.32 34.54 10.62
C VAL C 30 1.12 34.45 9.32
N GLY C 31 1.10 33.29 8.67
CA GLY C 31 1.83 33.11 7.42
C GLY C 31 3.33 33.31 7.58
N LYS C 32 3.91 32.64 8.57
CA LYS C 32 5.35 32.70 8.76
C LYS C 32 6.09 32.13 7.55
N THR C 33 5.64 30.97 7.06
CA THR C 33 6.26 30.38 5.88
C THR C 33 6.10 31.29 4.67
N PHE C 34 4.91 31.88 4.50
CA PHE C 34 4.66 32.76 3.37
C PHE C 34 5.62 33.94 3.35
N ASN C 35 5.73 34.64 4.48
CA ASN C 35 6.58 35.83 4.54
C ASN C 35 8.06 35.50 4.41
N VAL C 36 8.50 34.38 5.02
CA VAL C 36 9.89 34.00 4.93
C VAL C 36 10.27 33.72 3.48
N THR C 37 9.39 33.05 2.73
CA THR C 37 9.65 32.74 1.34
C THR C 37 9.67 34.00 0.48
N GLY C 38 8.81 34.97 0.80
CA GLY C 38 8.72 36.17 -0.01
C GLY C 38 9.96 37.05 0.09
N GLU C 39 10.49 37.21 1.31
CA GLU C 39 11.68 38.03 1.49
C GLU C 39 12.87 37.42 0.78
N ALA C 40 12.95 36.10 0.72
CA ALA C 40 14.06 35.43 0.06
C ALA C 40 14.00 35.60 -1.45
N LEU C 41 12.82 35.79 -2.02
CA LEU C 41 12.65 35.76 -3.46
C LEU C 41 13.70 36.58 -4.20
N ASP C 42 13.95 37.81 -3.72
CA ASP C 42 14.90 38.66 -4.42
C ASP C 42 16.25 37.95 -4.58
N ASP C 43 16.67 37.22 -3.55
CA ASP C 43 17.91 36.46 -3.65
C ASP C 43 17.77 35.27 -4.58
N LEU C 44 16.67 34.52 -4.47
CA LEU C 44 16.53 33.32 -5.29
C LEU C 44 16.40 33.71 -6.77
N PHE C 45 15.67 34.77 -7.06
CA PHE C 45 15.44 35.14 -8.46
C PHE C 45 16.71 35.70 -9.11
N PHE C 46 17.44 36.56 -8.41
CA PHE C 46 18.52 37.30 -9.04
C PHE C 46 19.89 37.15 -8.41
N ASN C 47 20.00 36.51 -7.24
CA ASN C 47 21.29 36.34 -6.58
C ASN C 47 21.85 34.92 -6.73
N ASN C 48 21.23 34.09 -7.56
CA ASN C 48 21.77 32.77 -7.89
C ASN C 48 21.93 31.89 -6.65
N VAL C 49 20.97 31.96 -5.74
CA VAL C 49 20.99 31.14 -4.54
C VAL C 49 19.69 30.36 -4.47
N SER C 50 19.79 29.11 -4.02
CA SER C 50 18.64 28.22 -3.92
C SER C 50 18.12 28.21 -2.50
N MSE C 51 16.97 27.56 -2.31
CA MSE C 51 16.36 27.42 -1.00
C MSE C 51 15.96 25.97 -0.79
O MSE C 51 15.70 25.25 -1.75
CB MSE C 51 15.13 28.33 -0.87
CG MSE C 51 14.41 28.24 0.46
SE MSE C 51 12.59 28.95 0.33
CE MSE C 51 12.28 29.43 2.19
H MSE C 51 16.52 27.20 -2.95
HA MSE C 51 16.97 27.71 -0.31
HB2 MSE C 51 15.41 29.25 -0.99
HB3 MSE C 51 14.49 28.08 -1.56
HG2 MSE C 51 14.35 27.30 0.74
HG3 MSE C 51 14.89 28.75 1.13
HE1 MSE C 51 11.56 30.08 2.22
HE2 MSE C 51 12.03 28.64 2.68
HE3 MSE C 51 13.10 29.81 2.55
N VAL C 52 15.94 25.53 0.46
CA VAL C 52 15.48 24.19 0.81
C VAL C 52 14.35 24.32 1.83
N TYR C 53 13.23 23.70 1.53
CA TYR C 53 12.09 23.64 2.44
C TYR C 53 12.09 22.26 3.10
N LEU C 54 12.17 22.24 4.43
CA LEU C 54 12.35 20.99 5.16
C LEU C 54 11.11 20.69 5.98
N ARG C 55 10.78 19.40 6.06
CA ARG C 55 9.67 18.91 6.85
C ARG C 55 10.11 17.62 7.52
N ARG C 56 9.52 17.34 8.68
CA ARG C 56 9.94 16.17 9.44
C ARG C 56 9.63 14.88 8.69
N LEU C 57 8.44 14.78 8.10
CA LEU C 57 7.96 13.55 7.49
C LEU C 57 7.65 13.75 6.01
N GLY C 58 7.78 12.67 5.25
CA GLY C 58 7.54 12.77 3.81
C GLY C 58 6.13 13.22 3.46
N VAL C 59 5.14 12.71 4.19
CA VAL C 59 3.76 13.09 3.89
C VAL C 59 3.58 14.59 4.05
N GLU C 60 4.30 15.21 5.00
CA GLU C 60 4.21 16.66 5.14
C GLU C 60 4.55 17.35 3.83
N ILE C 61 5.45 16.75 3.05
CA ILE C 61 5.80 17.26 1.73
C ILE C 61 4.91 16.65 0.65
N ASP C 62 4.61 15.36 0.77
CA ASP C 62 3.76 14.72 -0.23
C ASP C 62 2.40 15.41 -0.30
N GLU C 63 1.84 15.75 0.86
CA GLU C 63 0.57 16.48 0.92
C GLU C 63 0.74 17.96 0.61
N LEU C 64 1.97 18.47 0.61
CA LEU C 64 2.19 19.88 0.34
C LEU C 64 1.84 20.22 -1.10
N GLU C 65 1.28 21.41 -1.30
CA GLU C 65 0.94 21.89 -2.64
C GLU C 65 2.13 22.70 -3.16
N LYS C 66 3.04 22.00 -3.85
CA LYS C 66 4.19 22.66 -4.42
C LYS C 66 3.74 23.74 -5.41
N ASN C 67 2.61 23.48 -6.07
CA ASN C 67 2.10 24.37 -7.10
C ASN C 67 1.89 25.78 -6.58
N ASN C 68 1.35 25.90 -5.38
CA ASN C 68 1.02 27.19 -4.79
C ASN C 68 2.03 27.64 -3.74
N PHE C 69 3.21 27.01 -3.67
CA PHE C 69 4.22 27.46 -2.73
C PHE C 69 4.60 28.92 -2.98
N ILE C 70 4.71 29.31 -4.25
CA ILE C 70 4.88 30.70 -4.64
C ILE C 70 3.60 31.14 -5.33
N THR C 71 3.05 32.26 -4.88
CA THR C 71 1.74 32.72 -5.29
C THR C 71 1.82 34.04 -6.03
N GLU C 72 0.78 34.31 -6.83
CA GLU C 72 0.67 35.58 -7.52
C GLU C 72 0.63 36.73 -6.52
N GLU C 73 -0.21 36.63 -5.50
CA GLU C 73 -0.26 37.66 -4.48
C GLU C 73 1.12 37.89 -3.87
N MSE C 74 1.86 36.82 -3.62
CA MSE C 74 3.19 36.91 -3.03
C MSE C 74 4.14 37.69 -3.92
O MSE C 74 4.86 38.57 -3.45
CB MSE C 74 3.74 35.50 -2.78
CG MSE C 74 5.23 35.43 -2.48
SE MSE C 74 5.66 33.71 -1.65
CE MSE C 74 7.42 33.39 -2.41
H MSE C 74 1.60 36.00 -3.79
HA MSE C 74 3.13 37.35 -2.17
HB2 MSE C 74 3.27 35.11 -2.02
HB3 MSE C 74 3.58 34.96 -3.58
HG2 MSE C 74 5.73 35.51 -3.30
HG3 MSE C 74 5.47 36.14 -1.86
HE1 MSE C 74 7.68 32.49 -2.22
HE2 MSE C 74 7.37 33.53 -3.37
HE3 MSE C 74 8.05 34.01 -2.02
N LEU C 75 4.12 37.37 -5.21
CA LEU C 75 4.94 38.12 -6.16
C LEU C 75 4.52 39.58 -6.21
N ARG C 76 3.21 39.84 -6.13
CA ARG C 76 2.73 41.21 -6.19
C ARG C 76 3.11 42.00 -4.95
N VAL C 77 2.97 41.39 -3.77
CA VAL C 77 3.24 42.12 -2.53
C VAL C 77 4.72 42.50 -2.44
N TYR C 78 5.61 41.54 -2.70
CA TYR C 78 7.04 41.77 -2.52
C TYR C 78 7.64 42.57 -3.67
N PHE C 79 7.14 42.40 -4.89
CA PHE C 79 7.66 43.15 -6.02
C PHE C 79 6.74 44.29 -6.44
N GLY C 80 5.54 44.38 -5.89
CA GLY C 80 4.67 45.52 -6.15
C GLY C 80 4.53 45.84 -7.63
N ASN C 81 4.68 47.13 -7.96
CA ASN C 81 4.50 47.57 -9.34
C ASN C 81 5.44 46.83 -10.30
N ARG C 82 6.63 46.45 -9.83
CA ARG C 82 7.57 45.78 -10.72
C ARG C 82 7.00 44.48 -11.26
N PHE C 83 5.99 43.92 -10.60
CA PHE C 83 5.36 42.67 -11.02
C PHE C 83 4.25 43.03 -12.00
N SER C 84 4.19 42.31 -13.12
CA SER C 84 3.23 42.62 -14.16
C SER C 84 3.07 41.44 -15.10
N ASP C 85 2.01 41.49 -15.90
CA ASP C 85 1.82 40.54 -17.00
C ASP C 85 1.79 39.10 -16.49
N PHE C 86 1.11 38.86 -15.36
CA PHE C 86 1.05 37.53 -14.79
C PHE C 86 0.09 36.65 -15.59
N ASN C 87 0.59 35.52 -16.06
CA ASN C 87 -0.19 34.51 -16.76
C ASN C 87 0.34 33.15 -16.34
N ALA C 88 -0.55 32.24 -15.95
CA ALA C 88 -0.13 30.95 -15.42
C ALA C 88 -1.00 29.84 -15.98
N ASP C 89 -0.38 28.68 -16.22
CA ASP C 89 -1.06 27.47 -16.65
C ASP C 89 -0.97 26.48 -15.49
N GLU C 90 -2.02 26.45 -14.67
CA GLU C 90 -2.00 25.61 -13.47
C GLU C 90 -2.00 24.13 -13.83
N SER C 91 -2.61 23.75 -14.95
CA SER C 91 -2.65 22.34 -15.33
C SER C 91 -1.24 21.79 -15.55
N LYS C 92 -0.34 22.59 -16.11
CA LYS C 92 1.05 22.18 -16.31
C LYS C 92 1.97 22.72 -15.23
N GLN C 93 1.42 23.34 -14.20
CA GLN C 93 2.22 23.83 -13.07
C GLN C 93 3.24 24.87 -13.51
N ILE C 94 2.82 25.79 -14.38
CA ILE C 94 3.70 26.80 -14.94
C ILE C 94 3.15 28.18 -14.61
N MSE C 95 4.04 29.06 -14.15
CA MSE C 95 3.73 30.45 -13.87
C MSE C 95 4.56 31.33 -14.79
O MSE C 95 5.77 31.15 -14.87
CB MSE C 95 4.02 30.80 -12.42
CG MSE C 95 2.84 30.78 -11.47
SE MSE C 95 3.44 31.16 -9.66
CE MSE C 95 1.84 32.01 -8.96
H MSE C 95 4.87 28.87 -13.99
HA MSE C 95 2.78 30.62 -14.01
HB2 MSE C 95 4.67 30.16 -12.08
HB3 MSE C 95 4.40 31.69 -12.38
HG2 MSE C 95 2.19 31.45 -11.74
HG3 MSE C 95 2.42 29.90 -11.49
HE1 MSE C 95 1.88 32.00 -7.99
HE2 MSE C 95 1.80 32.92 -9.28
HE3 MSE C 95 1.06 31.52 -9.26
N ARG C 96 3.93 32.29 -15.47
CA ARG C 96 4.64 33.20 -16.36
C ARG C 96 4.28 34.63 -15.96
N PHE C 97 5.30 35.45 -15.74
CA PHE C 97 5.08 36.81 -15.26
C PHE C 97 6.29 37.67 -15.64
N SER C 98 6.20 38.95 -15.31
CA SER C 98 7.23 39.93 -15.63
C SER C 98 7.65 40.67 -14.36
N ILE C 99 8.96 40.76 -14.16
CA ILE C 99 9.54 41.59 -13.10
C ILE C 99 10.55 42.51 -13.76
N ASP C 100 10.35 43.82 -13.62
CA ASP C 100 11.24 44.83 -14.18
C ASP C 100 11.29 44.76 -15.70
N GLY C 101 10.25 44.23 -16.32
CA GLY C 101 10.18 44.10 -17.76
C GLY C 101 10.75 42.82 -18.33
N ALA C 102 11.44 42.02 -17.52
CA ALA C 102 11.96 40.75 -18.00
C ALA C 102 10.87 39.68 -17.93
N ILE C 103 11.05 38.64 -18.73
CA ILE C 103 10.11 37.51 -18.78
C ILE C 103 10.69 36.39 -17.93
N HIS C 104 9.96 36.02 -16.88
CA HIS C 104 10.35 34.94 -15.98
C HIS C 104 9.22 33.95 -15.92
N GLU C 105 9.56 32.66 -15.87
CA GLU C 105 8.55 31.62 -15.73
C GLU C 105 8.98 30.69 -14.60
N ILE C 106 8.06 30.39 -13.71
CA ILE C 106 8.29 29.50 -12.58
C ILE C 106 7.57 28.20 -12.88
N LYS C 107 8.32 27.10 -12.94
CA LYS C 107 7.80 25.77 -13.19
C LYS C 107 8.11 24.89 -11.99
N ALA C 108 7.09 24.22 -11.47
CA ALA C 108 7.23 23.30 -10.34
C ALA C 108 7.04 21.88 -10.84
N ILE C 109 8.07 21.06 -10.70
CA ILE C 109 8.05 19.67 -11.14
C ILE C 109 8.57 18.80 -10.01
N ARG C 110 7.76 17.83 -9.59
CA ARG C 110 8.12 16.86 -8.54
C ARG C 110 8.47 17.63 -7.28
N ASN C 111 9.64 17.43 -6.67
CA ASN C 111 10.00 18.04 -5.40
C ASN C 111 10.88 19.27 -5.56
N LYS C 112 10.88 19.88 -6.74
CA LYS C 112 11.69 21.06 -6.98
C LYS C 112 10.82 22.15 -7.61
N ILE C 113 11.21 23.41 -7.39
CA ILE C 113 10.64 24.55 -8.08
C ILE C 113 11.76 25.24 -8.84
N PHE C 114 11.53 25.52 -10.11
CA PHE C 114 12.54 26.11 -10.99
C PHE C 114 12.11 27.50 -11.40
N PHE C 115 13.06 28.43 -11.36
CA PHE C 115 12.85 29.81 -11.81
C PHE C 115 13.80 30.08 -12.97
N ASP C 116 13.24 30.25 -14.17
CA ASP C 116 14.05 30.52 -15.37
C ASP C 116 15.10 29.43 -15.58
N ASP C 117 14.64 28.18 -15.50
CA ASP C 117 15.48 27.00 -15.76
C ASP C 117 16.55 26.80 -14.69
N ARG C 118 16.38 27.38 -13.51
CA ARG C 118 17.31 27.19 -12.41
C ARG C 118 16.51 26.85 -11.16
N CYS C 119 16.83 25.70 -10.55
CA CYS C 119 16.12 25.30 -9.34
C CYS C 119 16.37 26.30 -8.22
N ILE C 120 15.30 26.80 -7.63
CA ILE C 120 15.39 27.75 -6.53
C ILE C 120 14.84 27.21 -5.22
N VAL C 121 14.03 26.15 -5.25
CA VAL C 121 13.49 25.55 -4.03
C VAL C 121 13.61 24.03 -4.12
N TYR C 122 14.09 23.42 -3.05
CA TYR C 122 14.18 21.97 -2.92
C TYR C 122 13.29 21.55 -1.75
N PHE C 123 12.52 20.48 -1.94
CA PHE C 123 11.68 19.94 -0.86
C PHE C 123 12.29 18.64 -0.39
N ILE C 124 12.57 18.56 0.92
CA ILE C 124 13.22 17.38 1.49
C ILE C 124 12.53 17.04 2.81
N ALA C 125 12.55 15.77 3.16
CA ALA C 125 11.97 15.29 4.41
C ALA C 125 13.07 14.71 5.29
N LEU C 126 13.10 15.12 6.56
CA LEU C 126 14.15 14.67 7.47
C LEU C 126 14.16 13.14 7.59
N SER C 127 13.00 12.51 7.46
CA SER C 127 12.96 11.04 7.49
C SER C 127 13.81 10.45 6.38
N ARG C 128 13.79 11.08 5.21
CA ARG C 128 14.56 10.63 4.06
C ARG C 128 15.92 11.31 3.97
N ALA C 129 16.26 12.16 4.95
CA ALA C 129 17.50 12.92 4.88
C ALA C 129 18.73 12.01 4.96
N GLY C 130 18.66 10.95 5.76
CA GLY C 130 19.82 10.10 5.94
C GLY C 130 20.34 9.53 4.64
N HIS C 131 19.43 9.11 3.77
CA HIS C 131 19.83 8.48 2.51
C HIS C 131 20.44 9.49 1.55
N VAL C 132 20.12 10.77 1.71
CA VAL C 132 20.62 11.81 0.82
C VAL C 132 21.85 12.48 1.42
N LYS C 133 22.66 11.72 2.16
CA LYS C 133 23.82 12.34 2.78
C LYS C 133 24.87 12.68 1.74
N SER C 134 24.82 12.04 0.58
CA SER C 134 25.73 12.34 -0.52
C SER C 134 25.14 13.31 -1.53
N ASN C 135 23.88 13.72 -1.36
CA ASN C 135 23.26 14.62 -2.35
C ASN C 135 23.98 15.96 -2.38
N ASN C 136 23.93 16.61 -3.54
CA ASN C 136 24.60 17.89 -3.77
C ASN C 136 23.57 18.97 -4.04
N TYR C 137 23.68 20.07 -3.31
CA TYR C 137 22.82 21.25 -3.48
C TYR C 137 23.73 22.46 -3.70
N PRO C 138 23.97 22.87 -4.94
CA PRO C 138 25.10 23.79 -5.20
C PRO C 138 25.06 25.11 -4.45
N ASP C 139 24.00 25.89 -4.56
CA ASP C 139 24.01 27.28 -4.08
C ASP C 139 22.86 27.59 -3.12
N VAL C 140 22.67 26.75 -2.11
CA VAL C 140 21.60 26.96 -1.13
C VAL C 140 22.02 28.00 -0.10
N LYS C 141 21.21 29.06 0.06
CA LYS C 141 21.44 30.10 1.05
C LYS C 141 20.42 30.11 2.16
N TYR C 142 19.24 29.53 1.96
CA TYR C 142 18.16 29.53 2.94
C TYR C 142 17.70 28.11 3.19
N LEU C 143 17.51 27.77 4.47
CA LEU C 143 16.93 26.50 4.88
C LEU C 143 15.80 26.79 5.86
N VAL C 144 14.59 26.34 5.54
CA VAL C 144 13.41 26.58 6.36
C VAL C 144 12.86 25.23 6.84
N PHE C 145 12.81 25.07 8.16
CA PHE C 145 12.28 23.88 8.81
C PHE C 145 10.92 24.26 9.39
N ASP C 146 9.86 24.01 8.62
CA ASP C 146 8.52 24.38 9.05
C ASP C 146 7.93 23.32 9.97
N GLU C 147 7.06 23.76 10.87
CA GLU C 147 6.42 22.89 11.85
C GLU C 147 7.49 22.12 12.63
N VAL C 148 8.53 22.84 13.04
CA VAL C 148 9.69 22.19 13.64
C VAL C 148 9.29 21.44 14.90
N ILE C 149 8.36 21.97 15.68
CA ILE C 149 7.89 21.31 16.89
C ILE C 149 6.54 20.69 16.63
N ILE C 150 6.41 19.40 16.94
CA ILE C 150 5.17 18.69 16.68
C ILE C 150 4.06 19.27 17.52
N ASP C 151 2.88 19.40 16.92
CA ASP C 151 1.67 19.83 17.62
C ASP C 151 0.84 18.59 17.92
N ARG C 152 0.67 18.28 19.21
CA ARG C 152 -0.09 17.08 19.57
C ARG C 152 -1.58 17.27 19.32
N SER C 153 -2.10 18.49 19.48
CA SER C 153 -3.51 18.75 19.24
C SER C 153 -3.85 18.48 17.78
N ILE C 154 -3.12 19.10 16.85
CA ILE C 154 -3.40 18.89 15.43
C ILE C 154 -3.05 17.47 15.00
N MSE C 155 -1.91 16.95 15.46
CA MSE C 155 -1.52 15.57 15.14
C MSE C 155 -1.41 14.75 16.41
O MSE C 155 -0.60 15.04 17.29
CB MSE C 155 -0.19 15.57 14.37
CG MSE C 155 -0.30 16.20 12.99
SE MSE C 155 1.40 16.30 12.03
CE MSE C 155 0.82 17.35 10.49
H MSE C 155 -1.35 17.37 15.96
HA MSE C 155 -2.18 15.17 14.55
HB2 MSE C 155 0.47 16.07 14.87
HB3 MSE C 155 0.10 14.65 14.26
HG2 MSE C 155 -0.91 15.67 12.45
HG3 MSE C 155 -0.64 17.10 13.08
HE1 MSE C 155 1.58 17.49 9.91
HE2 MSE C 155 0.12 16.87 10.03
HE3 MSE C 155 0.49 18.20 10.81
N PRO C 156 -2.24 13.69 16.52
CA PRO C 156 -2.32 12.99 17.80
C PRO C 156 -1.08 12.19 18.15
N ASN C 157 -0.51 11.44 17.19
CA ASN C 157 0.58 10.52 17.48
C ASN C 157 1.67 10.65 16.40
N ALA C 158 2.40 11.77 16.44
CA ALA C 158 3.57 11.97 15.61
C ALA C 158 4.82 11.89 16.48
N ARG C 159 5.80 11.11 16.04
CA ARG C 159 7.00 10.86 16.82
C ARG C 159 8.22 11.49 16.14
N TYR C 160 9.08 12.11 16.93
CA TYR C 160 10.32 12.65 16.42
C TYR C 160 11.24 11.54 15.91
N ILE C 161 12.13 11.92 15.00
CA ILE C 161 13.04 10.95 14.40
C ILE C 161 14.11 10.55 15.41
N ARG C 162 14.58 9.32 15.31
CA ARG C 162 15.64 8.83 16.19
C ARG C 162 16.90 9.66 15.98
N ASN C 163 17.44 10.20 17.07
CA ASN C 163 18.60 11.08 17.02
C ASN C 163 18.36 12.20 16.01
N GLU C 164 17.18 12.83 16.14
CA GLU C 164 16.72 13.79 15.14
C GLU C 164 17.73 14.92 14.93
N PHE C 165 18.27 15.47 16.01
CA PHE C 165 19.15 16.62 15.87
C PHE C 165 20.43 16.26 15.11
N THR C 166 20.96 15.06 15.34
CA THR C 166 22.13 14.63 14.58
C THR C 166 21.79 14.51 13.10
N VAL C 167 20.61 13.99 12.78
CA VAL C 167 20.19 13.90 11.39
C VAL C 167 20.03 15.29 10.79
N LEU C 168 19.51 16.24 11.58
CA LEU C 168 19.37 17.61 11.10
C LEU C 168 20.75 18.23 10.85
N LEU C 169 21.66 18.08 11.80
CA LEU C 169 22.99 18.67 11.64
C LEU C 169 23.70 18.09 10.43
N ASN C 170 23.55 16.79 10.19
CA ASN C 170 24.13 16.20 8.99
C ASN C 170 23.54 16.84 7.74
N LEU C 171 22.23 17.10 7.74
CA LEU C 171 21.61 17.75 6.58
C LEU C 171 22.13 19.16 6.41
N ILE C 172 22.35 19.87 7.51
CA ILE C 172 22.94 21.21 7.41
C ILE C 172 24.29 21.13 6.73
N GLU C 173 25.10 20.15 7.10
CA GLU C 173 26.41 19.99 6.49
C GLU C 173 26.28 19.61 5.01
N THR C 174 25.36 18.71 4.69
CA THR C 174 25.17 18.31 3.30
C THR C 174 24.61 19.46 2.47
N ILE C 175 23.59 20.14 2.99
CA ILE C 175 23.00 21.24 2.24
C ILE C 175 23.96 22.42 2.23
N LYS C 176 24.72 22.61 3.29
CA LYS C 176 25.64 23.75 3.44
C LYS C 176 27.06 23.22 3.49
N ARG C 177 27.86 23.53 2.48
CA ARG C 177 29.23 23.07 2.39
C ARG C 177 30.14 24.28 2.15
N LYS C 178 30.95 24.62 3.15
CA LYS C 178 31.91 25.71 3.04
C LYS C 178 31.25 27.01 2.60
N ARG C 179 30.02 27.24 3.04
CA ARG C 179 29.25 28.43 2.71
C ARG C 179 29.14 29.26 3.99
N GLU C 180 29.78 30.42 4.02
CA GLU C 180 29.59 31.28 5.19
C GLU C 180 28.21 31.93 5.17
N ASP C 181 27.70 32.25 3.99
CA ASP C 181 26.43 32.95 3.84
C ASP C 181 25.31 31.92 3.77
N PHE C 182 24.77 31.57 4.95
CA PHE C 182 23.69 30.60 5.05
C PHE C 182 22.74 31.05 6.15
N TYR C 183 21.46 30.75 5.97
CA TYR C 183 20.44 31.11 6.93
C TYR C 183 19.54 29.89 7.19
N LEU C 184 19.20 29.69 8.44
CA LEU C 184 18.30 28.62 8.86
C LEU C 184 17.13 29.23 9.61
N PHE C 185 15.92 28.88 9.20
CA PHE C 185 14.71 29.37 9.83
C PHE C 185 13.93 28.19 10.39
N MSE C 186 13.75 28.18 11.70
CA MSE C 186 12.95 27.15 12.36
C MSE C 186 11.62 27.76 12.79
O MSE C 186 11.58 28.66 13.63
CB MSE C 186 13.69 26.60 13.57
CG MSE C 186 14.70 25.51 13.22
SE MSE C 186 16.13 25.39 14.54
CE MSE C 186 16.80 23.62 14.09
H MSE C 186 14.07 28.76 12.24
HA MSE C 186 12.80 26.40 11.77
HB2 MSE C 186 14.17 27.32 14.00
HB3 MSE C 186 13.05 26.22 14.18
HG2 MSE C 186 14.24 24.66 13.20
HG3 MSE C 186 15.09 25.71 12.36
HE1 MSE C 186 17.52 23.39 14.69
HE2 MSE C 186 16.07 22.98 14.17
HE3 MSE C 186 17.12 23.63 13.17
N LEU C 187 10.54 27.30 12.18
CA LEU C 187 9.21 27.83 12.40
C LEU C 187 8.37 26.80 13.13
N SER C 188 7.78 27.21 14.25
CA SER C 188 6.95 26.34 15.06
C SER C 188 5.65 27.07 15.40
N ASN C 189 4.52 26.40 15.18
CA ASN C 189 3.23 26.93 15.61
C ASN C 189 3.06 26.78 17.11
N VAL C 190 3.67 25.75 17.68
CA VAL C 190 3.56 25.44 19.11
C VAL C 190 4.95 25.49 19.73
N GLY C 191 5.01 26.01 20.95
CA GLY C 191 6.26 26.05 21.68
C GLY C 191 6.14 25.31 22.99
N GLU C 192 6.94 24.25 23.16
CA GLU C 192 6.91 23.47 24.39
C GLU C 192 8.29 22.86 24.61
N ASN C 193 8.53 22.43 25.83
CA ASN C 193 9.77 21.76 26.16
C ASN C 193 9.63 20.26 25.87
N PHE C 194 10.71 19.52 26.11
CA PHE C 194 10.77 18.08 25.91
C PHE C 194 10.73 17.70 24.43
N ASN C 195 11.34 18.51 23.57
CA ASN C 195 11.50 18.14 22.17
C ASN C 195 12.98 18.14 21.80
N PRO C 196 13.39 17.26 20.88
CA PRO C 196 14.83 17.18 20.55
C PRO C 196 15.37 18.48 19.97
N ILE C 197 14.56 19.21 19.20
CA ILE C 197 15.03 20.45 18.60
C ILE C 197 15.48 21.42 19.69
N PHE C 198 14.66 21.55 20.75
CA PHE C 198 15.02 22.42 21.86
C PHE C 198 16.25 21.91 22.58
N ALA C 199 16.38 20.58 22.71
CA ALA C 199 17.53 20.03 23.41
C ALA C 199 18.81 20.26 22.63
N GLY C 200 18.78 20.04 21.31
CA GLY C 200 19.96 20.28 20.51
C GLY C 200 20.41 21.73 20.55
N LEU C 201 19.46 22.66 20.48
CA LEU C 201 19.81 24.07 20.55
C LEU C 201 20.38 24.45 21.90
N GLY C 202 19.92 23.82 22.97
CA GLY C 202 20.27 24.22 24.31
C GLY C 202 19.33 25.22 24.92
N TYR C 203 18.16 25.43 24.32
CA TYR C 203 17.21 26.41 24.79
C TYR C 203 16.18 25.76 25.71
N TYR C 204 15.98 26.36 26.88
CA TYR C 204 14.93 25.95 27.81
C TYR C 204 13.82 26.98 27.74
N LEU C 205 12.61 26.53 27.40
CA LEU C 205 11.49 27.44 27.21
C LEU C 205 10.86 27.77 28.55
N THR C 206 10.75 29.07 28.84
CA THR C 206 10.17 29.54 30.08
C THR C 206 9.22 30.69 29.79
N HIS C 207 8.17 30.80 30.61
CA HIS C 207 7.19 31.86 30.41
C HIS C 207 7.84 33.24 30.49
N GLU C 208 8.90 33.36 31.30
CA GLU C 208 9.59 34.64 31.43
C GLU C 208 10.16 35.09 30.09
N ASP C 209 10.71 34.15 29.33
CA ASP C 209 11.27 34.48 28.02
C ASP C 209 10.17 34.92 27.05
N ILE C 210 9.01 34.27 27.11
CA ILE C 210 7.92 34.60 26.19
C ILE C 210 7.47 36.04 26.38
N LYS C 211 7.40 36.49 27.64
CA LYS C 211 6.96 37.86 27.89
C LYS C 211 7.88 38.86 27.21
N LYS C 212 9.19 38.62 27.25
CA LYS C 212 10.13 39.51 26.58
C LYS C 212 9.88 39.53 25.08
N GLY C 213 9.57 38.37 24.49
CA GLY C 213 9.26 38.26 23.09
C GLY C 213 10.47 38.10 22.18
N PHE C 214 11.67 38.36 22.67
CA PHE C 214 12.89 38.26 21.88
C PHE C 214 14.00 37.72 22.76
N VAL C 215 14.76 36.75 22.25
CA VAL C 215 15.86 36.13 23.00
C VAL C 215 17.03 35.92 22.07
N LYS C 216 18.22 36.35 22.50
CA LYS C 216 19.44 36.22 21.72
C LYS C 216 20.40 35.27 22.43
N ARG C 217 21.06 34.42 21.65
CA ARG C 217 22.02 33.46 22.18
C ARG C 217 23.29 33.50 21.33
N GLU C 218 24.30 32.75 21.78
CA GLU C 218 25.60 32.80 21.12
C GLU C 218 25.52 32.38 19.66
N ASP C 219 24.81 31.28 19.38
CA ASP C 219 24.79 30.71 18.04
C ASP C 219 23.45 30.86 17.34
N TYR C 220 22.43 31.37 18.01
CA TYR C 220 21.10 31.45 17.40
C TYR C 220 20.28 32.51 18.13
N CYS C 221 19.18 32.89 17.49
CA CYS C 221 18.26 33.89 18.01
C CYS C 221 16.85 33.30 18.03
N VAL C 222 16.13 33.54 19.13
CA VAL C 222 14.79 33.03 19.31
C VAL C 222 13.82 34.20 19.39
N GLN C 223 12.74 34.15 18.60
CA GLN C 223 11.71 35.17 18.64
C GLN C 223 10.35 34.52 18.83
N PHE C 224 9.50 35.16 19.61
CA PHE C 224 8.15 34.69 19.89
C PHE C 224 7.14 35.65 19.25
N VAL C 225 6.19 35.09 18.50
CA VAL C 225 5.18 35.87 17.82
C VAL C 225 3.89 35.74 18.61
N GLU C 226 3.38 36.86 19.12
CA GLU C 226 2.13 36.90 19.86
C GLU C 226 0.99 37.22 18.91
N ASN C 227 -0.06 36.40 18.93
CA ASN C 227 -1.19 36.69 18.07
C ASN C 227 -1.81 38.02 18.47
N LYS C 228 -2.01 38.90 17.50
CA LYS C 228 -2.58 40.20 17.82
C LYS C 228 -3.99 40.00 18.36
N GLN C 229 -4.32 40.67 19.47
CA GLN C 229 -5.68 40.58 19.98
C GLN C 229 -6.48 41.52 19.08
N GLU C 230 -6.87 40.98 17.92
CA GLU C 230 -7.58 41.72 16.91
C GLU C 230 -9.05 41.40 17.08
N GLU C 231 -9.89 42.39 16.84
CA GLU C 231 -11.31 42.16 16.99
C GLU C 231 -11.79 41.15 15.96
N LEU C 232 -12.81 40.38 16.33
CA LEU C 232 -13.38 39.35 15.47
C LEU C 232 -14.67 39.91 14.85
N ASN C 233 -14.71 39.94 13.52
CA ASN C 233 -15.89 40.44 12.83
C ASN C 233 -17.05 39.47 13.01
N MSE C 234 -18.13 39.95 13.60
CA MSE C 234 -19.29 39.10 13.89
C MSE C 234 -20.33 39.16 12.80
O MSE C 234 -21.29 38.39 12.79
CB MSE C 234 -19.91 39.51 15.23
CG MSE C 234 -18.96 39.35 16.42
SE MSE C 234 -18.69 37.48 16.95
CE MSE C 234 -16.78 37.55 17.31
H MSE C 234 -18.24 40.77 13.85
HA MSE C 234 -18.98 38.19 13.96
HB2 MSE C 234 -20.17 40.44 15.19
HB3 MSE C 234 -20.68 38.95 15.40
HG2 MSE C 234 -18.10 39.72 16.19
HG3 MSE C 234 -19.33 39.82 17.19
HE1 MSE C 234 -16.48 36.67 17.62
HE2 MSE C 234 -16.30 37.78 16.49
HE3 MSE C 234 -16.60 38.22 17.99
N THR C 235 -20.18 40.09 11.84
CA THR C 235 -21.05 40.08 10.68
C THR C 235 -20.85 38.81 9.85
N ASP C 236 -19.62 38.32 9.79
CA ASP C 236 -19.34 37.08 9.09
C ASP C 236 -19.83 35.89 9.91
N PRO C 237 -20.66 35.01 9.34
CA PRO C 237 -21.12 33.87 10.14
C PRO C 237 -20.02 32.89 10.51
N PHE C 238 -19.05 32.66 9.60
CA PHE C 238 -18.00 31.71 9.88
C PHE C 238 -17.22 32.06 11.14
N VAL C 239 -16.97 33.35 11.35
CA VAL C 239 -16.27 33.77 12.56
C VAL C 239 -17.10 33.47 13.79
N ARG C 240 -18.41 33.74 13.72
CA ARG C 240 -19.27 33.46 14.86
C ARG C 240 -19.30 31.97 15.19
N LEU C 241 -19.34 31.12 14.16
CA LEU C 241 -19.36 29.68 14.40
C LEU C 241 -18.10 29.23 15.12
N GLY C 242 -16.94 29.76 14.72
CA GLY C 242 -15.70 29.38 15.39
C GLY C 242 -15.66 29.80 16.84
N ALA C 243 -16.14 31.02 17.13
CA ALA C 243 -16.13 31.50 18.51
C ALA C 243 -16.97 30.62 19.41
N LYS C 244 -18.09 30.11 18.90
CA LYS C 244 -18.92 29.25 19.74
C LYS C 244 -18.21 27.95 20.10
N ASN C 245 -17.35 27.44 19.23
CA ASN C 245 -16.58 26.23 19.51
C ASN C 245 -15.34 26.59 20.31
N ARG C 246 -15.31 26.19 21.58
CA ARG C 246 -14.19 26.55 22.45
C ARG C 246 -12.90 25.86 22.02
N ASP C 247 -12.97 24.59 21.63
CA ASP C 247 -11.75 23.87 21.27
C ASP C 247 -11.02 24.57 20.12
N PHE C 248 -11.76 24.96 19.09
CA PHE C 248 -11.15 25.69 17.98
C PHE C 248 -10.63 27.04 18.42
N SER C 249 -11.42 27.76 19.22
CA SER C 249 -11.01 29.10 19.67
C SER C 249 -9.74 29.05 20.51
N ASN C 250 -9.64 28.06 21.39
CA ASN C 250 -8.43 27.94 22.19
C ASN C 250 -7.21 27.67 21.32
N SER C 251 -7.40 26.92 20.23
CA SER C 251 -6.28 26.59 19.35
C SER C 251 -5.57 27.84 18.85
N LYS C 252 -6.32 28.91 18.61
CA LYS C 252 -5.72 30.10 18.07
C LYS C 252 -4.63 30.63 19.01
N THR C 253 -4.87 30.59 20.31
CA THR C 253 -3.96 31.09 21.33
C THR C 253 -3.26 29.97 22.09
N ASN C 254 -3.27 28.75 21.57
CA ASN C 254 -2.72 27.58 22.26
C ASN C 254 -1.25 27.37 21.96
N ALA C 255 -0.58 28.36 21.35
CA ALA C 255 0.83 28.18 21.03
C ALA C 255 1.64 27.92 22.30
N PHE C 256 1.32 28.63 23.38
CA PHE C 256 2.01 28.50 24.65
C PHE C 256 1.07 28.03 25.75
N GLU C 257 0.03 27.28 25.36
CA GLU C 257 -0.93 26.76 26.34
C GLU C 257 -0.21 25.95 27.40
N ASN C 258 0.67 25.05 26.99
CA ASN C 258 1.45 24.24 27.91
C ASN C 258 2.88 24.19 27.39
N ILE C 259 3.84 24.65 28.19
CA ILE C 259 5.24 24.63 27.81
C ILE C 259 6.00 23.46 28.42
N ARG C 260 5.29 22.53 29.06
CA ARG C 260 5.87 21.29 29.56
C ARG C 260 7.05 21.56 30.50
N THR C 261 6.81 22.42 31.49
CA THR C 261 7.85 22.74 32.46
C THR C 261 8.15 21.51 33.32
N PRO C 262 9.42 21.19 33.56
CA PRO C 262 9.74 20.01 34.38
C PRO C 262 9.90 20.36 35.86
N TYR C 263 9.84 19.30 36.68
CA TYR C 263 9.99 19.42 38.11
C TYR C 263 11.47 19.49 38.51
N PHE C 264 11.78 20.38 39.46
CA PHE C 264 13.16 20.62 39.90
C PHE C 264 13.29 20.52 41.41
N LYS C 265 14.25 19.72 41.86
CA LYS C 265 14.60 19.58 43.27
C LYS C 265 15.96 18.92 43.35
N HIS C 266 16.62 19.10 44.49
CA HIS C 266 17.98 18.63 44.70
C HIS C 266 18.02 17.54 45.77
N TYR C 267 18.76 16.47 45.49
CA TYR C 267 18.94 15.33 46.40
C TYR C 267 20.43 15.13 46.67
N GLY C 268 20.81 15.15 47.94
CA GLY C 268 22.22 15.08 48.30
C GLY C 268 22.83 13.72 48.07
N LYS C 269 22.08 12.66 48.36
CA LYS C 269 22.65 11.31 48.34
C LYS C 269 23.16 10.94 46.96
N LYS C 270 24.06 9.95 46.95
CA LYS C 270 24.73 9.53 45.73
C LYS C 270 23.76 8.85 44.77
N PRO C 271 24.03 8.95 43.46
CA PRO C 271 23.13 8.33 42.48
C PRO C 271 23.31 6.83 42.41
N LYS C 272 22.26 6.16 41.93
CA LYS C 272 22.31 4.71 41.81
C LYS C 272 23.25 4.28 40.68
N LEU C 273 23.25 5.00 39.57
CA LEU C 273 24.06 4.64 38.42
C LEU C 273 24.54 5.90 37.71
N LEU C 274 25.59 5.75 36.90
CA LEU C 274 26.21 6.85 36.19
C LEU C 274 26.43 6.48 34.73
N VAL C 275 26.28 7.47 33.85
CA VAL C 275 26.62 7.35 32.44
C VAL C 275 27.51 8.52 32.06
N LYS C 276 28.63 8.22 31.40
CA LYS C 276 29.61 9.24 31.03
C LYS C 276 29.21 9.84 29.69
N TYR C 277 28.85 11.13 29.70
CA TYR C 277 28.43 11.80 28.47
C TYR C 277 28.96 13.23 28.42
N ASP C 278 29.63 13.56 27.31
CA ASP C 278 30.03 14.93 27.00
C ASP C 278 30.83 15.56 28.14
N ARG C 279 31.96 14.94 28.45
CA ARG C 279 32.90 15.46 29.45
C ARG C 279 32.30 15.52 30.84
N GLN C 280 31.21 14.79 31.08
CA GLN C 280 30.53 14.85 32.36
C GLN C 280 29.97 13.48 32.67
N TYR C 281 29.43 13.33 33.87
CA TYR C 281 28.78 12.10 34.30
C TYR C 281 27.34 12.44 34.69
N LEU C 282 26.40 11.73 34.08
CA LEU C 282 24.98 11.88 34.38
C LEU C 282 24.58 10.78 35.34
N GLY C 283 23.89 11.15 36.41
CA GLY C 283 23.51 10.20 37.43
C GLY C 283 22.03 10.22 37.70
N ILE C 284 21.50 9.05 38.03
CA ILE C 284 20.11 8.87 38.43
C ILE C 284 20.10 8.42 39.88
N ALA C 285 19.36 9.13 40.72
CA ALA C 285 19.27 8.85 42.14
C ALA C 285 17.85 8.42 42.50
N GLU C 286 17.72 7.33 43.24
CA GLU C 286 16.45 6.83 43.71
C GLU C 286 16.37 6.99 45.23
N ARG C 287 15.31 7.65 45.70
CA ARG C 287 15.08 7.87 47.12
C ARG C 287 13.81 7.12 47.50
N LYS C 288 13.90 6.24 48.49
CA LYS C 288 12.76 5.42 48.91
C LYS C 288 11.76 6.23 49.73
N ILE C 289 10.49 6.15 49.34
CA ILE C 289 9.40 6.83 50.05
C ILE C 289 8.29 5.80 50.30
N PRO C 290 7.45 6.02 51.31
CA PRO C 290 6.47 4.98 51.66
C PRO C 290 5.49 4.64 50.54
N SER C 291 4.98 5.65 49.84
CA SER C 291 3.99 5.40 48.79
C SER C 291 4.58 4.59 47.66
N GLY C 292 5.85 4.81 47.34
CA GLY C 292 6.51 4.15 46.24
C GLY C 292 7.97 4.51 46.17
N LEU C 293 8.38 5.20 45.11
CA LEU C 293 9.78 5.58 44.95
C LEU C 293 9.87 7.00 44.38
N GLU C 294 10.97 7.71 44.68
CA GLU C 294 11.23 9.04 44.16
C GLU C 294 12.50 9.06 43.31
N TYR C 295 12.46 9.77 42.17
CA TYR C 295 13.57 9.82 41.22
C TYR C 295 14.18 11.22 41.11
N TYR C 296 15.51 11.28 41.05
CA TYR C 296 16.25 12.52 40.84
C TYR C 296 17.29 12.35 39.75
N TYR C 297 17.32 13.27 38.80
CA TYR C 297 18.28 13.26 37.69
C TYR C 297 19.32 14.35 37.94
N GLN C 298 20.59 13.94 38.02
CA GLN C 298 21.67 14.83 38.41
C GLN C 298 22.83 14.72 37.43
N VAL C 299 23.70 15.74 37.47
CA VAL C 299 24.91 15.79 36.65
C VAL C 299 26.10 16.03 37.57
N TYR C 300 27.16 15.22 37.39
CA TYR C 300 28.37 15.34 38.17
C TYR C 300 29.54 15.62 37.24
N LYS C 301 30.28 16.70 37.53
CA LYS C 301 31.39 17.08 36.67
C LYS C 301 32.54 16.09 36.76
N THR C 302 32.80 15.54 37.95
CA THR C 302 33.91 14.63 38.14
C THR C 302 33.47 13.43 38.99
N LEU C 303 34.22 12.33 38.84
CA LEU C 303 33.96 11.11 39.60
C LEU C 303 34.68 11.18 40.94
N ASP C 304 34.22 12.10 41.78
CA ASP C 304 34.77 12.30 43.11
C ASP C 304 33.77 11.81 44.14
N GLY C 305 34.17 10.86 44.96
CA GLY C 305 33.26 10.25 45.90
C GLY C 305 32.32 9.24 45.29
N LEU C 306 32.56 8.83 44.05
CA LEU C 306 31.71 7.89 43.33
C LEU C 306 32.55 6.71 42.83
N GLU C 307 33.48 6.25 43.68
CA GLU C 307 34.48 5.28 43.22
C GLU C 307 33.83 3.99 42.75
N ASN C 308 32.86 3.46 43.51
CA ASN C 308 32.29 2.17 43.23
C ASN C 308 30.96 2.22 42.48
N ILE C 309 30.47 3.41 42.14
CA ILE C 309 29.23 3.49 41.37
C ILE C 309 29.51 3.09 39.93
N THR C 310 28.63 2.26 39.37
CA THR C 310 28.82 1.77 38.01
C THR C 310 28.67 2.90 37.01
N VAL C 311 29.50 2.86 35.96
CA VAL C 311 29.51 3.88 34.92
C VAL C 311 29.22 3.21 33.58
N PHE C 312 28.29 3.80 32.83
CA PHE C 312 27.94 3.32 31.50
C PHE C 312 28.50 4.29 30.47
N ASN C 313 29.17 3.77 29.45
CA ASN C 313 29.80 4.60 28.43
C ASN C 313 29.15 4.30 27.09
N ASN C 314 28.59 5.34 26.46
CA ASN C 314 27.95 5.17 25.16
C ASN C 314 28.98 4.88 24.07
N ASN C 315 30.15 5.51 24.14
CA ASN C 315 31.16 5.45 23.10
C ASN C 315 32.18 4.38 23.45
N PHE C 316 32.33 3.39 22.57
CA PHE C 316 33.33 2.34 22.78
C PHE C 316 34.74 2.90 22.72
N ASP C 317 34.97 3.92 21.89
CA ASP C 317 36.32 4.44 21.70
C ASP C 317 36.89 4.99 23.01
N THR C 318 36.06 5.69 23.79
CA THR C 318 36.50 6.25 25.06
C THR C 318 36.23 5.32 26.24
N LEU C 319 35.74 4.12 25.99
CA LEU C 319 35.47 3.17 27.07
C LEU C 319 36.78 2.78 27.75
N MSE C 320 36.75 2.72 29.07
CA MSE C 320 37.93 2.36 29.84
C MSE C 320 37.61 1.84 31.24
O MSE C 320 36.51 2.05 31.76
CB MSE C 320 38.86 3.58 29.97
CG MSE C 320 38.32 4.68 30.86
SE MSE C 320 39.28 6.37 30.69
CE MSE C 320 38.31 7.41 32.03
H MSE C 320 36.06 2.89 29.55
HA MSE C 320 38.39 1.66 29.36
HB2 MSE C 320 39.71 3.29 30.33
HB3 MSE C 320 38.99 3.96 29.07
HG2 MSE C 320 37.39 4.84 30.63
HG3 MSE C 320 38.38 4.40 31.78
HE1 MSE C 320 38.69 8.30 32.05
HE2 MSE C 320 37.38 7.44 31.78
HE3 MSE C 320 38.42 6.98 32.89
N GLU C 321 38.58 1.14 31.83
CA GLU C 321 38.52 0.68 33.22
C GLU C 321 37.29 -0.22 33.37
N ASP C 322 36.46 -0.04 34.40
CA ASP C 322 35.36 -0.95 34.69
C ASP C 322 34.02 -0.44 34.15
N GLU C 323 34.02 0.59 33.32
CA GLU C 323 32.78 1.11 32.78
C GLU C 323 32.10 0.05 31.93
N VAL C 324 30.77 0.07 31.93
CA VAL C 324 29.97 -0.90 31.20
C VAL C 324 29.64 -0.32 29.83
N PHE C 325 29.90 -1.10 28.78
CA PHE C 325 29.60 -0.66 27.43
C PHE C 325 28.08 -0.54 27.25
N LEU C 326 27.65 0.57 26.66
CA LEU C 326 26.24 0.82 26.40
C LEU C 326 25.92 0.42 24.96
N GLU C 327 25.07 -0.58 24.81
CA GLU C 327 24.63 -1.09 23.53
C GLU C 327 23.11 -1.01 23.48
N GLU C 328 22.55 -1.21 22.28
CA GLU C 328 21.10 -1.11 22.12
C GLU C 328 20.38 -2.03 23.10
N THR C 329 20.91 -3.25 23.29
CA THR C 329 20.30 -4.19 24.22
C THR C 329 20.46 -3.74 25.66
N GLN C 330 21.65 -3.25 26.02
CA GLN C 330 21.90 -2.85 27.40
C GLN C 330 21.06 -1.63 27.78
N LEU C 331 20.99 -0.62 26.90
CA LEU C 331 20.24 0.58 27.25
C LEU C 331 18.75 0.29 27.38
N LYS C 332 18.22 -0.61 26.55
CA LYS C 332 16.82 -1.00 26.67
C LYS C 332 16.55 -1.69 28.00
N LYS C 333 17.47 -2.56 28.44
CA LYS C 333 17.25 -3.30 29.67
C LYS C 333 17.21 -2.37 30.87
N LYS C 334 18.12 -1.40 30.94
CA LYS C 334 18.23 -0.53 32.10
C LYS C 334 17.65 0.86 31.88
N PHE C 335 17.94 1.49 30.74
CA PHE C 335 17.55 2.88 30.50
C PHE C 335 16.19 3.03 29.82
N LYS C 336 15.51 1.95 29.45
CA LYS C 336 14.21 2.11 28.83
C LYS C 336 13.20 2.73 29.79
N THR C 337 13.14 2.21 31.01
CA THR C 337 12.21 2.77 32.01
C THR C 337 12.59 4.20 32.38
N TYR C 338 13.88 4.47 32.52
CA TYR C 338 14.32 5.81 32.91
C TYR C 338 13.96 6.83 31.83
N PHE C 339 14.13 6.48 30.55
CA PHE C 339 13.74 7.39 29.49
C PHE C 339 12.24 7.68 29.55
N GLU C 340 11.43 6.65 29.80
CA GLU C 340 9.99 6.88 29.91
C GLU C 340 9.68 7.81 31.07
N LEU C 341 10.36 7.61 32.21
CA LEU C 341 10.16 8.51 33.33
C LEU C 341 10.56 9.93 32.99
N PHE C 342 11.61 10.11 32.19
CA PHE C 342 12.01 11.46 31.80
C PHE C 342 11.00 12.07 30.84
N GLN C 343 10.57 11.30 29.82
CA GLN C 343 9.65 11.86 28.84
C GLN C 343 8.38 12.35 29.52
N GLN C 344 7.82 11.55 30.41
CA GLN C 344 6.74 12.01 31.26
C GLN C 344 7.36 12.83 32.39
N ASN C 345 6.61 13.80 32.88
CA ASN C 345 7.16 14.71 33.88
C ASN C 345 7.14 14.05 35.25
N MSE C 346 7.91 12.97 35.36
CA MSE C 346 7.87 12.12 36.54
C MSE C 346 9.16 12.06 37.35
O MSE C 346 9.29 11.24 38.25
CB MSE C 346 7.50 10.68 36.12
CG MSE C 346 6.05 10.48 35.73
SE MSE C 346 5.67 8.62 35.23
CE MSE C 346 3.73 8.63 35.42
H MSE C 346 8.47 12.71 34.76
HA MSE C 346 7.20 12.51 37.12
HB2 MSE C 346 8.04 10.43 35.37
HB3 MSE C 346 7.68 10.09 36.87
HG2 MSE C 346 5.48 10.71 36.47
HG3 MSE C 346 5.84 11.04 34.97
HE1 MSE C 346 3.38 7.76 35.16
HE2 MSE C 346 3.50 8.82 36.33
HE3 MSE C 346 3.36 9.31 34.83
N VAL C 347 10.13 12.93 37.05
CA VAL C 347 11.41 12.92 37.74
C VAL C 347 11.81 14.35 38.10
N TYR C 348 12.67 14.45 39.11
CA TYR C 348 13.18 15.73 39.61
C TYR C 348 14.53 16.03 38.97
N HIS C 349 14.68 17.26 38.49
CA HIS C 349 15.92 17.71 37.87
C HIS C 349 16.62 18.73 38.77
N GLU C 350 17.95 18.60 38.86
CA GLU C 350 18.73 19.46 39.75
C GLU C 350 18.54 20.93 39.39
N SER C 351 18.58 21.26 38.11
CA SER C 351 18.40 22.63 37.66
C SER C 351 18.03 22.61 36.19
N PRO C 352 17.55 23.73 35.65
CA PRO C 352 17.26 23.76 34.20
C PRO C 352 18.47 23.44 33.36
N GLU C 353 19.65 23.87 33.79
CA GLU C 353 20.86 23.54 33.05
C GLU C 353 21.06 22.03 32.98
N THR C 354 20.88 21.34 34.10
CA THR C 354 20.99 19.88 34.08
C THR C 354 19.92 19.25 33.20
N PHE C 355 18.71 19.82 33.22
CA PHE C 355 17.62 19.25 32.42
C PHE C 355 18.00 19.24 30.94
N LEU C 356 18.67 20.29 30.47
CA LEU C 356 19.05 20.33 29.06
C LEU C 356 20.14 19.30 28.77
N GLU C 357 21.07 19.09 29.71
CA GLU C 357 22.10 18.07 29.52
C GLU C 357 21.46 16.69 29.42
N TRP C 358 20.50 16.40 30.29
CA TRP C 358 19.82 15.11 30.26
C TRP C 358 19.00 14.94 28.99
N SER C 359 18.42 16.02 28.48
CA SER C 359 17.57 15.92 27.29
C SER C 359 18.41 15.51 26.08
N LYS C 360 19.58 16.11 25.93
CA LYS C 360 20.45 15.72 24.82
C LYS C 360 20.79 14.24 24.87
N PHE C 361 21.11 13.73 26.05
CA PHE C 361 21.47 12.33 26.19
C PHE C 361 20.28 11.44 25.89
N VAL C 362 19.11 11.77 26.46
CA VAL C 362 17.93 10.93 26.26
C VAL C 362 17.60 10.82 24.79
N TYR C 363 17.51 11.96 24.11
CA TYR C 363 17.08 11.95 22.71
C TYR C 363 18.11 11.33 21.79
N ALA C 364 19.40 11.47 22.11
CA ALA C 364 20.43 10.86 21.28
C ALA C 364 20.31 9.35 21.27
N LEU C 365 20.07 8.75 22.43
CA LEU C 365 20.03 7.29 22.56
C LEU C 365 18.62 6.73 22.65
N LYS C 366 17.59 7.57 22.70
CA LYS C 366 16.22 7.06 22.82
C LYS C 366 15.86 6.21 21.61
N LEU C 367 15.04 5.19 21.84
CA LEU C 367 14.57 4.31 20.78
C LEU C 367 13.05 4.27 20.78
N GLU C 368 12.48 3.90 19.63
CA GLU C 368 11.04 3.72 19.50
C GLU C 368 10.73 2.69 18.41
N PHE D 8 -34.86 18.56 -9.05
CA PHE D 8 -35.99 18.72 -8.13
C PHE D 8 -35.62 19.63 -6.96
N TRP D 9 -34.38 19.53 -6.49
CA TRP D 9 -33.85 20.37 -5.43
C TRP D 9 -32.65 21.14 -5.97
N THR D 10 -32.57 22.43 -5.65
CA THR D 10 -31.45 23.24 -6.09
C THR D 10 -31.15 24.29 -5.03
N PRO D 11 -29.90 24.76 -4.93
CA PRO D 11 -29.57 25.75 -3.89
C PRO D 11 -29.77 27.19 -4.33
N LYS D 12 -30.55 27.40 -5.39
CA LYS D 12 -30.80 28.76 -5.87
C LYS D 12 -31.53 29.57 -4.81
N ARG D 13 -32.54 28.99 -4.16
CA ARG D 13 -33.27 29.71 -3.13
C ARG D 13 -32.38 30.06 -1.96
N LEU D 14 -31.52 29.13 -1.54
CA LEU D 14 -30.67 29.37 -0.38
C LEU D 14 -29.65 30.46 -0.66
N LEU D 15 -29.10 30.51 -1.87
CA LEU D 15 -28.08 31.50 -2.19
C LEU D 15 -28.63 32.91 -2.16
N GLU D 16 -29.92 33.08 -2.49
CA GLU D 16 -30.54 34.40 -2.38
C GLU D 16 -30.53 34.89 -0.93
N THR D 17 -30.67 33.99 0.03
CA THR D 17 -30.69 34.38 1.43
C THR D 17 -29.32 34.90 1.85
N ASP D 18 -29.32 35.72 2.91
CA ASP D 18 -28.09 36.33 3.39
C ASP D 18 -27.12 35.31 3.97
N ASP D 19 -27.64 34.23 4.55
CA ASP D 19 -26.76 33.27 5.22
C ASP D 19 -25.74 32.71 4.24
N ARG D 20 -24.52 32.49 4.73
CA ARG D 20 -23.44 31.92 3.93
C ARG D 20 -23.15 30.47 4.27
N ILE D 21 -23.82 29.90 5.27
CA ILE D 21 -23.62 28.52 5.68
C ILE D 21 -24.97 27.80 5.59
N PHE D 22 -24.98 26.66 4.89
CA PHE D 22 -26.21 25.89 4.70
C PHE D 22 -25.96 24.42 5.01
N LEU D 23 -26.98 23.78 5.59
CA LEU D 23 -26.96 22.35 5.87
C LEU D 23 -28.16 21.71 5.17
N VAL D 24 -27.90 20.80 4.24
CA VAL D 24 -28.93 20.12 3.46
C VAL D 24 -28.91 18.65 3.84
N VAL D 25 -30.03 18.16 4.37
CA VAL D 25 -30.15 16.78 4.83
C VAL D 25 -31.32 16.12 4.10
N GLY D 26 -31.14 14.85 3.78
CA GLY D 26 -32.17 14.09 3.09
C GLY D 26 -32.07 14.23 1.59
N GLY D 27 -33.11 13.75 0.92
CA GLY D 27 -33.19 13.85 -0.53
C GLY D 27 -32.08 13.12 -1.25
N ARG D 28 -31.76 11.89 -0.82
CA ARG D 28 -30.73 11.12 -1.53
C ARG D 28 -31.19 10.83 -2.94
N GLY D 29 -30.25 10.91 -3.89
CA GLY D 29 -30.57 10.72 -5.28
C GLY D 29 -31.27 11.89 -5.92
N VAL D 30 -31.33 13.04 -5.24
CA VAL D 30 -31.93 14.25 -5.76
C VAL D 30 -30.90 15.16 -6.40
N GLY D 31 -29.66 14.68 -6.53
CA GLY D 31 -28.59 15.46 -7.12
C GLY D 31 -28.25 16.72 -6.34
N LYS D 32 -28.05 16.58 -5.04
CA LYS D 32 -27.62 17.72 -4.23
C LYS D 32 -26.25 18.20 -4.67
N THR D 33 -25.32 17.28 -4.89
CA THR D 33 -23.99 17.64 -5.37
C THR D 33 -24.07 18.30 -6.75
N PHE D 34 -24.89 17.74 -7.64
CA PHE D 34 -25.03 18.29 -8.98
C PHE D 34 -25.50 19.74 -8.96
N ASN D 35 -26.59 20.02 -8.26
CA ASN D 35 -27.16 21.36 -8.28
C ASN D 35 -26.25 22.37 -7.60
N VAL D 36 -25.60 21.99 -6.51
CA VAL D 36 -24.67 22.91 -5.87
C VAL D 36 -23.51 23.22 -6.81
N THR D 37 -22.99 22.19 -7.48
CA THR D 37 -21.88 22.39 -8.43
C THR D 37 -22.35 23.14 -9.66
N GLY D 38 -23.56 22.88 -10.13
CA GLY D 38 -24.04 23.50 -11.36
C GLY D 38 -24.29 24.99 -11.20
N GLU D 39 -24.92 25.39 -10.08
CA GLU D 39 -25.17 26.80 -9.85
C GLU D 39 -23.88 27.58 -9.70
N ALA D 40 -22.85 26.95 -9.13
CA ALA D 40 -21.57 27.64 -8.94
C ALA D 40 -20.85 27.87 -10.26
N LEU D 41 -21.09 27.01 -11.27
CA LEU D 41 -20.28 27.03 -12.49
C LEU D 41 -20.10 28.45 -13.03
N ASP D 42 -21.18 29.21 -13.10
CA ASP D 42 -21.09 30.57 -13.64
C ASP D 42 -20.02 31.37 -12.91
N ASP D 43 -19.93 31.21 -11.59
CA ASP D 43 -18.90 31.89 -10.82
C ASP D 43 -17.53 31.31 -11.11
N LEU D 44 -17.41 29.98 -11.11
CA LEU D 44 -16.08 29.39 -11.31
C LEU D 44 -15.56 29.69 -12.71
N PHE D 45 -16.43 29.64 -13.71
CA PHE D 45 -16.00 29.81 -15.10
C PHE D 45 -15.58 31.25 -15.37
N PHE D 46 -16.36 32.23 -14.89
CA PHE D 46 -16.14 33.63 -15.29
C PHE D 46 -15.88 34.59 -14.15
N ASN D 47 -16.06 34.19 -12.89
CA ASN D 47 -15.83 35.09 -11.76
C ASN D 47 -14.52 34.83 -11.03
N ASN D 48 -13.66 33.96 -11.56
CA ASN D 48 -12.32 33.76 -11.03
C ASN D 48 -12.35 33.27 -9.58
N VAL D 49 -13.29 32.38 -9.26
CA VAL D 49 -13.40 31.81 -7.93
C VAL D 49 -13.34 30.29 -8.06
N SER D 50 -12.65 29.66 -7.12
CA SER D 50 -12.47 28.22 -7.11
C SER D 50 -13.46 27.57 -6.15
N MSE D 51 -13.50 26.24 -6.20
CA MSE D 51 -14.37 25.46 -5.33
C MSE D 51 -13.55 24.32 -4.72
O MSE D 51 -12.59 23.86 -5.31
CB MSE D 51 -15.57 24.90 -6.12
CG MSE D 51 -16.51 24.04 -5.31
SE MSE D 51 -17.71 22.96 -6.43
CE MSE D 51 -17.81 21.37 -5.31
H MSE D 51 -13.03 25.77 -6.73
HA MSE D 51 -14.75 26.01 -4.63
HB2 MSE D 51 -16.08 25.65 -6.46
HB3 MSE D 51 -15.22 24.37 -6.85
HG2 MSE D 51 -15.98 23.42 -4.77
HG3 MSE D 51 -17.05 24.60 -4.74
HE1 MSE D 51 -18.45 20.75 -5.70
HE2 MSE D 51 -16.93 20.96 -5.27
HE3 MSE D 51 -18.10 21.63 -4.42
N VAL D 52 -13.93 23.89 -3.51
CA VAL D 52 -13.28 22.78 -2.84
C VAL D 52 -14.32 21.73 -2.50
N TYR D 53 -14.07 20.49 -2.91
CA TYR D 53 -14.93 19.36 -2.60
C TYR D 53 -14.29 18.58 -1.46
N LEU D 54 -15.01 18.46 -0.35
CA LEU D 54 -14.46 17.87 0.86
C LEU D 54 -15.12 16.54 1.18
N ARG D 55 -14.33 15.61 1.69
CA ARG D 55 -14.79 14.30 2.12
C ARG D 55 -14.08 13.95 3.41
N ARG D 56 -14.73 13.15 4.25
CA ARG D 56 -14.16 12.83 5.55
C ARG D 56 -12.87 12.03 5.41
N LEU D 57 -12.85 11.04 4.53
CA LEU D 57 -11.73 10.12 4.41
C LEU D 57 -11.15 10.16 3.00
N GLY D 58 -9.84 9.89 2.93
CA GLY D 58 -9.20 9.83 1.63
C GLY D 58 -9.85 8.79 0.74
N VAL D 59 -10.29 7.70 1.35
CA VAL D 59 -10.91 6.61 0.61
C VAL D 59 -12.11 7.12 -0.20
N GLU D 60 -12.85 8.08 0.36
CA GLU D 60 -14.00 8.66 -0.31
C GLU D 60 -13.62 9.37 -1.61
N ILE D 61 -12.45 10.01 -1.63
CA ILE D 61 -11.98 10.75 -2.81
C ILE D 61 -11.21 9.84 -3.75
N ASP D 62 -10.40 8.94 -3.21
CA ASP D 62 -9.62 8.06 -4.07
C ASP D 62 -10.50 7.23 -4.99
N GLU D 63 -11.62 6.71 -4.47
CA GLU D 63 -12.55 5.98 -5.30
C GLU D 63 -13.40 6.90 -6.18
N LEU D 64 -13.44 8.19 -5.88
CA LEU D 64 -14.27 9.11 -6.65
C LEU D 64 -13.72 9.27 -8.06
N GLU D 65 -14.63 9.39 -9.02
CA GLU D 65 -14.29 9.61 -10.43
C GLU D 65 -14.29 11.11 -10.69
N LYS D 66 -13.11 11.73 -10.62
CA LYS D 66 -13.01 13.19 -10.72
C LYS D 66 -13.45 13.68 -12.11
N ASN D 67 -13.10 12.96 -13.16
CA ASN D 67 -13.41 13.40 -14.52
C ASN D 67 -14.92 13.53 -14.72
N ASN D 68 -15.69 12.66 -14.08
CA ASN D 68 -17.14 12.72 -14.22
C ASN D 68 -17.76 13.62 -13.17
N PHE D 69 -16.93 14.38 -12.44
CA PHE D 69 -17.47 15.36 -11.51
C PHE D 69 -18.29 16.40 -12.27
N ILE D 70 -17.80 16.84 -13.42
CA ILE D 70 -18.54 17.67 -14.35
C ILE D 70 -18.83 16.87 -15.60
N THR D 71 -20.11 16.84 -16.00
CA THR D 71 -20.60 16.01 -17.08
C THR D 71 -21.13 16.87 -18.21
N GLU D 72 -21.19 16.29 -19.41
CA GLU D 72 -21.77 16.99 -20.54
C GLU D 72 -23.21 17.37 -20.26
N GLU D 73 -23.98 16.44 -19.68
CA GLU D 73 -25.37 16.73 -19.32
C GLU D 73 -25.43 17.93 -18.38
N MSE D 74 -24.49 18.02 -17.44
CA MSE D 74 -24.47 19.10 -16.46
C MSE D 74 -24.32 20.47 -17.12
O MSE D 74 -25.06 21.41 -16.81
CB MSE D 74 -23.35 18.87 -15.45
CG MSE D 74 -23.07 20.04 -14.53
SE MSE D 74 -22.13 19.50 -12.91
CE MSE D 74 -20.92 21.02 -12.73
H MSE D 74 -23.85 17.46 -17.35
HA MSE D 74 -25.32 19.11 -15.98
HB2 MSE D 74 -23.58 18.12 -14.90
HB3 MSE D 74 -22.53 18.69 -15.95
HG2 MSE D 74 -22.52 20.69 -15.00
HG3 MSE D 74 -23.91 20.46 -14.27
HE1 MSE D 74 -20.27 20.83 -12.03
HE2 MSE D 74 -20.47 21.17 -13.57
HE3 MSE D 74 -21.43 21.81 -12.50
N LEU D 75 -23.37 20.57 -18.05
CA LEU D 75 -23.17 21.83 -18.76
C LEU D 75 -24.41 22.23 -19.55
N ARG D 76 -25.07 21.26 -20.19
CA ARG D 76 -26.23 21.58 -21.02
C ARG D 76 -27.38 22.12 -20.17
N VAL D 77 -27.63 21.51 -19.02
CA VAL D 77 -28.78 21.90 -18.21
C VAL D 77 -28.65 23.34 -17.74
N TYR D 78 -27.48 23.70 -17.21
CA TYR D 78 -27.31 25.02 -16.62
C TYR D 78 -27.07 26.11 -17.65
N PHE D 79 -26.41 25.80 -18.77
CA PHE D 79 -26.17 26.82 -19.78
C PHE D 79 -27.12 26.68 -20.98
N GLY D 80 -27.83 25.58 -21.10
CA GLY D 80 -28.82 25.45 -22.16
C GLY D 80 -28.28 25.84 -23.52
N ASN D 81 -29.03 26.70 -24.21
CA ASN D 81 -28.68 27.13 -25.55
C ASN D 81 -27.31 27.78 -25.59
N ARG D 82 -26.92 28.47 -24.52
CA ARG D 82 -25.64 29.15 -24.50
C ARG D 82 -24.48 28.18 -24.68
N PHE D 83 -24.67 26.94 -24.28
CA PHE D 83 -23.68 25.87 -24.37
C PHE D 83 -23.85 25.10 -25.67
N SER D 84 -22.73 24.78 -26.31
CA SER D 84 -22.74 24.14 -27.61
C SER D 84 -21.38 23.50 -27.85
N ASP D 85 -21.30 22.71 -28.94
CA ASP D 85 -20.06 22.19 -29.49
C ASP D 85 -19.34 21.19 -28.55
N PHE D 86 -20.08 20.49 -27.67
CA PHE D 86 -19.47 19.47 -26.80
C PHE D 86 -19.58 18.14 -27.53
N ASN D 87 -18.59 17.84 -28.39
CA ASN D 87 -18.53 16.52 -29.02
C ASN D 87 -17.11 15.97 -29.01
N ALA D 88 -16.26 16.47 -28.12
CA ALA D 88 -14.83 16.17 -28.14
C ALA D 88 -14.40 15.66 -26.76
N ASP D 89 -13.83 14.45 -26.74
CA ASP D 89 -13.16 13.91 -25.56
C ASP D 89 -11.87 13.30 -26.04
N GLU D 90 -10.73 13.79 -25.54
CA GLU D 90 -9.44 13.43 -26.11
C GLU D 90 -8.65 12.44 -25.28
N SER D 91 -9.29 11.79 -24.31
CA SER D 91 -8.60 10.86 -23.42
C SER D 91 -7.55 11.58 -22.58
N LYS D 92 -7.49 12.90 -22.72
CA LYS D 92 -6.60 13.75 -21.94
C LYS D 92 -7.30 14.36 -20.75
N GLN D 93 -8.50 13.89 -20.42
CA GLN D 93 -9.32 14.48 -19.38
C GLN D 93 -9.75 15.88 -19.78
N ILE D 94 -9.95 16.10 -21.09
CA ILE D 94 -10.23 17.40 -21.65
C ILE D 94 -11.62 17.37 -22.25
N MSE D 95 -12.44 18.36 -21.91
CA MSE D 95 -13.79 18.49 -22.44
C MSE D 95 -13.91 19.83 -23.18
O MSE D 95 -13.94 20.88 -22.54
CB MSE D 95 -14.83 18.42 -21.33
CG MSE D 95 -14.98 17.07 -20.65
SE MSE D 95 -16.43 17.15 -19.35
CE MSE D 95 -16.84 15.25 -19.16
H MSE D 95 -12.23 18.98 -21.35
HA MSE D 95 -13.97 17.76 -23.06
HB2 MSE D 95 -14.59 19.06 -20.65
HB3 MSE D 95 -15.70 18.65 -21.71
HG2 MSE D 95 -15.19 16.39 -21.32
HG3 MSE D 95 -14.15 16.84 -20.19
HE1 MSE D 95 -17.56 15.15 -18.52
HE2 MSE D 95 -17.13 14.90 -20.03
HE3 MSE D 95 -16.06 14.78 -18.86
N ARG D 96 -13.98 19.79 -24.51
CA ARG D 96 -14.00 21.00 -25.33
C ARG D 96 -15.43 21.32 -25.75
N PHE D 97 -15.90 22.52 -25.40
CA PHE D 97 -17.30 22.91 -25.65
C PHE D 97 -17.36 24.42 -25.83
N SER D 98 -18.57 24.93 -26.09
CA SER D 98 -18.79 26.35 -26.36
C SER D 98 -19.83 26.95 -25.43
N ILE D 99 -19.50 28.10 -24.83
CA ILE D 99 -20.49 28.88 -24.08
C ILE D 99 -20.47 30.32 -24.61
N ASP D 100 -21.62 30.79 -25.08
CA ASP D 100 -21.77 32.14 -25.61
C ASP D 100 -20.87 32.39 -26.82
N GLY D 101 -20.50 31.33 -27.53
CA GLY D 101 -19.64 31.44 -28.69
C GLY D 101 -18.16 31.37 -28.40
N ALA D 102 -17.76 31.44 -27.13
CA ALA D 102 -16.36 31.30 -26.77
C ALA D 102 -15.98 29.83 -26.66
N ILE D 103 -14.69 29.57 -26.81
CA ILE D 103 -14.13 28.22 -26.74
C ILE D 103 -13.53 28.02 -25.36
N HIS D 104 -14.06 27.06 -24.62
CA HIS D 104 -13.59 26.73 -23.28
C HIS D 104 -13.25 25.25 -23.22
N GLU D 105 -12.18 24.93 -22.47
CA GLU D 105 -11.75 23.55 -22.28
C GLU D 105 -11.53 23.29 -20.80
N ILE D 106 -12.10 22.18 -20.32
CA ILE D 106 -11.99 21.74 -18.93
C ILE D 106 -11.09 20.52 -18.89
N LYS D 107 -10.00 20.61 -18.11
CA LYS D 107 -9.06 19.51 -17.99
C LYS D 107 -8.97 19.10 -16.52
N ALA D 108 -9.11 17.81 -16.27
CA ALA D 108 -9.05 17.22 -14.94
C ALA D 108 -7.80 16.35 -14.84
N ILE D 109 -6.89 16.72 -13.95
CA ILE D 109 -5.64 15.98 -13.75
C ILE D 109 -5.46 15.75 -12.26
N ARG D 110 -5.30 14.48 -11.87
CA ARG D 110 -5.02 14.09 -10.49
C ARG D 110 -6.18 14.56 -9.62
N ASN D 111 -5.94 15.28 -8.52
CA ASN D 111 -6.96 15.71 -7.58
C ASN D 111 -7.49 17.11 -7.88
N LYS D 112 -7.30 17.60 -9.09
CA LYS D 112 -7.75 18.92 -9.48
C LYS D 112 -8.53 18.86 -10.78
N ILE D 113 -9.46 19.80 -10.95
CA ILE D 113 -10.14 20.03 -12.20
C ILE D 113 -9.83 21.44 -12.66
N PHE D 114 -9.41 21.58 -13.91
CA PHE D 114 -8.96 22.84 -14.46
C PHE D 114 -9.93 23.30 -15.54
N PHE D 115 -10.28 24.59 -15.52
CA PHE D 115 -11.12 25.21 -16.55
C PHE D 115 -10.29 26.28 -17.23
N ASP D 116 -9.96 26.06 -18.51
CA ASP D 116 -9.15 27.02 -19.27
C ASP D 116 -7.83 27.30 -18.58
N ASP D 117 -7.15 26.23 -18.17
CA ASP D 117 -5.82 26.28 -17.55
C ASP D 117 -5.83 26.89 -16.15
N ARG D 118 -6.98 26.94 -15.50
CA ARG D 118 -7.07 27.45 -14.13
C ARG D 118 -7.82 26.45 -13.28
N CYS D 119 -7.20 26.03 -12.17
CA CYS D 119 -7.86 25.07 -11.29
C CYS D 119 -9.10 25.69 -10.68
N ILE D 120 -10.24 25.00 -10.84
CA ILE D 120 -11.50 25.47 -10.31
C ILE D 120 -12.07 24.55 -9.23
N VAL D 121 -11.61 23.31 -9.13
CA VAL D 121 -12.08 22.39 -8.10
C VAL D 121 -10.88 21.69 -7.47
N TYR D 122 -10.86 21.63 -6.14
CA TYR D 122 -9.85 20.92 -5.38
C TYR D 122 -10.55 19.80 -4.60
N PHE D 123 -9.95 18.61 -4.59
CA PHE D 123 -10.45 17.48 -3.81
C PHE D 123 -9.54 17.28 -2.61
N ILE D 124 -10.12 17.30 -1.41
CA ILE D 124 -9.35 17.21 -0.18
C ILE D 124 -10.05 16.26 0.79
N ALA D 125 -9.26 15.64 1.65
CA ALA D 125 -9.77 14.74 2.67
C ALA D 125 -9.48 15.34 4.04
N LEU D 126 -10.50 15.38 4.90
CA LEU D 126 -10.35 15.99 6.22
C LEU D 126 -9.23 15.32 7.02
N SER D 127 -8.99 14.03 6.78
CA SER D 127 -7.91 13.34 7.48
C SER D 127 -6.57 13.97 7.18
N ARG D 128 -6.36 14.44 5.96
CA ARG D 128 -5.10 15.02 5.53
C ARG D 128 -5.09 16.54 5.64
N ALA D 129 -6.12 17.15 6.23
CA ALA D 129 -6.18 18.60 6.31
C ALA D 129 -5.03 19.14 7.16
N GLY D 130 -4.67 18.43 8.22
CA GLY D 130 -3.62 18.89 9.11
C GLY D 130 -2.30 19.12 8.38
N HIS D 131 -1.96 18.23 7.45
CA HIS D 131 -0.69 18.35 6.75
C HIS D 131 -0.68 19.51 5.77
N VAL D 132 -1.87 19.96 5.33
CA VAL D 132 -1.97 21.04 4.35
C VAL D 132 -2.19 22.38 5.03
N LYS D 133 -1.65 22.56 6.22
CA LYS D 133 -1.88 23.83 6.90
C LYS D 133 -1.16 24.97 6.19
N SER D 134 -0.04 24.65 5.52
CA SER D 134 0.72 25.63 4.77
C SER D 134 0.28 25.72 3.31
N ASN D 135 -0.62 24.85 2.86
CA ASN D 135 -1.05 24.88 1.47
C ASN D 135 -1.79 26.18 1.17
N ASN D 136 -1.68 26.62 -0.09
CA ASN D 136 -2.26 27.88 -0.54
C ASN D 136 -3.36 27.60 -1.56
N TYR D 137 -4.53 28.17 -1.33
CA TYR D 137 -5.69 28.06 -2.22
C TYR D 137 -6.14 29.47 -2.59
N PRO D 138 -5.69 30.03 -3.71
CA PRO D 138 -5.84 31.48 -3.92
C PRO D 138 -7.27 32.01 -3.86
N ASP D 139 -8.19 31.48 -4.68
CA ASP D 139 -9.50 32.12 -4.86
C ASP D 139 -10.67 31.19 -4.61
N VAL D 140 -10.70 30.49 -3.48
CA VAL D 140 -11.79 29.58 -3.16
C VAL D 140 -12.98 30.36 -2.61
N LYS D 141 -14.14 30.22 -3.25
CA LYS D 141 -15.38 30.85 -2.80
C LYS D 141 -16.41 29.85 -2.29
N TYR D 142 -16.30 28.58 -2.68
CA TYR D 142 -17.27 27.56 -2.33
C TYR D 142 -16.55 26.38 -1.67
N LEU D 143 -17.12 25.88 -0.58
CA LEU D 143 -16.65 24.66 0.07
C LEU D 143 -17.85 23.75 0.25
N VAL D 144 -17.77 22.54 -0.32
CA VAL D 144 -18.86 21.57 -0.25
C VAL D 144 -18.36 20.35 0.50
N PHE D 145 -19.03 20.05 1.62
CA PHE D 145 -18.74 18.88 2.45
C PHE D 145 -19.86 17.88 2.18
N ASP D 146 -19.62 16.99 1.22
CA ASP D 146 -20.64 16.02 0.83
C ASP D 146 -20.61 14.81 1.77
N GLU D 147 -21.78 14.20 1.96
CA GLU D 147 -21.92 13.04 2.84
C GLU D 147 -21.36 13.36 4.23
N VAL D 148 -21.70 14.55 4.72
CA VAL D 148 -21.11 15.06 5.96
C VAL D 148 -21.42 14.12 7.12
N ILE D 149 -22.60 13.51 7.14
CA ILE D 149 -23.01 12.61 8.20
C ILE D 149 -22.89 11.17 7.73
N ILE D 150 -22.23 10.32 8.53
CA ILE D 150 -22.00 8.95 8.14
C ILE D 150 -23.32 8.22 7.97
N ASP D 151 -23.40 7.40 6.92
CA ASP D 151 -24.53 6.51 6.67
C ASP D 151 -24.10 5.11 7.08
N ARG D 152 -24.74 4.55 8.11
CA ARG D 152 -24.33 3.25 8.61
C ARG D 152 -24.72 2.13 7.66
N SER D 153 -25.87 2.26 6.99
CA SER D 153 -26.30 1.22 6.05
C SER D 153 -25.33 1.09 4.89
N ILE D 154 -25.04 2.21 4.22
CA ILE D 154 -24.13 2.21 3.08
C ILE D 154 -22.71 1.91 3.52
N MSE D 155 -22.26 2.53 4.61
CA MSE D 155 -20.93 2.31 5.15
C MSE D 155 -21.04 1.62 6.51
O MSE D 155 -21.54 2.21 7.47
CB MSE D 155 -20.18 3.63 5.29
CG MSE D 155 -19.95 4.36 3.97
SE MSE D 155 -19.07 6.08 4.21
CE MSE D 155 -19.24 6.77 2.39
H MSE D 155 -22.73 3.11 5.06
HA MSE D 155 -20.42 1.76 4.56
HB2 MSE D 155 -20.70 4.22 5.87
HB3 MSE D 155 -19.32 3.46 5.69
HG2 MSE D 155 -19.39 3.81 3.40
HG3 MSE D 155 -20.81 4.51 3.54
HE1 MSE D 155 -18.87 7.66 2.36
HE2 MSE D 155 -18.76 6.18 1.79
HE3 MSE D 155 -20.18 6.79 2.15
N PRO D 156 -20.56 0.37 6.61
CA PRO D 156 -20.80 -0.40 7.84
C PRO D 156 -20.07 0.15 9.05
N ASN D 157 -18.75 0.43 8.93
CA ASN D 157 -17.95 0.87 10.07
C ASN D 157 -17.04 2.03 9.62
N ALA D 158 -17.64 3.21 9.48
CA ALA D 158 -16.91 4.45 9.24
C ALA D 158 -16.92 5.26 10.53
N ARG D 159 -15.76 5.77 10.92
CA ARG D 159 -15.59 6.47 12.19
C ARG D 159 -15.18 7.92 11.94
N TYR D 160 -15.78 8.82 12.70
CA TYR D 160 -15.46 10.24 12.59
C TYR D 160 -14.03 10.51 13.06
N ILE D 161 -13.46 11.60 12.54
CA ILE D 161 -12.09 11.96 12.89
C ILE D 161 -12.05 12.53 14.30
N ARG D 162 -10.94 12.32 14.98
CA ARG D 162 -10.76 12.85 16.32
C ARG D 162 -10.80 14.38 16.27
N ASN D 163 -11.65 14.97 17.11
CA ASN D 163 -11.84 16.42 17.13
C ASN D 163 -12.16 16.94 15.73
N GLU D 164 -13.11 16.26 15.08
CA GLU D 164 -13.39 16.52 13.67
C GLU D 164 -13.79 17.97 13.44
N PHE D 165 -14.67 18.52 14.28
CA PHE D 165 -15.16 19.86 14.03
C PHE D 165 -14.04 20.89 14.13
N THR D 166 -13.12 20.70 15.08
CA THR D 166 -11.97 21.60 15.15
C THR D 166 -11.11 21.48 13.90
N VAL D 167 -10.95 20.25 13.39
CA VAL D 167 -10.22 20.05 12.15
C VAL D 167 -10.96 20.73 11.00
N LEU D 168 -12.29 20.63 10.99
CA LEU D 168 -13.07 21.29 9.95
C LEU D 168 -12.93 22.80 10.04
N LEU D 169 -13.08 23.36 11.25
CA LEU D 169 -13.00 24.81 11.40
C LEU D 169 -11.62 25.32 10.99
N ASN D 170 -10.56 24.57 11.33
CA ASN D 170 -9.23 24.95 10.87
C ASN D 170 -9.15 24.93 9.35
N LEU D 171 -9.78 23.94 8.71
CA LEU D 171 -9.77 23.89 7.25
C LEU D 171 -10.53 25.06 6.65
N ILE D 172 -11.64 25.46 7.28
CA ILE D 172 -12.37 26.62 6.80
C ILE D 172 -11.45 27.84 6.83
N GLU D 173 -10.67 27.98 7.89
CA GLU D 173 -9.76 29.10 8.01
C GLU D 173 -8.66 29.04 6.95
N THR D 174 -8.09 27.86 6.72
CA THR D 174 -7.03 27.73 5.72
C THR D 174 -7.56 27.99 4.33
N ILE D 175 -8.71 27.40 3.99
CA ILE D 175 -9.28 27.57 2.65
C ILE D 175 -9.82 28.98 2.48
N LYS D 176 -10.34 29.57 3.56
CA LYS D 176 -10.97 30.89 3.53
C LYS D 176 -10.13 31.84 4.39
N ARG D 177 -9.50 32.81 3.74
CA ARG D 177 -8.66 33.78 4.43
C ARG D 177 -9.05 35.17 3.96
N LYS D 178 -9.49 36.02 4.89
CA LYS D 178 -9.84 37.40 4.61
C LYS D 178 -10.84 37.51 3.45
N ARG D 179 -11.73 36.52 3.32
CA ARG D 179 -12.74 36.52 2.27
C ARG D 179 -14.12 36.66 2.90
N GLU D 180 -14.78 37.79 2.65
CA GLU D 180 -16.17 37.94 3.07
C GLU D 180 -17.09 37.08 2.22
N ASP D 181 -16.81 36.97 0.92
CA ASP D 181 -17.67 36.25 -0.02
C ASP D 181 -17.23 34.79 -0.05
N PHE D 182 -17.80 33.99 0.84
CA PHE D 182 -17.49 32.57 0.93
C PHE D 182 -18.79 31.82 1.25
N TYR D 183 -18.89 30.61 0.73
CA TYR D 183 -20.07 29.78 0.94
C TYR D 183 -19.64 28.37 1.33
N LEU D 184 -20.36 27.80 2.30
CA LEU D 184 -20.13 26.44 2.77
C LEU D 184 -21.42 25.65 2.66
N PHE D 185 -21.34 24.49 2.02
CA PHE D 185 -22.49 23.60 1.83
C PHE D 185 -22.18 22.27 2.49
N MSE D 186 -23.01 21.89 3.46
CA MSE D 186 -22.91 20.60 4.11
C MSE D 186 -24.06 19.71 3.64
O MSE D 186 -25.23 20.02 3.90
CB MSE D 186 -22.96 20.74 5.62
CG MSE D 186 -21.61 21.06 6.26
SE MSE D 186 -21.85 21.92 8.00
CE MSE D 186 -20.05 21.68 8.72
H MSE D 186 -23.65 22.37 3.75
HA MSE D 186 -22.06 20.18 3.90
HB2 MSE D 186 -23.56 21.47 5.84
HB3 MSE D 186 -23.27 19.91 6.01
HG2 MSE D 186 -21.12 20.24 6.39
HG3 MSE D 186 -21.12 21.67 5.68
HE1 MSE D 186 -20.03 22.03 9.62
HE2 MSE D 186 -19.84 20.73 8.73
HE3 MSE D 186 -19.43 22.15 8.16
N LEU D 187 -23.73 18.64 2.93
CA LEU D 187 -24.72 17.76 2.33
C LEU D 187 -24.67 16.40 3.02
N SER D 188 -25.82 15.95 3.51
CA SER D 188 -25.94 14.68 4.22
C SER D 188 -27.11 13.91 3.64
N ASN D 189 -26.88 12.63 3.34
CA ASN D 189 -27.99 11.78 2.90
C ASN D 189 -28.88 11.37 4.06
N VAL D 190 -28.31 11.19 5.24
CA VAL D 190 -29.04 10.78 6.43
C VAL D 190 -28.80 11.81 7.52
N GLY D 191 -29.83 12.07 8.32
CA GLY D 191 -29.73 13.00 9.43
C GLY D 191 -30.03 12.35 10.76
N GLU D 192 -29.05 12.38 11.68
CA GLU D 192 -29.22 11.76 12.98
C GLU D 192 -28.39 12.53 13.99
N ASN D 193 -28.69 12.32 15.27
CA ASN D 193 -27.95 12.95 16.34
C ASN D 193 -26.73 12.10 16.71
N PHE D 194 -25.94 12.59 17.67
CA PHE D 194 -24.75 11.93 18.15
C PHE D 194 -23.61 11.95 17.12
N ASN D 195 -23.53 13.01 16.33
CA ASN D 195 -22.40 13.19 15.43
C ASN D 195 -21.71 14.50 15.72
N PRO D 196 -20.38 14.58 15.55
CA PRO D 196 -19.68 15.82 15.88
C PRO D 196 -20.13 17.01 15.06
N ILE D 197 -20.49 16.81 13.79
CA ILE D 197 -20.90 17.91 12.94
C ILE D 197 -22.12 18.62 13.53
N PHE D 198 -23.11 17.85 13.97
CA PHE D 198 -24.29 18.43 14.59
C PHE D 198 -23.94 19.11 15.91
N ALA D 199 -23.01 18.52 16.67
CA ALA D 199 -22.62 19.10 17.94
C ALA D 199 -21.88 20.41 17.74
N GLY D 200 -20.93 20.44 16.81
CA GLY D 200 -20.21 21.68 16.54
C GLY D 200 -21.12 22.80 16.10
N LEU D 201 -22.09 22.49 15.22
CA LEU D 201 -23.04 23.51 14.79
C LEU D 201 -23.93 23.98 15.93
N GLY D 202 -24.22 23.10 16.88
CA GLY D 202 -25.17 23.41 17.92
C GLY D 202 -26.59 23.02 17.58
N TYR D 203 -26.79 22.23 16.53
CA TYR D 203 -28.12 21.85 16.09
C TYR D 203 -28.52 20.51 16.70
N TYR D 204 -29.69 20.48 17.31
CA TYR D 204 -30.31 19.26 17.81
C TYR D 204 -31.42 18.86 16.86
N LEU D 205 -31.34 17.65 16.30
CA LEU D 205 -32.29 17.21 15.29
C LEU D 205 -33.55 16.69 15.96
N THR D 206 -34.70 17.26 15.57
CA THR D 206 -35.99 16.89 16.14
C THR D 206 -36.99 16.74 15.00
N HIS D 207 -37.94 15.82 15.20
CA HIS D 207 -38.95 15.58 14.18
C HIS D 207 -39.75 16.84 13.87
N GLU D 208 -39.99 17.68 14.89
CA GLU D 208 -40.73 18.91 14.66
C GLU D 208 -40.04 19.78 13.63
N ASP D 209 -38.71 19.85 13.68
CA ASP D 209 -37.97 20.66 12.71
C ASP D 209 -38.05 20.07 11.31
N ILE D 210 -37.99 18.73 11.20
CA ILE D 210 -38.03 18.10 9.89
C ILE D 210 -39.34 18.41 9.18
N LYS D 211 -40.46 18.32 9.90
CA LYS D 211 -41.74 18.63 9.29
C LYS D 211 -41.79 20.07 8.81
N LYS D 212 -41.23 20.98 9.61
CA LYS D 212 -41.21 22.39 9.21
C LYS D 212 -40.45 22.59 7.91
N GLY D 213 -39.34 21.87 7.74
CA GLY D 213 -38.57 21.91 6.53
C GLY D 213 -37.55 23.02 6.43
N PHE D 214 -37.63 24.02 7.28
CA PHE D 214 -36.73 25.17 7.24
C PHE D 214 -36.42 25.58 8.67
N VAL D 215 -35.14 25.81 8.95
CA VAL D 215 -34.69 26.23 10.27
C VAL D 215 -33.62 27.29 10.07
N LYS D 216 -33.77 28.42 10.76
CA LYS D 216 -32.83 29.53 10.66
C LYS D 216 -32.11 29.69 11.99
N ARG D 217 -30.81 29.91 11.92
CA ARG D 217 -29.98 30.08 13.09
C ARG D 217 -29.09 31.30 12.90
N GLU D 218 -28.38 31.67 13.97
CA GLU D 218 -27.56 32.88 13.93
C GLU D 218 -26.50 32.79 12.84
N ASP D 219 -25.81 31.64 12.77
CA ASP D 219 -24.68 31.50 11.88
C ASP D 219 -24.91 30.57 10.70
N TYR D 220 -26.04 29.87 10.63
CA TYR D 220 -26.23 28.92 9.54
C TYR D 220 -27.71 28.66 9.34
N CYS D 221 -28.03 28.04 8.20
CA CYS D 221 -29.38 27.71 7.80
C CYS D 221 -29.47 26.22 7.51
N VAL D 222 -30.52 25.57 8.01
CA VAL D 222 -30.73 24.15 7.82
C VAL D 222 -32.00 23.95 7.01
N GLN D 223 -31.90 23.16 5.95
CA GLN D 223 -33.04 22.81 5.11
C GLN D 223 -33.08 21.30 4.96
N PHE D 224 -34.29 20.74 4.98
CA PHE D 224 -34.48 19.30 4.87
C PHE D 224 -35.15 18.94 3.55
N VAL D 225 -34.56 17.99 2.83
CA VAL D 225 -35.05 17.56 1.54
C VAL D 225 -35.74 16.20 1.73
N GLU D 226 -37.03 16.14 1.42
CA GLU D 226 -37.81 14.92 1.50
C GLU D 226 -37.77 14.22 0.15
N ASN D 227 -37.49 12.93 0.16
CA ASN D 227 -37.49 12.20 -1.11
C ASN D 227 -38.87 12.33 -1.73
N LYS D 228 -38.91 12.71 -3.00
CA LYS D 228 -40.18 13.02 -3.64
C LYS D 228 -41.09 11.80 -3.67
N GLN D 229 -42.35 12.03 -3.34
CA GLN D 229 -43.34 10.97 -3.40
C GLN D 229 -43.77 10.81 -4.87
N GLU D 230 -43.87 9.55 -5.29
CA GLU D 230 -44.22 9.21 -6.65
C GLU D 230 -45.10 7.96 -6.68
N GLU D 231 -46.09 7.97 -7.59
CA GLU D 231 -46.81 6.73 -7.82
C GLU D 231 -45.88 5.74 -8.51
N LEU D 232 -46.02 4.47 -8.19
CA LEU D 232 -45.13 3.47 -8.75
C LEU D 232 -45.81 2.76 -9.91
N ASN D 233 -45.23 2.88 -11.10
CA ASN D 233 -45.77 2.18 -12.26
C ASN D 233 -45.47 0.70 -12.11
N MSE D 234 -46.51 -0.11 -12.01
CA MSE D 234 -46.33 -1.54 -11.78
C MSE D 234 -46.35 -2.32 -13.09
O MSE D 234 -46.02 -3.50 -13.11
CB MSE D 234 -47.40 -2.06 -10.83
CG MSE D 234 -47.37 -1.40 -9.46
SE MSE D 234 -45.91 -2.02 -8.30
CE MSE D 234 -46.34 -1.01 -6.69
H MSE D 234 -47.33 0.14 -12.07
HA MSE D 234 -45.47 -1.69 -11.36
HB2 MSE D 234 -48.27 -1.88 -11.22
HB3 MSE D 234 -47.29 -3.01 -10.71
HG2 MSE D 234 -47.27 -0.44 -9.56
HG3 MSE D 234 -48.20 -1.60 -9.00
HE1 MSE D 234 -45.69 -1.21 -6.00
HE2 MSE D 234 -46.33 -0.06 -6.90
HE3 MSE D 234 -47.24 -1.27 -6.39
N THR D 235 -46.73 -1.66 -14.19
CA THR D 235 -46.59 -2.29 -15.49
C THR D 235 -45.12 -2.60 -15.79
N ASP D 236 -44.22 -1.74 -15.33
CA ASP D 236 -42.79 -1.97 -15.48
C ASP D 236 -42.36 -3.09 -14.53
N PRO D 237 -41.68 -4.13 -15.03
CA PRO D 237 -41.28 -5.20 -14.10
C PRO D 237 -40.27 -4.76 -13.06
N PHE D 238 -39.35 -3.87 -13.42
CA PHE D 238 -38.33 -3.43 -12.48
C PHE D 238 -38.96 -2.80 -11.25
N VAL D 239 -40.04 -2.04 -11.43
CA VAL D 239 -40.71 -1.44 -10.28
C VAL D 239 -41.35 -2.52 -9.43
N ARG D 240 -41.96 -3.53 -10.05
CA ARG D 240 -42.57 -4.62 -9.29
C ARG D 240 -41.51 -5.38 -8.51
N LEU D 241 -40.35 -5.61 -9.13
CA LEU D 241 -39.28 -6.33 -8.45
C LEU D 241 -38.81 -5.58 -7.22
N GLY D 242 -38.68 -4.25 -7.33
CA GLY D 242 -38.26 -3.46 -6.19
C GLY D 242 -39.26 -3.49 -5.05
N ALA D 243 -40.56 -3.43 -5.37
CA ALA D 243 -41.57 -3.44 -4.32
C ALA D 243 -41.52 -4.72 -3.51
N LYS D 244 -41.23 -5.85 -4.16
CA LYS D 244 -41.15 -7.12 -3.43
C LYS D 244 -40.01 -7.15 -2.45
N ASN D 245 -38.90 -6.46 -2.75
CA ASN D 245 -37.79 -6.36 -1.81
C ASN D 245 -38.06 -5.23 -0.83
N ARG D 246 -38.36 -5.57 0.42
CA ARG D 246 -38.72 -4.56 1.41
C ARG D 246 -37.53 -3.66 1.73
N ASP D 247 -36.33 -4.23 1.83
CA ASP D 247 -35.17 -3.43 2.21
C ASP D 247 -34.94 -2.28 1.24
N PHE D 248 -35.04 -2.56 -0.07
CA PHE D 248 -34.86 -1.49 -1.04
C PHE D 248 -35.94 -0.43 -0.92
N SER D 249 -37.20 -0.85 -0.75
CA SER D 249 -38.29 0.12 -0.64
C SER D 249 -38.13 0.98 0.59
N ASN D 250 -37.75 0.37 1.72
CA ASN D 250 -37.52 1.13 2.94
C ASN D 250 -36.38 2.13 2.79
N SER D 251 -35.38 1.79 1.98
CA SER D 251 -34.17 2.62 1.89
C SER D 251 -34.49 4.04 1.40
N LYS D 252 -35.42 4.21 0.47
CA LYS D 252 -35.71 5.54 -0.06
C LYS D 252 -36.16 6.50 1.04
N THR D 253 -36.96 6.02 2.00
CA THR D 253 -37.46 6.91 3.05
C THR D 253 -36.71 6.73 4.36
N ASN D 254 -35.50 6.17 4.31
CA ASN D 254 -34.74 5.91 5.52
C ASN D 254 -33.81 7.06 5.90
N ALA D 255 -33.97 8.23 5.27
CA ALA D 255 -33.11 9.37 5.60
C ALA D 255 -33.27 9.77 7.06
N PHE D 256 -34.50 9.76 7.57
CA PHE D 256 -34.81 10.14 8.94
C PHE D 256 -35.41 8.96 9.71
N GLU D 257 -35.04 7.74 9.34
CA GLU D 257 -35.58 6.56 10.00
C GLU D 257 -35.32 6.62 11.50
N ASN D 258 -34.10 6.95 11.89
CA ASN D 258 -33.74 7.08 13.30
C ASN D 258 -32.90 8.33 13.47
N ILE D 259 -33.37 9.25 14.31
CA ILE D 259 -32.64 10.48 14.61
C ILE D 259 -31.87 10.39 15.91
N ARG D 260 -31.81 9.20 16.51
CA ARG D 260 -30.96 8.94 17.68
C ARG D 260 -31.27 9.91 18.82
N THR D 261 -32.54 10.00 19.16
CA THR D 261 -32.95 10.89 20.26
C THR D 261 -32.41 10.35 21.58
N PRO D 262 -31.84 11.20 22.43
CA PRO D 262 -31.36 10.75 23.74
C PRO D 262 -32.41 10.86 24.84
N TYR D 263 -32.15 10.14 25.93
CA TYR D 263 -33.02 10.17 27.09
C TYR D 263 -32.74 11.41 27.93
N PHE D 264 -33.80 12.02 28.46
CA PHE D 264 -33.68 13.25 29.23
C PHE D 264 -34.35 13.10 30.58
N LYS D 265 -33.62 13.42 31.64
CA LYS D 265 -34.19 13.42 32.99
C LYS D 265 -33.30 14.28 33.88
N HIS D 266 -33.89 14.79 34.96
CA HIS D 266 -33.20 15.67 35.90
C HIS D 266 -33.06 14.98 37.24
N TYR D 267 -31.87 15.06 37.83
CA TYR D 267 -31.56 14.45 39.11
C TYR D 267 -31.04 15.52 40.06
N GLY D 268 -31.67 15.63 41.23
CA GLY D 268 -31.33 16.69 42.17
C GLY D 268 -29.98 16.51 42.83
N LYS D 269 -29.61 15.27 43.14
CA LYS D 269 -28.43 15.03 43.95
C LYS D 269 -27.17 15.61 43.29
N LYS D 270 -26.17 15.85 44.12
CA LYS D 270 -24.93 16.47 43.69
C LYS D 270 -24.13 15.53 42.80
N PRO D 271 -23.37 16.07 41.86
CA PRO D 271 -22.63 15.21 40.92
C PRO D 271 -21.42 14.57 41.57
N LYS D 272 -21.03 13.42 41.01
CA LYS D 272 -19.85 12.73 41.51
C LYS D 272 -18.57 13.48 41.15
N LEU D 273 -18.50 14.02 39.94
CA LEU D 273 -17.31 14.73 39.49
C LEU D 273 -17.72 15.87 38.57
N LEU D 274 -16.80 16.83 38.43
CA LEU D 274 -17.02 18.02 37.62
C LEU D 274 -15.80 18.24 36.73
N VAL D 275 -16.04 18.73 35.51
CA VAL D 275 -14.98 19.15 34.60
C VAL D 275 -15.31 20.55 34.11
N LYS D 276 -14.33 21.46 34.19
CA LYS D 276 -14.53 22.84 33.77
C LYS D 276 -14.22 22.95 32.29
N TYR D 277 -15.25 23.25 31.49
CA TYR D 277 -15.09 23.36 30.04
C TYR D 277 -15.90 24.55 29.53
N ASP D 278 -15.22 25.43 28.79
CA ASP D 278 -15.87 26.52 28.07
C ASP D 278 -16.72 27.38 29.00
N ARG D 279 -16.07 27.92 30.04
CA ARG D 279 -16.69 28.85 30.98
C ARG D 279 -17.83 28.24 31.76
N GLN D 280 -17.87 26.92 31.88
CA GLN D 280 -18.93 26.23 32.58
C GLN D 280 -18.34 25.00 33.25
N TYR D 281 -19.16 24.34 34.06
CA TYR D 281 -18.78 23.10 34.73
C TYR D 281 -19.75 22.00 34.31
N LEU D 282 -19.19 20.90 33.80
CA LEU D 282 -19.97 19.73 33.41
C LEU D 282 -19.88 18.71 34.53
N GLY D 283 -21.03 18.16 34.91
CA GLY D 283 -21.07 17.21 36.02
C GLY D 283 -21.74 15.92 35.63
N ILE D 284 -21.25 14.84 36.23
CA ILE D 284 -21.83 13.50 36.08
C ILE D 284 -22.34 13.06 37.45
N ALA D 285 -23.61 12.67 37.52
CA ALA D 285 -24.23 12.25 38.77
C ALA D 285 -24.57 10.77 38.68
N GLU D 286 -24.20 10.02 39.70
CA GLU D 286 -24.46 8.59 39.78
C GLU D 286 -25.45 8.31 40.89
N ARG D 287 -26.54 7.62 40.56
CA ARG D 287 -27.59 7.27 41.49
C ARG D 287 -27.69 5.76 41.65
N LYS D 288 -27.52 5.30 42.90
CA LYS D 288 -27.58 3.88 43.20
C LYS D 288 -29.02 3.39 43.17
N ILE D 289 -29.25 2.32 42.41
CA ILE D 289 -30.56 1.68 42.31
C ILE D 289 -30.33 0.19 42.54
N PRO D 290 -31.37 -0.55 42.96
CA PRO D 290 -31.11 -1.96 43.30
C PRO D 290 -30.48 -2.75 42.17
N SER D 291 -30.92 -2.50 40.93
CA SER D 291 -30.36 -3.24 39.81
C SER D 291 -28.87 -2.93 39.63
N GLY D 292 -28.48 -1.67 39.82
CA GLY D 292 -27.10 -1.28 39.63
C GLY D 292 -26.86 0.18 39.91
N LEU D 293 -26.52 0.93 38.87
CA LEU D 293 -26.24 2.37 38.96
C LEU D 293 -26.92 3.10 37.81
N GLU D 294 -27.34 4.33 38.08
CA GLU D 294 -27.98 5.21 37.11
C GLU D 294 -27.13 6.45 36.89
N TYR D 295 -27.04 6.89 35.63
CA TYR D 295 -26.18 8.00 35.25
C TYR D 295 -26.99 9.20 34.81
N TYR D 296 -26.60 10.39 35.30
CA TYR D 296 -27.19 11.65 34.87
C TYR D 296 -26.06 12.61 34.51
N TYR D 297 -26.17 13.23 33.33
CA TYR D 297 -25.17 14.18 32.86
C TYR D 297 -25.75 15.59 33.01
N GLN D 298 -25.04 16.44 33.75
CA GLN D 298 -25.57 17.74 34.12
C GLN D 298 -24.54 18.84 33.83
N VAL D 299 -25.04 20.07 33.77
CA VAL D 299 -24.23 21.26 33.58
C VAL D 299 -24.57 22.23 34.70
N TYR D 300 -23.55 22.80 35.33
CA TYR D 300 -23.72 23.75 36.43
C TYR D 300 -23.11 25.09 36.03
N LYS D 301 -23.91 26.14 36.14
CA LYS D 301 -23.45 27.47 35.76
C LYS D 301 -22.35 27.96 36.68
N THR D 302 -22.46 27.68 37.98
CA THR D 302 -21.50 28.15 38.97
C THR D 302 -21.21 27.03 39.96
N LEU D 303 -20.05 27.14 40.62
CA LEU D 303 -19.66 26.17 41.65
C LEU D 303 -20.27 26.58 42.99
N ASP D 304 -21.59 26.45 43.06
CA ASP D 304 -22.34 26.77 44.27
C ASP D 304 -22.86 25.46 44.86
N GLY D 305 -22.48 25.18 46.10
CA GLY D 305 -22.83 23.92 46.73
C GLY D 305 -21.98 22.75 46.30
N LEU D 306 -20.90 22.99 45.56
CA LEU D 306 -20.01 21.95 45.07
C LEU D 306 -18.57 22.25 45.52
N GLU D 307 -18.43 22.72 46.75
CA GLU D 307 -17.15 23.24 47.21
C GLU D 307 -16.06 22.16 47.20
N ASN D 308 -16.37 20.96 47.68
CA ASN D 308 -15.36 19.92 47.84
C ASN D 308 -15.34 18.91 46.72
N ILE D 309 -16.19 19.05 45.70
CA ILE D 309 -16.16 18.12 44.58
C ILE D 309 -14.96 18.42 43.70
N THR D 310 -14.24 17.37 43.30
CA THR D 310 -13.04 17.55 42.49
C THR D 310 -13.42 18.08 41.11
N VAL D 311 -12.57 18.96 40.57
CA VAL D 311 -12.79 19.57 39.27
C VAL D 311 -11.62 19.23 38.36
N PHE D 312 -11.92 18.78 37.14
CA PHE D 312 -10.93 18.45 36.14
C PHE D 312 -10.93 19.54 35.08
N ASN D 313 -9.75 20.04 34.73
CA ASN D 313 -9.62 21.11 33.73
C ASN D 313 -8.80 20.60 32.57
N ASN D 314 -9.39 20.65 31.37
CA ASN D 314 -8.70 20.20 30.17
C ASN D 314 -7.56 21.13 29.79
N ASN D 315 -7.75 22.44 29.98
CA ASN D 315 -6.79 23.44 29.52
C ASN D 315 -5.85 23.82 30.65
N PHE D 316 -4.55 23.60 30.43
CA PHE D 316 -3.57 23.98 31.44
C PHE D 316 -3.53 25.48 31.65
N ASP D 317 -3.78 26.27 30.60
CA ASP D 317 -3.66 27.72 30.71
C ASP D 317 -4.64 28.27 31.73
N THR D 318 -5.87 27.76 31.76
CA THR D 318 -6.88 28.23 32.70
C THR D 318 -6.92 27.40 33.97
N LEU D 319 -6.02 26.43 34.13
CA LEU D 319 -5.99 25.61 35.33
C LEU D 319 -5.64 26.46 36.54
N MSE D 320 -6.35 26.24 37.65
CA MSE D 320 -6.11 27.00 38.87
C MSE D 320 -6.60 26.25 40.12
O MSE D 320 -7.38 25.31 40.02
CB MSE D 320 -6.81 28.36 38.79
CG MSE D 320 -8.32 28.27 38.87
SE MSE D 320 -9.20 29.95 38.41
CE MSE D 320 -11.06 29.40 38.67
H MSE D 320 -6.99 25.66 37.70
HA MSE D 320 -5.16 27.13 38.95
HB2 MSE D 320 -6.51 28.91 39.53
HB3 MSE D 320 -6.58 28.78 37.94
HG2 MSE D 320 -8.64 27.60 38.25
HG3 MSE D 320 -8.58 28.05 39.77
HE1 MSE D 320 -11.65 30.14 38.44
HE2 MSE D 320 -11.25 28.64 38.08
HE3 MSE D 320 -11.18 29.14 39.59
N GLU D 321 -6.10 26.67 41.28
CA GLU D 321 -6.57 26.21 42.59
C GLU D 321 -6.43 24.70 42.65
N ASP D 322 -7.46 23.95 43.05
CA ASP D 322 -7.40 22.52 43.31
C ASP D 322 -7.86 21.68 42.12
N GLU D 323 -8.08 22.30 40.96
CA GLU D 323 -8.51 21.54 39.80
C GLU D 323 -7.42 20.56 39.38
N VAL D 324 -7.85 19.41 38.87
CA VAL D 324 -6.96 18.36 38.43
C VAL D 324 -6.71 18.52 36.94
N PHE D 325 -5.43 18.53 36.54
CA PHE D 325 -5.11 18.64 35.12
C PHE D 325 -5.60 17.41 34.38
N LEU D 326 -6.28 17.63 33.26
CA LEU D 326 -6.80 16.55 32.43
C LEU D 326 -5.83 16.33 31.28
N GLU D 327 -5.22 15.15 31.24
CA GLU D 327 -4.32 14.75 30.18
C GLU D 327 -4.86 13.47 29.54
N GLU D 328 -4.25 13.10 28.42
CA GLU D 328 -4.74 11.93 27.67
C GLU D 328 -4.79 10.70 28.58
N THR D 329 -3.81 10.55 29.46
CA THR D 329 -3.82 9.41 30.38
C THR D 329 -4.94 9.52 31.39
N GLN D 330 -5.14 10.72 31.96
CA GLN D 330 -6.17 10.88 32.96
C GLN D 330 -7.57 10.71 32.36
N LEU D 331 -7.83 11.32 31.20
CA LEU D 331 -9.17 11.24 30.63
C LEU D 331 -9.51 9.82 30.22
N LYS D 332 -8.54 9.08 29.67
CA LYS D 332 -8.80 7.69 29.32
C LYS D 332 -9.11 6.86 30.56
N LYS D 333 -8.38 7.10 31.64
CA LYS D 333 -8.56 6.32 32.86
C LYS D 333 -9.95 6.53 33.44
N LYS D 334 -10.43 7.77 33.46
CA LYS D 334 -11.70 8.10 34.09
C LYS D 334 -12.84 8.32 33.09
N PHE D 335 -12.59 9.07 32.02
CA PHE D 335 -13.67 9.45 31.10
C PHE D 335 -13.89 8.48 29.95
N LYS D 336 -13.06 7.44 29.79
CA LYS D 336 -13.28 6.52 28.68
C LYS D 336 -14.62 5.80 28.82
N THR D 337 -14.90 5.27 30.02
CA THR D 337 -16.17 4.58 30.23
C THR D 337 -17.34 5.55 30.12
N TYR D 338 -17.18 6.76 30.65
CA TYR D 338 -18.25 7.75 30.57
C TYR D 338 -18.54 8.12 29.12
N PHE D 339 -17.48 8.29 28.31
CA PHE D 339 -17.68 8.59 26.90
C PHE D 339 -18.41 7.45 26.20
N GLU D 340 -18.06 6.20 26.52
CA GLU D 340 -18.78 5.07 25.93
C GLU D 340 -20.22 5.08 26.36
N LEU D 341 -20.47 5.38 27.64
CA LEU D 341 -21.85 5.48 28.12
C LEU D 341 -22.60 6.58 27.37
N PHE D 342 -21.92 7.68 27.04
CA PHE D 342 -22.57 8.75 26.30
C PHE D 342 -22.88 8.31 24.87
N GLN D 343 -21.93 7.66 24.20
CA GLN D 343 -22.14 7.25 22.81
C GLN D 343 -23.34 6.33 22.70
N GLN D 344 -23.42 5.34 23.57
CA GLN D 344 -24.64 4.54 23.67
C GLN D 344 -25.67 5.33 24.47
N ASN D 345 -26.93 5.12 24.16
CA ASN D 345 -28.00 5.92 24.77
C ASN D 345 -28.28 5.38 26.17
N MSE D 346 -27.26 5.49 27.03
CA MSE D 346 -27.30 4.88 28.35
C MSE D 346 -27.29 5.85 29.52
O MSE D 346 -27.17 5.43 30.67
CB MSE D 346 -26.10 3.93 28.52
CG MSE D 346 -26.19 2.62 27.74
SE MSE D 346 -24.60 1.51 28.04
CE MSE D 346 -25.31 -0.22 27.48
H MSE D 346 -26.53 5.90 26.86
HA MSE D 346 -28.15 4.40 28.39
HB2 MSE D 346 -25.31 4.39 28.23
HB3 MSE D 346 -26.03 3.69 29.46
HG2 MSE D 346 -26.96 2.12 28.03
HG3 MSE D 346 -26.24 2.82 26.80
HE1 MSE D 346 -24.63 -0.89 27.57
HE2 MSE D 346 -26.06 -0.45 28.06
HE3 MSE D 346 -25.61 -0.16 26.57
N VAL D 347 -27.42 7.16 29.26
CA VAL D 347 -27.37 8.16 30.32
C VAL D 347 -28.48 9.17 30.12
N TYR D 348 -28.85 9.82 31.23
CA TYR D 348 -29.90 10.84 31.24
C TYR D 348 -29.30 12.23 31.13
N HIS D 349 -29.85 13.04 30.24
CA HIS D 349 -29.40 14.41 30.00
C HIS D 349 -30.44 15.39 30.53
N GLU D 350 -29.97 16.47 31.16
CA GLU D 350 -30.89 17.43 31.78
C GLU D 350 -31.85 18.01 30.75
N SER D 351 -31.32 18.40 29.59
CA SER D 351 -32.13 19.00 28.54
C SER D 351 -31.37 18.89 27.23
N PRO D 352 -32.02 19.13 26.10
CA PRO D 352 -31.28 19.10 24.83
C PRO D 352 -30.15 20.11 24.79
N GLU D 353 -30.31 21.26 25.43
CA GLU D 353 -29.24 22.24 25.49
C GLU D 353 -28.01 21.65 26.19
N THR D 354 -28.23 20.98 27.32
CA THR D 354 -27.11 20.35 28.03
C THR D 354 -26.53 19.22 27.19
N PHE D 355 -27.37 18.47 26.49
CA PHE D 355 -26.88 17.38 25.65
C PHE D 355 -25.90 17.89 24.61
N LEU D 356 -26.16 19.07 24.05
CA LEU D 356 -25.27 19.64 23.04
C LEU D 356 -23.96 20.09 23.66
N GLU D 357 -24.00 20.63 24.89
CA GLU D 357 -22.76 21.01 25.56
C GLU D 357 -21.90 19.78 25.82
N TRP D 358 -22.52 18.70 26.29
CA TRP D 358 -21.78 17.47 26.53
C TRP D 358 -21.24 16.88 25.23
N SER D 359 -21.98 17.02 24.13
CA SER D 359 -21.54 16.43 22.87
C SER D 359 -20.27 17.11 22.39
N LYS D 360 -20.21 18.45 22.50
CA LYS D 360 -19.00 19.16 22.11
C LYS D 360 -17.80 18.66 22.92
N PHE D 361 -17.99 18.49 24.23
CA PHE D 361 -16.89 18.07 25.09
C PHE D 361 -16.44 16.65 24.76
N VAL D 362 -17.39 15.73 24.60
CA VAL D 362 -17.03 14.34 24.33
C VAL D 362 -16.24 14.24 23.04
N TYR D 363 -16.76 14.83 21.96
CA TYR D 363 -16.13 14.70 20.65
C TYR D 363 -14.81 15.46 20.59
N ALA D 364 -14.70 16.58 21.31
CA ALA D 364 -13.45 17.32 21.34
C ALA D 364 -12.33 16.50 21.96
N LEU D 365 -12.63 15.76 23.04
CA LEU D 365 -11.60 15.01 23.75
C LEU D 365 -11.64 13.51 23.48
N LYS D 366 -12.65 13.02 22.77
CA LYS D 366 -12.74 11.59 22.48
C LYS D 366 -11.55 11.15 21.63
N LEU D 367 -11.15 9.90 21.80
CA LEU D 367 -10.04 9.28 21.09
C LEU D 367 -10.57 8.01 20.42
N GLU D 368 -10.95 8.12 19.16
CA GLU D 368 -11.48 7.02 18.35
C GLU D 368 -12.87 6.57 18.79
N PHE E 8 -24.83 -21.24 -31.20
CA PHE E 8 -25.34 -22.21 -30.25
C PHE E 8 -26.33 -21.56 -29.28
N TRP E 9 -26.03 -20.33 -28.88
CA TRP E 9 -26.91 -19.57 -28.00
C TRP E 9 -26.83 -18.10 -28.36
N THR E 10 -27.98 -17.44 -28.40
CA THR E 10 -28.10 -16.02 -28.71
C THR E 10 -29.24 -15.46 -27.88
N PRO E 11 -29.17 -14.17 -27.52
CA PRO E 11 -30.26 -13.56 -26.75
C PRO E 11 -31.38 -12.98 -27.61
N LYS E 12 -31.39 -13.31 -28.90
CA LYS E 12 -32.47 -12.86 -29.77
C LYS E 12 -33.81 -13.43 -29.31
N ARG E 13 -33.83 -14.72 -28.95
CA ARG E 13 -35.08 -15.33 -28.51
C ARG E 13 -35.59 -14.66 -27.25
N LEU E 14 -34.70 -14.37 -26.30
CA LEU E 14 -35.14 -13.75 -25.05
C LEU E 14 -35.61 -12.33 -25.27
N LEU E 15 -34.95 -11.58 -26.17
CA LEU E 15 -35.34 -10.20 -26.42
C LEU E 15 -36.71 -10.13 -27.08
N GLU E 16 -37.06 -11.15 -27.87
CA GLU E 16 -38.39 -11.21 -28.47
C GLU E 16 -39.48 -11.33 -27.43
N THR E 17 -39.21 -12.04 -26.34
CA THR E 17 -40.20 -12.19 -25.29
C THR E 17 -40.47 -10.85 -24.60
N ASP E 18 -41.66 -10.75 -24.00
CA ASP E 18 -42.05 -9.50 -23.36
C ASP E 18 -41.19 -9.17 -22.14
N ASP E 19 -40.72 -10.17 -21.42
CA ASP E 19 -39.98 -9.92 -20.19
C ASP E 19 -38.76 -9.05 -20.47
N ARG E 20 -38.47 -8.14 -19.55
CA ARG E 20 -37.30 -7.27 -19.68
C ARG E 20 -36.18 -7.66 -18.72
N ILE E 21 -36.38 -8.66 -17.88
CA ILE E 21 -35.37 -9.13 -16.94
C ILE E 21 -35.12 -10.60 -17.22
N PHE E 22 -33.85 -10.96 -17.42
CA PHE E 22 -33.47 -12.32 -17.75
C PHE E 22 -32.34 -12.80 -16.85
N LEU E 23 -32.39 -14.07 -16.48
CA LEU E 23 -31.34 -14.75 -15.73
C LEU E 23 -30.86 -15.93 -16.55
N VAL E 24 -29.58 -15.91 -16.93
CA VAL E 24 -28.99 -16.94 -17.77
C VAL E 24 -27.95 -17.69 -16.95
N VAL E 25 -28.16 -19.00 -16.81
CA VAL E 25 -27.29 -19.86 -16.01
C VAL E 25 -26.80 -20.99 -16.90
N GLY E 26 -25.54 -21.39 -16.70
CA GLY E 26 -24.97 -22.45 -17.49
C GLY E 26 -24.35 -21.95 -18.77
N GLY E 27 -24.07 -22.90 -19.66
CA GLY E 27 -23.47 -22.57 -20.93
C GLY E 27 -22.08 -21.97 -20.81
N ARG E 28 -21.23 -22.56 -19.97
CA ARG E 28 -19.87 -22.07 -19.83
C ARG E 28 -19.14 -22.22 -21.16
N GLY E 29 -18.35 -21.20 -21.50
CA GLY E 29 -17.62 -21.22 -22.75
C GLY E 29 -18.45 -20.97 -23.99
N VAL E 30 -19.69 -20.53 -23.84
CA VAL E 30 -20.55 -20.23 -24.99
C VAL E 30 -20.51 -18.75 -25.35
N GLY E 31 -19.67 -17.97 -24.67
CA GLY E 31 -19.56 -16.55 -24.97
C GLY E 31 -20.87 -15.81 -24.79
N LYS E 32 -21.50 -15.97 -23.63
CA LYS E 32 -22.72 -15.23 -23.37
C LYS E 32 -22.47 -13.72 -23.37
N THR E 33 -21.41 -13.29 -22.69
CA THR E 33 -21.08 -11.87 -22.71
C THR E 33 -20.72 -11.42 -24.12
N PHE E 34 -19.93 -12.22 -24.83
CA PHE E 34 -19.54 -11.89 -26.20
C PHE E 34 -20.76 -11.75 -27.09
N ASN E 35 -21.63 -12.76 -27.07
CA ASN E 35 -22.80 -12.76 -27.95
C ASN E 35 -23.79 -11.68 -27.54
N VAL E 36 -23.98 -11.48 -26.23
CA VAL E 36 -24.90 -10.43 -25.77
C VAL E 36 -24.40 -9.07 -26.21
N THR E 37 -23.09 -8.83 -26.10
CA THR E 37 -22.55 -7.54 -26.52
C THR E 37 -22.68 -7.35 -28.03
N GLY E 38 -22.50 -8.43 -28.79
CA GLY E 38 -22.54 -8.31 -30.24
C GLY E 38 -23.94 -7.97 -30.75
N GLU E 39 -24.96 -8.62 -30.19
CA GLU E 39 -26.32 -8.33 -30.63
C GLU E 39 -26.72 -6.91 -30.30
N ALA E 40 -26.22 -6.36 -29.20
CA ALA E 40 -26.57 -5.00 -28.82
C ALA E 40 -25.96 -3.97 -29.77
N LEU E 41 -24.83 -4.30 -30.40
CA LEU E 41 -24.06 -3.30 -31.14
C LEU E 41 -24.93 -2.43 -32.05
N ASP E 42 -25.80 -3.05 -32.85
CA ASP E 42 -26.61 -2.27 -33.78
C ASP E 42 -27.37 -1.16 -33.04
N ASP E 43 -27.91 -1.48 -31.86
CA ASP E 43 -28.61 -0.45 -31.11
C ASP E 43 -27.64 0.62 -30.62
N LEU E 44 -26.50 0.19 -30.06
CA LEU E 44 -25.56 1.16 -29.52
C LEU E 44 -24.97 2.03 -30.64
N PHE E 45 -24.67 1.42 -31.78
CA PHE E 45 -24.02 2.16 -32.86
C PHE E 45 -24.98 3.17 -33.50
N PHE E 46 -26.22 2.78 -33.75
CA PHE E 46 -27.12 3.60 -34.54
C PHE E 46 -28.43 3.99 -33.86
N ASN E 47 -28.77 3.41 -32.71
CA ASN E 47 -30.03 3.73 -32.03
C ASN E 47 -29.85 4.64 -30.83
N ASN E 48 -28.65 5.19 -30.61
CA ASN E 48 -28.43 6.20 -29.58
C ASN E 48 -28.77 5.68 -28.18
N VAL E 49 -28.41 4.43 -27.91
CA VAL E 49 -28.62 3.83 -26.61
C VAL E 49 -27.29 3.31 -26.08
N SER E 50 -27.06 3.47 -24.78
CA SER E 50 -25.82 3.05 -24.15
C SER E 50 -26.02 1.69 -23.49
N MSE E 51 -24.91 1.12 -23.05
CA MSE E 51 -24.92 -0.16 -22.34
C MSE E 51 -24.08 -0.03 -21.07
O MSE E 51 -23.17 0.79 -21.00
CB MSE E 51 -24.34 -1.27 -23.24
CG MSE E 51 -24.29 -2.64 -22.58
SE MSE E 51 -23.06 -3.85 -23.51
CE MSE E 51 -23.80 -5.56 -22.96
H MSE E 51 -24.12 1.46 -23.13
HA MSE E 51 -25.82 -0.42 -22.12
HB2 MSE E 51 -24.90 -1.34 -24.03
HB3 MSE E 51 -23.43 -1.03 -23.48
HG2 MSE E 51 -23.99 -2.55 -21.67
HG3 MSE E 51 -25.17 -3.04 -22.61
HE1 MSE E 51 -23.44 -6.26 -23.52
HE2 MSE E 51 -23.57 -5.72 -22.03
HE3 MSE E 51 -24.77 -5.52 -23.05
N VAL E 52 -24.40 -0.82 -20.05
CA VAL E 52 -23.64 -0.86 -18.81
C VAL E 52 -23.23 -2.30 -18.54
N TYR E 53 -21.93 -2.52 -18.34
CA TYR E 53 -21.38 -3.81 -17.97
C TYR E 53 -21.07 -3.77 -16.48
N LEU E 54 -21.70 -4.67 -15.71
CA LEU E 54 -21.60 -4.64 -14.26
C LEU E 54 -20.84 -5.87 -13.75
N ARG E 55 -20.07 -5.65 -12.69
CA ARG E 55 -19.31 -6.71 -12.04
C ARG E 55 -19.39 -6.48 -10.54
N ARG E 56 -19.29 -7.58 -9.78
CA ARG E 56 -19.43 -7.47 -8.33
C ARG E 56 -18.30 -6.66 -7.71
N LEU E 57 -17.06 -6.90 -8.13
CA LEU E 57 -15.89 -6.30 -7.50
C LEU E 57 -15.11 -5.46 -8.49
N GLY E 58 -14.41 -4.46 -7.96
CA GLY E 58 -13.67 -3.54 -8.82
C GLY E 58 -12.59 -4.21 -9.63
N VAL E 59 -11.83 -5.13 -9.03
CA VAL E 59 -10.76 -5.79 -9.77
C VAL E 59 -11.33 -6.57 -10.95
N GLU E 60 -12.55 -7.11 -10.80
CA GLU E 60 -13.16 -7.80 -11.93
C GLU E 60 -13.20 -6.86 -13.13
N ILE E 61 -13.33 -5.56 -12.87
CA ILE E 61 -13.29 -4.54 -13.91
C ILE E 61 -11.88 -4.01 -14.12
N ASP E 62 -11.12 -3.80 -13.03
CA ASP E 62 -9.76 -3.30 -13.19
C ASP E 62 -8.92 -4.28 -14.02
N GLU E 63 -9.06 -5.57 -13.73
CA GLU E 63 -8.38 -6.59 -14.52
C GLU E 63 -9.05 -6.85 -15.85
N LEU E 64 -10.27 -6.36 -16.05
CA LEU E 64 -10.96 -6.53 -17.32
C LEU E 64 -10.24 -5.77 -18.42
N GLU E 65 -10.20 -6.36 -19.61
CA GLU E 65 -9.59 -5.71 -20.77
C GLU E 65 -10.67 -4.94 -21.51
N LYS E 66 -10.81 -3.65 -21.16
CA LYS E 66 -11.85 -2.83 -21.77
C LYS E 66 -11.61 -2.69 -23.27
N ASN E 67 -10.34 -2.60 -23.68
CA ASN E 67 -10.03 -2.38 -25.08
C ASN E 67 -10.59 -3.50 -25.94
N ASN E 68 -10.54 -4.74 -25.44
CA ASN E 68 -11.00 -5.89 -26.19
C ASN E 68 -12.44 -6.29 -25.85
N PHE E 69 -13.17 -5.44 -25.15
CA PHE E 69 -14.58 -5.72 -24.90
C PHE E 69 -15.33 -5.86 -26.23
N ILE E 70 -15.01 -5.00 -27.19
CA ILE E 70 -15.48 -5.12 -28.56
C ILE E 70 -14.28 -5.46 -29.43
N THR E 71 -14.40 -6.52 -30.22
CA THR E 71 -13.29 -7.08 -30.98
C THR E 71 -13.52 -6.99 -32.48
N GLU E 72 -12.42 -7.02 -33.22
CA GLU E 72 -12.49 -7.04 -34.67
C GLU E 72 -13.28 -8.24 -35.15
N GLU E 73 -12.94 -9.42 -34.66
CA GLU E 73 -13.69 -10.63 -35.01
C GLU E 73 -15.17 -10.46 -34.73
N MSE E 74 -15.50 -9.82 -33.61
CA MSE E 74 -16.89 -9.59 -33.24
C MSE E 74 -17.59 -8.69 -34.26
O MSE E 74 -18.72 -8.95 -34.64
CB MSE E 74 -16.95 -8.98 -31.84
CG MSE E 74 -18.29 -8.36 -31.44
SE MSE E 74 -18.39 -8.13 -29.50
CE MSE E 74 -19.39 -6.46 -29.42
H MSE E 74 -14.93 -9.52 -33.04
HA MSE E 74 -17.37 -10.43 -33.21
HB2 MSE E 74 -16.75 -9.67 -31.20
HB3 MSE E 74 -16.28 -8.27 -31.78
HG2 MSE E 74 -18.37 -7.50 -31.86
HG3 MSE E 74 -19.00 -8.95 -31.73
HE1 MSE E 74 -19.58 -6.25 -28.50
HE2 MSE E 74 -18.85 -5.76 -29.82
HE3 MSE E 74 -20.22 -6.56 -29.92
N LEU E 75 -16.89 -7.64 -34.69
CA LEU E 75 -17.47 -6.77 -35.71
C LEU E 75 -17.70 -7.53 -37.01
N ARG E 76 -16.73 -8.35 -37.43
CA ARG E 76 -16.88 -9.12 -38.65
C ARG E 76 -18.06 -10.07 -38.55
N VAL E 77 -18.17 -10.77 -37.44
CA VAL E 77 -19.20 -11.79 -37.28
C VAL E 77 -20.59 -11.16 -37.36
N TYR E 78 -20.80 -10.07 -36.61
CA TYR E 78 -22.12 -9.48 -36.53
C TYR E 78 -22.46 -8.59 -37.72
N PHE E 79 -21.49 -7.91 -38.31
CA PHE E 79 -21.74 -7.07 -39.47
C PHE E 79 -21.31 -7.69 -40.79
N GLY E 80 -20.58 -8.80 -40.77
CA GLY E 80 -20.24 -9.48 -42.01
C GLY E 80 -19.69 -8.56 -43.08
N ASN E 81 -20.25 -8.68 -44.29
CA ASN E 81 -19.76 -7.93 -45.44
C ASN E 81 -19.80 -6.42 -45.19
N ARG E 82 -20.78 -5.94 -44.43
CA ARG E 82 -20.88 -4.49 -44.20
C ARG E 82 -19.64 -3.95 -43.51
N PHE E 83 -18.86 -4.80 -42.84
CA PHE E 83 -17.67 -4.39 -42.13
C PHE E 83 -16.49 -4.42 -43.08
N SER E 84 -15.70 -3.34 -43.09
CA SER E 84 -14.59 -3.24 -44.02
C SER E 84 -13.63 -2.14 -43.58
N ASP E 85 -12.47 -2.11 -44.22
CA ASP E 85 -11.49 -1.03 -44.02
C ASP E 85 -11.07 -0.93 -42.55
N PHE E 86 -10.82 -2.08 -41.93
CA PHE E 86 -10.42 -2.10 -40.53
C PHE E 86 -8.96 -1.71 -40.35
N ASN E 87 -8.74 -0.71 -39.51
CA ASN E 87 -7.41 -0.28 -39.09
C ASN E 87 -7.51 0.15 -37.63
N ALA E 88 -6.58 -0.32 -36.79
CA ALA E 88 -6.65 -0.06 -35.37
C ALA E 88 -5.29 0.25 -34.79
N ASP E 89 -5.27 1.16 -33.80
CA ASP E 89 -4.07 1.53 -33.05
C ASP E 89 -4.25 1.05 -31.62
N GLU E 90 -3.74 -0.14 -31.32
CA GLU E 90 -3.94 -0.73 -30.00
C GLU E 90 -3.24 0.07 -28.91
N SER E 91 -2.10 0.69 -29.23
CA SER E 91 -1.36 1.43 -28.22
C SER E 91 -2.19 2.56 -27.64
N LYS E 92 -2.97 3.25 -28.47
CA LYS E 92 -3.84 4.32 -28.01
C LYS E 92 -5.29 3.87 -27.85
N GLN E 93 -5.55 2.56 -27.95
CA GLN E 93 -6.87 1.99 -27.70
C GLN E 93 -7.93 2.61 -28.61
N ILE E 94 -7.60 2.71 -29.90
CA ILE E 94 -8.49 3.28 -30.89
C ILE E 94 -8.75 2.25 -31.98
N MSE E 95 -10.01 2.10 -32.36
CA MSE E 95 -10.41 1.21 -33.45
C MSE E 95 -11.05 2.04 -34.56
O MSE E 95 -11.95 2.84 -34.29
CB MSE E 95 -11.41 0.16 -32.96
CG MSE E 95 -10.78 -1.19 -32.62
SE MSE E 95 -12.08 -2.42 -31.85
CE MSE E 95 -12.34 -3.64 -33.35
H MSE E 95 -10.67 2.51 -32.00
HA MSE E 95 -9.64 0.74 -33.78
HB2 MSE E 95 -11.84 0.49 -32.16
HB3 MSE E 95 -12.06 0.00 -33.66
HG2 MSE E 95 -10.43 -1.59 -33.43
HG3 MSE E 95 -10.07 -1.06 -31.97
HE1 MSE E 95 -12.96 -4.33 -33.09
HE2 MSE E 95 -12.69 -3.14 -34.11
HE3 MSE E 95 -11.47 -4.03 -33.59
N ARG E 96 -10.60 1.86 -35.80
CA ARG E 96 -11.14 2.57 -36.95
C ARG E 96 -11.60 1.56 -38.00
N PHE E 97 -12.83 1.70 -38.44
CA PHE E 97 -13.43 0.76 -39.38
C PHE E 97 -14.58 1.46 -40.09
N SER E 98 -15.15 0.77 -41.06
CA SER E 98 -16.26 1.29 -41.86
C SER E 98 -17.41 0.28 -41.85
N ILE E 99 -18.61 0.77 -41.60
CA ILE E 99 -19.83 -0.03 -41.69
C ILE E 99 -20.76 0.64 -42.69
N ASP E 100 -21.15 -0.09 -43.73
CA ASP E 100 -22.04 0.41 -44.77
C ASP E 100 -21.44 1.59 -45.52
N GLY E 101 -20.11 1.67 -45.54
CA GLY E 101 -19.41 2.75 -46.21
C GLY E 101 -19.16 3.97 -45.36
N ALA E 102 -19.78 4.06 -44.18
CA ALA E 102 -19.53 5.15 -43.27
C ALA E 102 -18.28 4.87 -42.45
N ILE E 103 -17.68 5.93 -41.93
CA ILE E 103 -16.47 5.84 -41.12
C ILE E 103 -16.86 5.95 -39.66
N HIS E 104 -16.58 4.89 -38.90
CA HIS E 104 -16.85 4.83 -37.47
C HIS E 104 -15.56 4.52 -36.72
N GLU E 105 -15.39 5.13 -35.55
CA GLU E 105 -14.21 4.88 -34.73
C GLU E 105 -14.65 4.61 -33.29
N ILE E 106 -14.11 3.55 -32.71
CA ILE E 106 -14.41 3.14 -31.34
C ILE E 106 -13.19 3.47 -30.47
N LYS E 107 -13.41 4.26 -29.43
CA LYS E 107 -12.37 4.64 -28.50
C LYS E 107 -12.74 4.11 -27.12
N ALA E 108 -11.82 3.38 -26.49
CA ALA E 108 -12.02 2.87 -25.13
C ALA E 108 -11.02 3.57 -24.22
N ILE E 109 -11.54 4.38 -23.30
CA ILE E 109 -10.70 5.11 -22.34
C ILE E 109 -11.34 4.98 -20.97
N ARG E 110 -10.56 4.54 -19.99
CA ARG E 110 -10.99 4.43 -18.58
C ARG E 110 -12.17 3.47 -18.52
N ASN E 111 -13.24 3.80 -17.82
CA ASN E 111 -14.40 2.94 -17.64
C ASN E 111 -15.48 3.18 -18.67
N LYS E 112 -15.13 3.79 -19.79
CA LYS E 112 -16.08 4.09 -20.85
C LYS E 112 -15.54 3.61 -22.19
N ILE E 113 -16.46 3.25 -23.09
CA ILE E 113 -16.15 3.00 -24.49
C ILE E 113 -16.97 3.97 -25.32
N PHE E 114 -16.31 4.65 -26.25
CA PHE E 114 -16.94 5.67 -27.07
C PHE E 114 -17.00 5.20 -28.52
N PHE E 115 -18.16 5.38 -29.14
CA PHE E 115 -18.39 5.08 -30.55
C PHE E 115 -18.74 6.40 -31.22
N ASP E 116 -17.83 6.88 -32.07
CA ASP E 116 -18.00 8.16 -32.76
C ASP E 116 -18.24 9.28 -31.74
N ASP E 117 -17.43 9.28 -30.67
CA ASP E 117 -17.42 10.30 -29.63
C ASP E 117 -18.69 10.30 -28.79
N ARG E 118 -19.40 9.18 -28.77
CA ARG E 118 -20.60 9.00 -27.95
C ARG E 118 -20.39 7.72 -27.15
N CYS E 119 -20.41 7.83 -25.82
CA CYS E 119 -20.18 6.67 -24.97
C CYS E 119 -21.30 5.66 -25.16
N ILE E 120 -20.93 4.41 -25.44
CA ILE E 120 -21.90 3.35 -25.64
C ILE E 120 -21.82 2.26 -24.59
N VAL E 121 -20.72 2.13 -23.85
CA VAL E 121 -20.59 1.13 -22.79
C VAL E 121 -19.98 1.78 -21.57
N TYR E 122 -20.56 1.51 -20.40
CA TYR E 122 -20.07 1.98 -19.11
C TYR E 122 -19.70 0.76 -18.28
N PHE E 123 -18.56 0.80 -17.61
CA PHE E 123 -18.12 -0.25 -16.71
C PHE E 123 -18.26 0.21 -15.27
N ILE E 124 -19.00 -0.55 -14.46
CA ILE E 124 -19.23 -0.17 -13.08
C ILE E 124 -19.09 -1.41 -12.19
N ALA E 125 -18.69 -1.17 -10.94
CA ALA E 125 -18.55 -2.22 -9.94
C ALA E 125 -19.55 -1.96 -8.84
N LEU E 126 -20.30 -3.00 -8.44
CA LEU E 126 -21.33 -2.82 -7.43
C LEU E 126 -20.74 -2.28 -6.13
N SER E 127 -19.47 -2.62 -5.84
CA SER E 127 -18.81 -2.06 -4.67
C SER E 127 -18.70 -0.54 -4.78
N ARG E 128 -18.46 -0.05 -6.00
CA ARG E 128 -18.32 1.37 -6.29
C ARG E 128 -19.64 2.00 -6.72
N ALA E 129 -20.75 1.26 -6.62
CA ALA E 129 -22.03 1.76 -7.09
C ALA E 129 -22.45 3.03 -6.35
N GLY E 130 -22.13 3.13 -5.06
CA GLY E 130 -22.55 4.28 -4.29
C GLY E 130 -22.10 5.60 -4.91
N HIS E 131 -20.90 5.61 -5.49
CA HIS E 131 -20.33 6.83 -6.03
C HIS E 131 -21.04 7.33 -7.28
N VAL E 132 -21.80 6.48 -7.98
CA VAL E 132 -22.40 6.89 -9.25
C VAL E 132 -23.80 7.45 -9.05
N LYS E 133 -24.13 8.46 -9.83
CA LYS E 133 -25.42 9.12 -9.84
C LYS E 133 -26.10 8.86 -11.18
N SER E 134 -27.36 9.27 -11.28
CA SER E 134 -28.12 9.05 -12.51
C SER E 134 -27.79 10.08 -13.59
N ASN E 135 -27.12 11.16 -13.23
CA ASN E 135 -26.84 12.21 -14.20
C ASN E 135 -25.86 11.74 -15.27
N ASN E 136 -24.88 10.93 -14.88
CA ASN E 136 -23.81 10.56 -15.79
C ASN E 136 -24.23 9.54 -16.85
N TYR E 137 -25.45 8.98 -16.77
CA TYR E 137 -25.88 7.93 -17.68
C TYR E 137 -27.16 8.34 -18.39
N PRO E 138 -27.07 9.05 -19.50
CA PRO E 138 -28.28 9.62 -20.12
C PRO E 138 -29.26 8.58 -20.66
N ASP E 139 -28.77 7.70 -21.54
CA ASP E 139 -29.64 6.82 -22.34
C ASP E 139 -29.23 5.34 -22.26
N VAL E 140 -29.11 4.80 -21.06
CA VAL E 140 -28.74 3.40 -20.90
C VAL E 140 -29.95 2.50 -21.12
N LYS E 141 -29.83 1.55 -22.06
CA LYS E 141 -30.88 0.60 -22.38
C LYS E 141 -30.56 -0.83 -21.99
N TYR E 142 -29.29 -1.18 -21.82
CA TYR E 142 -28.88 -2.54 -21.51
C TYR E 142 -28.01 -2.54 -20.26
N LEU E 143 -28.28 -3.48 -19.35
CA LEU E 143 -27.45 -3.71 -18.18
C LEU E 143 -27.12 -5.20 -18.10
N VAL E 144 -25.83 -5.51 -18.09
CA VAL E 144 -25.37 -6.90 -18.04
C VAL E 144 -24.57 -7.10 -16.76
N PHE E 145 -25.05 -8.00 -15.91
CA PHE E 145 -24.40 -8.36 -14.65
C PHE E 145 -23.78 -9.74 -14.88
N ASP E 146 -22.50 -9.75 -15.27
CA ASP E 146 -21.84 -11.00 -15.58
C ASP E 146 -21.34 -11.67 -14.31
N GLU E 147 -21.31 -13.00 -14.34
CA GLU E 147 -20.87 -13.81 -13.20
C GLU E 147 -21.66 -13.43 -11.94
N VAL E 148 -22.98 -13.30 -12.12
CA VAL E 148 -23.83 -12.80 -11.05
C VAL E 148 -23.76 -13.70 -9.83
N ILE E 149 -23.67 -15.02 -10.03
CA ILE E 149 -23.59 -15.98 -8.94
C ILE E 149 -22.15 -16.46 -8.84
N ILE E 150 -21.57 -16.34 -7.65
CA ILE E 150 -20.16 -16.64 -7.45
C ILE E 150 -19.90 -18.12 -7.69
N ASP E 151 -18.78 -18.41 -8.38
CA ASP E 151 -18.31 -19.76 -8.59
C ASP E 151 -17.17 -20.02 -7.62
N ARG E 152 -17.33 -21.03 -6.76
CA ARG E 152 -16.33 -21.32 -5.74
C ARG E 152 -15.16 -22.13 -6.29
N SER E 153 -15.34 -22.83 -7.41
CA SER E 153 -14.22 -23.59 -7.99
C SER E 153 -13.21 -22.63 -8.62
N ILE E 154 -13.64 -21.74 -9.53
CA ILE E 154 -12.71 -20.81 -10.18
C ILE E 154 -12.23 -19.78 -9.16
N MSE E 155 -13.16 -19.19 -8.41
CA MSE E 155 -12.80 -18.21 -7.38
C MSE E 155 -13.01 -18.85 -6.02
O MSE E 155 -14.13 -19.15 -5.62
CB MSE E 155 -13.67 -16.96 -7.50
CG MSE E 155 -13.53 -16.21 -8.82
SE MSE E 155 -14.71 -14.67 -8.87
CE MSE E 155 -14.49 -14.15 -10.72
H MSE E 155 -14.01 -19.34 -8.47
HA MSE E 155 -11.88 -17.92 -7.49
HB2 MSE E 155 -14.61 -17.22 -7.43
HB3 MSE E 155 -13.45 -16.34 -6.78
HG2 MSE E 155 -12.61 -15.89 -8.90
HG3 MSE E 155 -13.75 -16.80 -9.55
HE1 MSE E 155 -15.04 -13.36 -10.90
HE2 MSE E 155 -13.55 -13.93 -10.87
HE3 MSE E 155 -14.75 -14.87 -11.30
N PRO E 156 -11.92 -19.09 -5.30
CA PRO E 156 -12.04 -19.82 -4.03
C PRO E 156 -12.83 -19.08 -2.97
N ASN E 157 -12.56 -17.77 -2.75
CA ASN E 157 -13.19 -17.05 -1.65
C ASN E 157 -13.62 -15.64 -2.07
N ALA E 158 -14.73 -15.57 -2.83
CA ALA E 158 -15.38 -14.31 -3.16
C ALA E 158 -16.65 -14.18 -2.35
N ARG E 159 -16.86 -13.00 -1.77
CA ARG E 159 -17.99 -12.74 -0.89
C ARG E 159 -18.95 -11.75 -1.54
N TYR E 160 -20.25 -12.02 -1.40
CA TYR E 160 -21.27 -11.10 -1.88
C TYR E 160 -21.22 -9.80 -1.08
N ILE E 161 -21.68 -8.71 -1.70
CA ILE E 161 -21.68 -7.42 -1.01
C ILE E 161 -22.81 -7.39 0.02
N ARG E 162 -22.59 -6.67 1.10
CA ARG E 162 -23.61 -6.51 2.12
C ARG E 162 -24.84 -5.83 1.53
N ASN E 163 -26.01 -6.44 1.74
CA ASN E 163 -27.25 -5.93 1.17
C ASN E 163 -27.11 -5.76 -0.34
N GLU E 164 -26.57 -6.79 -0.98
CA GLU E 164 -26.22 -6.69 -2.40
C GLU E 164 -27.42 -6.34 -3.26
N PHE E 165 -28.56 -6.99 -3.03
CA PHE E 165 -29.70 -6.77 -3.90
C PHE E 165 -30.22 -5.34 -3.80
N THR E 166 -30.20 -4.77 -2.59
CA THR E 166 -30.59 -3.37 -2.44
C THR E 166 -29.62 -2.46 -3.17
N VAL E 167 -28.32 -2.77 -3.11
CA VAL E 167 -27.33 -1.99 -3.85
C VAL E 167 -27.58 -2.12 -5.35
N LEU E 168 -27.91 -3.34 -5.80
CA LEU E 168 -28.21 -3.55 -7.21
C LEU E 168 -29.46 -2.79 -7.62
N LEU E 169 -30.54 -2.93 -6.84
CA LEU E 169 -31.79 -2.26 -7.20
C LEU E 169 -31.60 -0.74 -7.23
N ASN E 170 -30.84 -0.20 -6.28
CA ASN E 170 -30.54 1.22 -6.31
C ASN E 170 -29.79 1.59 -7.60
N LEU E 171 -28.87 0.74 -8.03
CA LEU E 171 -28.14 1.01 -9.26
C LEU E 171 -29.08 0.93 -10.47
N ILE E 172 -30.03 -0.02 -10.44
CA ILE E 172 -31.02 -0.09 -11.52
C ILE E 172 -31.79 1.22 -11.59
N GLU E 173 -32.20 1.74 -10.43
CA GLU E 173 -32.93 3.00 -10.42
C GLU E 173 -32.06 4.14 -10.92
N THR E 174 -30.79 4.17 -10.51
CA THR E 174 -29.89 5.24 -10.92
C THR E 174 -29.62 5.17 -12.41
N ILE E 175 -29.31 3.97 -12.93
CA ILE E 175 -29.00 3.84 -14.35
C ILE E 175 -30.25 4.04 -15.19
N LYS E 176 -31.39 3.60 -14.69
CA LYS E 176 -32.67 3.61 -15.40
C LYS E 176 -33.62 4.55 -14.65
N ARG E 177 -33.95 5.69 -15.26
CA ARG E 177 -34.88 6.63 -14.66
C ARG E 177 -36.00 6.92 -15.66
N LYS E 178 -37.21 6.54 -15.29
CA LYS E 178 -38.40 6.81 -16.11
C LYS E 178 -38.19 6.34 -17.55
N ARG E 179 -37.47 5.24 -17.71
CA ARG E 179 -37.20 4.64 -19.02
C ARG E 179 -37.98 3.35 -19.13
N GLU E 180 -38.98 3.32 -20.01
CA GLU E 180 -39.72 2.09 -20.23
C GLU E 180 -38.88 1.06 -20.97
N ASP E 181 -38.02 1.51 -21.88
CA ASP E 181 -37.24 0.62 -22.73
C ASP E 181 -35.91 0.33 -22.04
N PHE E 182 -35.89 -0.72 -21.23
CA PHE E 182 -34.69 -1.14 -20.51
C PHE E 182 -34.64 -2.66 -20.46
N TYR E 183 -33.42 -3.20 -20.49
CA TYR E 183 -33.20 -4.63 -20.44
C TYR E 183 -32.11 -4.95 -19.43
N LEU E 184 -32.31 -6.00 -18.65
CA LEU E 184 -31.34 -6.46 -17.67
C LEU E 184 -30.98 -7.92 -17.95
N PHE E 185 -29.69 -8.19 -18.03
CA PHE E 185 -29.17 -9.54 -18.27
C PHE E 185 -28.31 -9.95 -17.09
N MSE E 186 -28.70 -11.03 -16.43
CA MSE E 186 -27.91 -11.61 -15.34
C MSE E 186 -27.29 -12.91 -15.84
O MSE E 186 -28.02 -13.87 -16.15
CB MSE E 186 -28.77 -11.86 -14.12
CG MSE E 186 -28.96 -10.64 -13.22
SE MSE E 186 -30.60 -10.74 -12.17
CE MSE E 186 -30.20 -9.42 -10.80
H MSE E 186 -29.42 -11.47 -16.59
HA MSE E 186 -27.20 -11.00 -15.06
HB2 MSE E 186 -29.65 -12.14 -14.41
HB3 MSE E 186 -28.36 -12.55 -13.58
HG2 MSE E 186 -28.20 -10.58 -12.60
HG3 MSE E 186 -28.99 -9.84 -13.77
HE1 MSE E 186 -30.92 -9.39 -10.16
HE2 MSE E 186 -29.37 -9.67 -10.34
HE3 MSE E 186 -30.09 -8.55 -11.22
N LEU E 187 -25.97 -12.96 -15.93
CA LEU E 187 -25.26 -14.11 -16.48
C LEU E 187 -24.49 -14.81 -15.38
N SER E 188 -24.72 -16.11 -15.23
CA SER E 188 -24.08 -16.93 -14.22
C SER E 188 -23.58 -18.22 -14.86
N ASN E 189 -22.32 -18.57 -14.59
CA ASN E 189 -21.82 -19.86 -15.05
C ASN E 189 -22.38 -21.00 -14.21
N VAL E 190 -22.61 -20.76 -12.92
CA VAL E 190 -23.12 -21.77 -12.00
C VAL E 190 -24.39 -21.24 -11.35
N GLY E 191 -25.34 -22.14 -11.11
CA GLY E 191 -26.60 -21.81 -10.46
C GLY E 191 -26.81 -22.55 -9.17
N GLU E 192 -27.00 -21.81 -8.07
CA GLU E 192 -27.17 -22.40 -6.76
C GLU E 192 -28.08 -21.54 -5.90
N ASN E 193 -28.63 -22.15 -4.85
CA ASN E 193 -29.47 -21.45 -3.90
C ASN E 193 -28.60 -20.82 -2.81
N PHE E 194 -29.23 -20.09 -1.89
CA PHE E 194 -28.52 -19.46 -0.77
C PHE E 194 -27.59 -18.36 -1.24
N ASN E 195 -27.96 -17.63 -2.30
CA ASN E 195 -27.23 -16.47 -2.76
C ASN E 195 -28.17 -15.26 -2.77
N PRO E 196 -27.66 -14.04 -2.56
CA PRO E 196 -28.56 -12.89 -2.44
C PRO E 196 -29.36 -12.59 -3.70
N ILE E 197 -28.77 -12.76 -4.88
CA ILE E 197 -29.46 -12.44 -6.12
C ILE E 197 -30.68 -13.33 -6.32
N PHE E 198 -30.54 -14.64 -6.04
CA PHE E 198 -31.68 -15.55 -6.17
C PHE E 198 -32.80 -15.16 -5.21
N ALA E 199 -32.44 -14.72 -4.00
CA ALA E 199 -33.46 -14.37 -3.00
C ALA E 199 -34.21 -13.10 -3.38
N GLY E 200 -33.49 -12.06 -3.78
CA GLY E 200 -34.17 -10.83 -4.18
C GLY E 200 -35.11 -11.05 -5.34
N LEU E 201 -34.69 -11.85 -6.31
CA LEU E 201 -35.58 -12.18 -7.43
C LEU E 201 -36.78 -12.97 -6.94
N GLY E 202 -36.61 -13.78 -5.90
CA GLY E 202 -37.64 -14.67 -5.44
C GLY E 202 -37.60 -16.04 -6.07
N TYR E 203 -36.51 -16.41 -6.72
CA TYR E 203 -36.43 -17.67 -7.43
C TYR E 203 -35.82 -18.75 -6.55
N TYR E 204 -36.52 -19.88 -6.45
CA TYR E 204 -36.03 -21.07 -5.77
C TYR E 204 -35.59 -22.04 -6.86
N LEU E 205 -34.32 -22.42 -6.85
CA LEU E 205 -33.77 -23.28 -7.89
C LEU E 205 -34.04 -24.74 -7.58
N THR E 206 -34.64 -25.45 -8.52
CA THR E 206 -34.97 -26.84 -8.38
C THR E 206 -34.58 -27.60 -9.64
N HIS E 207 -34.21 -28.87 -9.47
CA HIS E 207 -33.81 -29.67 -10.63
C HIS E 207 -34.93 -29.80 -11.64
N GLU E 208 -36.19 -29.86 -11.18
CA GLU E 208 -37.30 -29.98 -12.11
C GLU E 208 -37.38 -28.79 -13.04
N ASP E 209 -37.06 -27.59 -12.52
CA ASP E 209 -37.02 -26.40 -13.37
C ASP E 209 -35.89 -26.51 -14.40
N ILE E 210 -34.75 -27.05 -13.98
CA ILE E 210 -33.60 -27.15 -14.89
C ILE E 210 -33.94 -28.04 -16.08
N LYS E 211 -34.69 -29.12 -15.87
CA LYS E 211 -35.00 -30.02 -16.97
C LYS E 211 -35.82 -29.29 -18.03
N LYS E 212 -36.78 -28.44 -17.62
CA LYS E 212 -37.56 -27.70 -18.60
C LYS E 212 -36.67 -26.75 -19.40
N GLY E 213 -35.68 -26.14 -18.74
CA GLY E 213 -34.77 -25.24 -19.41
C GLY E 213 -35.24 -23.82 -19.52
N PHE E 214 -36.52 -23.55 -19.23
CA PHE E 214 -37.11 -22.22 -19.33
C PHE E 214 -38.08 -22.06 -18.17
N VAL E 215 -38.01 -20.92 -17.49
CA VAL E 215 -38.89 -20.64 -16.35
C VAL E 215 -39.30 -19.18 -16.44
N LYS E 216 -40.62 -18.94 -16.35
CA LYS E 216 -41.17 -17.59 -16.44
C LYS E 216 -41.83 -17.20 -15.13
N ARG E 217 -41.63 -15.95 -14.73
CA ARG E 217 -42.18 -15.38 -13.52
C ARG E 217 -42.82 -14.04 -13.86
N GLU E 218 -43.49 -13.45 -12.87
CA GLU E 218 -44.24 -12.22 -13.12
C GLU E 218 -43.32 -11.10 -13.63
N ASP E 219 -42.16 -10.92 -13.00
CA ASP E 219 -41.29 -9.81 -13.30
C ASP E 219 -40.00 -10.18 -14.03
N TYR E 220 -39.73 -11.47 -14.23
CA TYR E 220 -38.47 -11.85 -14.84
C TYR E 220 -38.58 -13.22 -15.47
N CYS E 221 -37.58 -13.54 -16.29
CA CYS E 221 -37.50 -14.80 -17.01
C CYS E 221 -36.18 -15.48 -16.70
N VAL E 222 -36.23 -16.79 -16.48
CA VAL E 222 -35.05 -17.59 -16.17
C VAL E 222 -34.86 -18.59 -17.29
N GLN E 223 -33.65 -18.64 -17.85
CA GLN E 223 -33.29 -19.59 -18.88
C GLN E 223 -32.04 -20.32 -18.45
N PHE E 224 -31.98 -21.61 -18.74
CA PHE E 224 -30.83 -22.44 -18.40
C PHE E 224 -30.12 -22.87 -19.67
N VAL E 225 -28.81 -22.61 -19.74
CA VAL E 225 -27.98 -22.94 -20.89
C VAL E 225 -27.14 -24.14 -20.49
N GLU E 226 -27.32 -25.26 -21.19
CA GLU E 226 -26.51 -26.44 -20.90
C GLU E 226 -25.29 -26.44 -21.82
N ASN E 227 -24.12 -26.67 -21.24
CA ASN E 227 -22.91 -26.71 -22.05
C ASN E 227 -23.00 -27.81 -23.10
N LYS E 228 -22.62 -27.48 -24.33
CA LYS E 228 -22.78 -28.41 -25.43
C LYS E 228 -21.98 -29.68 -25.18
N GLN E 229 -22.62 -30.84 -25.38
CA GLN E 229 -21.95 -32.14 -25.31
C GLN E 229 -21.32 -32.46 -26.67
N GLU E 230 -20.34 -31.66 -27.06
CA GLU E 230 -19.67 -31.89 -28.33
C GLU E 230 -18.37 -32.62 -28.00
N GLU E 231 -17.97 -33.48 -28.92
CA GLU E 231 -16.81 -34.32 -28.72
C GLU E 231 -15.56 -33.47 -28.53
N LEU E 232 -14.60 -34.02 -27.79
CA LEU E 232 -13.35 -33.35 -27.48
C LEU E 232 -12.27 -33.85 -28.44
N ASN E 233 -11.66 -32.91 -29.17
CA ASN E 233 -10.62 -33.25 -30.12
C ASN E 233 -9.37 -33.71 -29.37
N MSE E 234 -8.97 -34.96 -29.60
CA MSE E 234 -7.82 -35.52 -28.90
C MSE E 234 -6.54 -35.32 -29.70
O MSE E 234 -5.45 -35.57 -29.21
CB MSE E 234 -8.05 -37.01 -28.63
CG MSE E 234 -9.28 -37.28 -27.76
SE MSE E 234 -9.01 -36.85 -25.88
CE MSE E 234 -10.73 -36.02 -25.49
H MSE E 234 -9.35 -35.49 -30.15
HA MSE E 234 -7.72 -35.07 -28.05
HB2 MSE E 234 -8.19 -37.46 -29.48
HB3 MSE E 234 -7.28 -37.36 -28.17
HG2 MSE E 234 -10.02 -36.74 -28.09
HG3 MSE E 234 -9.50 -38.22 -27.82
HE1 MSE E 234 -10.74 -35.74 -24.56
HE2 MSE E 234 -10.84 -35.25 -26.07
HE3 MSE E 234 -11.43 -36.66 -25.66
N THR E 235 -6.67 -34.86 -30.95
CA THR E 235 -5.46 -34.49 -31.69
C THR E 235 -4.79 -33.28 -31.05
N ASP E 236 -5.58 -32.36 -30.52
CA ASP E 236 -5.04 -31.21 -29.80
C ASP E 236 -4.54 -31.64 -28.43
N PRO E 237 -3.28 -31.36 -28.08
CA PRO E 237 -2.81 -31.77 -26.75
C PRO E 237 -3.49 -31.03 -25.61
N PHE E 238 -3.79 -29.74 -25.79
CA PHE E 238 -4.38 -28.96 -24.70
C PHE E 238 -5.71 -29.56 -24.25
N VAL E 239 -6.51 -30.04 -25.19
CA VAL E 239 -7.79 -30.65 -24.82
C VAL E 239 -7.55 -31.94 -24.04
N ARG E 240 -6.58 -32.74 -24.46
CA ARG E 240 -6.29 -33.98 -23.75
C ARG E 240 -5.84 -33.70 -22.32
N LEU E 241 -5.01 -32.67 -22.13
CA LEU E 241 -4.54 -32.35 -20.78
C LEU E 241 -5.69 -31.96 -19.86
N GLY E 242 -6.63 -31.17 -20.37
CA GLY E 242 -7.77 -30.78 -19.56
C GLY E 242 -8.63 -31.96 -19.16
N ALA E 243 -8.85 -32.89 -20.09
CA ALA E 243 -9.66 -34.07 -19.78
C ALA E 243 -9.01 -34.89 -18.67
N LYS E 244 -7.68 -34.96 -18.65
CA LYS E 244 -7.02 -35.75 -17.62
C LYS E 244 -7.23 -35.16 -16.23
N ASN E 245 -7.34 -33.83 -16.12
CA ASN E 245 -7.61 -33.18 -14.84
C ASN E 245 -9.12 -33.17 -14.62
N ARG E 246 -9.58 -33.98 -13.66
CA ARG E 246 -11.02 -34.12 -13.45
C ARG E 246 -11.62 -32.84 -12.89
N ASP E 247 -10.93 -32.19 -11.95
CA ASP E 247 -11.49 -31.00 -11.33
C ASP E 247 -11.82 -29.96 -12.38
N PHE E 248 -10.90 -29.73 -13.31
CA PHE E 248 -11.18 -28.82 -14.43
C PHE E 248 -12.28 -29.38 -15.31
N SER E 249 -12.22 -30.68 -15.61
CA SER E 249 -13.23 -31.29 -16.49
C SER E 249 -14.62 -31.21 -15.86
N ASN E 250 -14.71 -31.47 -14.55
CA ASN E 250 -16.00 -31.37 -13.88
C ASN E 250 -16.54 -29.95 -13.94
N SER E 251 -15.64 -28.95 -13.88
CA SER E 251 -16.07 -27.56 -13.87
C SER E 251 -16.92 -27.21 -15.08
N LYS E 252 -16.59 -27.78 -16.24
CA LYS E 252 -17.34 -27.45 -17.45
C LYS E 252 -18.82 -27.75 -17.30
N THR E 253 -19.16 -28.87 -16.66
CA THR E 253 -20.55 -29.26 -16.45
C THR E 253 -21.00 -29.05 -15.01
N ASN E 254 -20.28 -28.22 -14.25
CA ASN E 254 -20.56 -28.01 -12.84
C ASN E 254 -21.56 -26.89 -12.59
N ALA E 255 -22.26 -26.44 -13.63
CA ALA E 255 -23.21 -25.35 -13.46
C ALA E 255 -24.30 -25.74 -12.46
N PHE E 256 -24.75 -26.99 -12.52
CA PHE E 256 -25.81 -27.49 -11.65
C PHE E 256 -25.31 -28.65 -10.80
N GLU E 257 -24.00 -28.67 -10.51
CA GLU E 257 -23.43 -29.75 -9.71
C GLU E 257 -24.14 -29.87 -8.36
N ASN E 258 -24.29 -28.74 -7.66
CA ASN E 258 -25.03 -28.70 -6.39
C ASN E 258 -25.86 -27.43 -6.36
N ILE E 259 -27.17 -27.57 -6.19
CA ILE E 259 -28.07 -26.41 -6.15
C ILE E 259 -28.40 -26.00 -4.72
N ARG E 260 -27.75 -26.61 -3.72
CA ARG E 260 -27.90 -26.20 -2.33
C ARG E 260 -29.37 -26.22 -1.90
N THR E 261 -30.04 -27.34 -2.15
CA THR E 261 -31.44 -27.47 -1.76
C THR E 261 -31.57 -27.48 -0.24
N PRO E 262 -32.55 -26.78 0.35
CA PRO E 262 -32.69 -26.76 1.80
C PRO E 262 -33.52 -27.92 2.35
N TYR E 263 -33.34 -28.16 3.65
CA TYR E 263 -34.17 -29.14 4.36
C TYR E 263 -35.51 -28.51 4.74
N PHE E 264 -36.59 -29.30 4.61
CA PHE E 264 -37.94 -28.82 4.86
C PHE E 264 -38.66 -29.71 5.85
N LYS E 265 -39.27 -29.10 6.87
CA LYS E 265 -40.05 -29.81 7.87
C LYS E 265 -40.97 -28.81 8.56
N HIS E 266 -42.08 -29.31 9.12
CA HIS E 266 -43.06 -28.50 9.82
C HIS E 266 -43.09 -28.87 11.29
N TYR E 267 -43.11 -27.87 12.16
CA TYR E 267 -43.17 -28.05 13.61
C TYR E 267 -44.37 -27.28 14.14
N GLY E 268 -45.26 -27.98 14.85
CA GLY E 268 -46.49 -27.35 15.31
C GLY E 268 -46.29 -26.33 16.41
N LYS E 269 -45.37 -26.61 17.34
CA LYS E 269 -45.26 -25.76 18.52
C LYS E 269 -44.88 -24.34 18.12
N LYS E 270 -45.26 -23.39 18.98
CA LYS E 270 -45.04 -21.99 18.70
C LYS E 270 -43.55 -21.62 18.80
N PRO E 271 -43.14 -20.58 18.08
CA PRO E 271 -41.71 -20.24 18.02
C PRO E 271 -41.20 -19.61 19.30
N LYS E 272 -39.88 -19.67 19.47
CA LYS E 272 -39.24 -19.05 20.62
C LYS E 272 -39.25 -17.54 20.50
N LEU E 273 -38.99 -17.01 19.30
CA LEU E 273 -38.93 -15.57 19.09
C LEU E 273 -39.48 -15.23 17.71
N LEU E 274 -39.85 -13.96 17.55
CA LEU E 274 -40.43 -13.46 16.31
C LEU E 274 -39.73 -12.15 15.92
N VAL E 275 -39.57 -11.95 14.62
CA VAL E 275 -39.08 -10.69 14.07
C VAL E 275 -40.05 -10.24 12.99
N LYS E 276 -40.46 -8.97 13.05
CA LYS E 276 -41.43 -8.41 12.12
C LYS E 276 -40.68 -7.88 10.89
N TYR E 277 -40.93 -8.49 9.73
CA TYR E 277 -40.26 -8.11 8.50
C TYR E 277 -41.24 -8.15 7.34
N ASP E 278 -41.33 -7.04 6.61
CA ASP E 278 -42.06 -6.96 5.35
C ASP E 278 -43.52 -7.41 5.52
N ARG E 279 -44.20 -6.74 6.46
CA ARG E 279 -45.63 -6.96 6.71
C ARG E 279 -45.93 -8.38 7.21
N GLN E 280 -44.93 -9.04 7.78
CA GLN E 280 -45.09 -10.40 8.27
C GLN E 280 -44.21 -10.58 9.50
N TYR E 281 -44.36 -11.73 10.14
CA TYR E 281 -43.55 -12.08 11.31
C TYR E 281 -42.80 -13.37 11.01
N LEU E 282 -41.49 -13.33 11.18
CA LEU E 282 -40.62 -14.49 11.00
C LEU E 282 -40.33 -15.09 12.36
N GLY E 283 -40.49 -16.40 12.49
CA GLY E 283 -40.31 -17.06 13.76
C GLY E 283 -39.33 -18.22 13.67
N ILE E 284 -38.60 -18.43 14.77
CA ILE E 284 -37.68 -19.55 14.91
C ILE E 284 -38.18 -20.42 16.05
N ALA E 285 -38.35 -21.71 15.78
CA ALA E 285 -38.87 -22.66 16.76
C ALA E 285 -37.77 -23.66 17.09
N GLU E 286 -37.57 -23.88 18.39
CA GLU E 286 -36.56 -24.80 18.89
C GLU E 286 -37.23 -25.99 19.56
N ARG E 287 -36.88 -27.20 19.11
CA ARG E 287 -37.43 -28.45 19.64
C ARG E 287 -36.31 -29.23 20.32
N LYS E 288 -36.49 -29.52 21.60
CA LYS E 288 -35.51 -30.25 22.37
C LYS E 288 -35.54 -31.73 21.99
N ILE E 289 -34.37 -32.27 21.65
CA ILE E 289 -34.21 -33.67 21.29
C ILE E 289 -33.08 -34.24 22.12
N PRO E 290 -33.05 -35.56 22.32
CA PRO E 290 -32.03 -36.10 23.24
C PRO E 290 -30.60 -35.76 22.83
N SER E 291 -30.31 -35.81 21.53
CA SER E 291 -28.96 -35.50 21.08
C SER E 291 -28.60 -34.05 21.36
N GLY E 292 -29.56 -33.13 21.20
CA GLY E 292 -29.30 -31.72 21.39
C GLY E 292 -30.53 -30.86 21.18
N LEU E 293 -30.51 -30.03 20.15
CA LEU E 293 -31.61 -29.13 19.82
C LEU E 293 -31.87 -29.16 18.32
N GLU E 294 -33.14 -28.98 17.97
CA GLU E 294 -33.61 -28.95 16.59
C GLU E 294 -34.19 -27.58 16.27
N TYR E 295 -33.89 -27.07 15.07
CA TYR E 295 -34.31 -25.73 14.68
C TYR E 295 -35.32 -25.77 13.54
N TYR E 296 -36.38 -24.98 13.66
CA TYR E 296 -37.39 -24.81 12.61
C TYR E 296 -37.60 -23.32 12.37
N TYR E 297 -37.54 -22.91 11.11
CA TYR E 297 -37.73 -21.52 10.72
C TYR E 297 -39.10 -21.37 10.08
N GLN E 298 -39.92 -20.49 10.64
CA GLN E 298 -41.31 -20.37 10.24
C GLN E 298 -41.67 -18.91 9.97
N VAL E 299 -42.76 -18.73 9.24
CA VAL E 299 -43.32 -17.42 8.92
C VAL E 299 -44.78 -17.42 9.34
N TYR E 300 -45.20 -16.38 10.06
CA TYR E 300 -46.58 -16.23 10.51
C TYR E 300 -47.15 -14.94 9.92
N LYS E 301 -48.27 -15.07 9.23
CA LYS E 301 -48.89 -13.90 8.61
C LYS E 301 -49.47 -12.95 9.65
N THR E 302 -50.02 -13.49 10.74
CA THR E 302 -50.64 -12.67 11.77
C THR E 302 -50.20 -13.17 13.14
N LEU E 303 -50.28 -12.28 14.13
CA LEU E 303 -49.91 -12.59 15.51
C LEU E 303 -51.09 -13.21 16.25
N ASP E 304 -51.44 -14.43 15.83
CA ASP E 304 -52.52 -15.18 16.44
C ASP E 304 -51.94 -16.36 17.21
N GLY E 305 -52.23 -16.41 18.50
CA GLY E 305 -51.66 -17.41 19.38
C GLY E 305 -50.24 -17.14 19.81
N LEU E 306 -49.72 -15.95 19.55
CA LEU E 306 -48.36 -15.57 19.89
C LEU E 306 -48.36 -14.30 20.73
N GLU E 307 -49.32 -14.22 21.66
CA GLU E 307 -49.56 -12.98 22.39
C GLU E 307 -48.35 -12.54 23.19
N ASN E 308 -47.72 -13.47 23.91
CA ASN E 308 -46.65 -13.12 24.84
C ASN E 308 -45.25 -13.34 24.27
N ILE E 309 -45.13 -13.81 23.03
CA ILE E 309 -43.81 -14.00 22.43
C ILE E 309 -43.24 -12.65 22.05
N THR E 310 -41.97 -12.43 22.39
CA THR E 310 -41.33 -11.16 22.08
C THR E 310 -41.17 -11.01 20.58
N VAL E 311 -41.33 -9.78 20.09
CA VAL E 311 -41.21 -9.47 18.68
C VAL E 311 -40.10 -8.43 18.52
N PHE E 312 -39.17 -8.69 17.60
CA PHE E 312 -38.07 -7.79 17.31
C PHE E 312 -38.33 -7.11 15.97
N ASN E 313 -38.17 -5.80 15.94
CA ASN E 313 -38.38 -5.02 14.72
C ASN E 313 -37.11 -4.29 14.34
N ASN E 314 -36.64 -4.53 13.12
CA ASN E 314 -35.43 -3.90 12.63
C ASN E 314 -35.61 -2.41 12.39
N ASN E 315 -36.77 -1.99 11.90
CA ASN E 315 -37.00 -0.62 11.46
C ASN E 315 -37.64 0.20 12.59
N PHE E 316 -36.97 1.27 12.98
CA PHE E 316 -37.50 2.14 14.03
C PHE E 316 -38.81 2.79 13.61
N ASP E 317 -38.95 3.12 12.32
CA ASP E 317 -40.15 3.79 11.85
C ASP E 317 -41.38 2.93 12.08
N THR E 318 -41.24 1.61 11.87
CA THR E 318 -42.34 0.68 12.05
C THR E 318 -42.40 0.10 13.46
N LEU E 319 -41.52 0.54 14.35
CA LEU E 319 -41.51 0.06 15.73
C LEU E 319 -42.78 0.53 16.44
N MSE E 320 -43.38 -0.36 17.22
CA MSE E 320 -44.60 -0.02 17.95
C MSE E 320 -44.89 -0.96 19.12
O MSE E 320 -44.36 -2.06 19.21
CB MSE E 320 -45.79 -0.02 16.99
CG MSE E 320 -46.19 -1.42 16.50
SE MSE E 320 -47.44 -1.36 15.01
CE MSE E 320 -47.71 -3.28 14.76
H MSE E 320 -43.11 -1.17 17.34
HA MSE E 320 -44.46 0.86 18.31
HB2 MSE E 320 -46.56 0.36 17.45
HB3 MSE E 320 -45.57 0.50 16.20
HG2 MSE E 320 -45.40 -1.89 16.20
HG3 MSE E 320 -46.61 -1.90 17.23
HE1 MSE E 320 -48.32 -3.42 14.03
HE2 MSE E 320 -46.86 -3.69 14.56
HE3 MSE E 320 -48.08 -3.65 15.58
N GLU E 321 -45.74 -0.49 20.03
CA GLU E 321 -46.25 -1.27 21.16
C GLU E 321 -45.06 -1.77 21.96
N ASP E 322 -44.99 -3.06 22.32
CA ASP E 322 -43.96 -3.56 23.21
C ASP E 322 -42.80 -4.22 22.47
N GLU E 323 -42.73 -4.08 21.15
CA GLU E 323 -41.64 -4.69 20.39
C GLU E 323 -40.30 -4.10 20.83
N VAL E 324 -39.27 -4.94 20.77
CA VAL E 324 -37.92 -4.55 21.18
C VAL E 324 -37.17 -4.08 19.93
N PHE E 325 -36.56 -2.91 20.01
CA PHE E 325 -35.81 -2.38 18.89
C PHE E 325 -34.59 -3.25 18.61
N LEU E 326 -34.40 -3.61 17.34
CA LEU E 326 -33.27 -4.41 16.89
C LEU E 326 -32.22 -3.50 16.29
N GLU E 327 -31.00 -3.57 16.83
CA GLU E 327 -29.88 -2.78 16.33
C GLU E 327 -28.73 -3.73 15.98
N GLU E 328 -27.75 -3.19 15.25
CA GLU E 328 -26.67 -4.03 14.75
C GLU E 328 -25.94 -4.73 15.88
N THR E 329 -25.65 -4.02 16.96
CA THR E 329 -24.95 -4.66 18.07
C THR E 329 -25.82 -5.73 18.73
N GLN E 330 -27.10 -5.41 18.95
CA GLN E 330 -28.00 -6.35 19.60
C GLN E 330 -28.28 -7.55 18.72
N LEU E 331 -28.51 -7.33 17.42
CA LEU E 331 -28.85 -8.44 16.53
C LEU E 331 -27.67 -9.36 16.30
N LYS E 332 -26.45 -8.82 16.27
CA LYS E 332 -25.28 -9.68 16.15
C LYS E 332 -25.18 -10.61 17.36
N LYS E 333 -25.58 -10.12 18.54
CA LYS E 333 -25.52 -10.95 19.73
C LYS E 333 -26.47 -12.14 19.62
N LYS E 334 -27.67 -11.92 19.08
CA LYS E 334 -28.69 -12.97 19.05
C LYS E 334 -28.81 -13.65 17.69
N PHE E 335 -28.86 -12.90 16.61
CA PHE E 335 -29.12 -13.46 15.29
C PHE E 335 -27.87 -13.89 14.53
N LYS E 336 -26.68 -13.64 15.06
CA LYS E 336 -25.48 -14.06 14.34
C LYS E 336 -25.41 -15.57 14.25
N THR E 337 -25.65 -16.26 15.37
CA THR E 337 -25.64 -17.72 15.35
C THR E 337 -26.76 -18.25 14.48
N TYR E 338 -27.95 -17.64 14.56
CA TYR E 338 -29.07 -18.08 13.74
C TYR E 338 -28.79 -17.90 12.26
N PHE E 339 -28.14 -16.78 11.88
CA PHE E 339 -27.81 -16.60 10.47
C PHE E 339 -26.87 -17.69 10.00
N GLU E 340 -25.88 -18.06 10.83
CA GLU E 340 -24.96 -19.14 10.49
C GLU E 340 -25.68 -20.48 10.40
N LEU E 341 -26.60 -20.76 11.33
CA LEU E 341 -27.40 -21.97 11.25
C LEU E 341 -28.20 -22.02 9.96
N PHE E 342 -28.69 -20.86 9.51
CA PHE E 342 -29.40 -20.78 8.24
C PHE E 342 -28.47 -20.99 7.05
N GLN E 343 -27.29 -20.33 7.08
CA GLN E 343 -26.39 -20.40 5.93
C GLN E 343 -25.95 -21.84 5.64
N GLN E 344 -25.54 -22.57 6.68
CA GLN E 344 -25.35 -24.00 6.57
C GLN E 344 -26.70 -24.69 6.65
N ASN E 345 -26.82 -25.84 5.98
CA ASN E 345 -28.11 -26.52 5.91
C ASN E 345 -28.35 -27.27 7.21
N MSE E 346 -28.56 -26.50 8.28
CA MSE E 346 -28.74 -27.06 9.61
C MSE E 346 -30.10 -26.73 10.23
O MSE E 346 -30.37 -27.09 11.37
CB MSE E 346 -27.64 -26.55 10.56
CG MSE E 346 -26.22 -26.88 10.15
SE MSE E 346 -24.98 -26.14 11.46
CE MSE E 346 -23.35 -27.15 11.05
H MSE E 346 -28.59 -25.63 8.25
HA MSE E 346 -28.68 -28.02 9.51
HB2 MSE E 346 -27.71 -25.58 10.60
HB3 MSE E 346 -27.80 -26.94 11.44
HG2 MSE E 346 -26.10 -27.86 10.12
HG3 MSE E 346 -26.02 -26.50 9.28
HE1 MSE E 346 -22.64 -26.83 11.61
HE2 MSE E 346 -23.52 -28.09 11.21
HE3 MSE E 346 -23.13 -27.00 10.11
N VAL E 347 -30.96 -26.06 9.47
CA VAL E 347 -32.27 -25.68 9.96
C VAL E 347 -33.36 -26.24 9.04
N TYR E 348 -34.55 -26.43 9.60
CA TYR E 348 -35.70 -26.90 8.87
C TYR E 348 -36.56 -25.72 8.45
N HIS E 349 -36.94 -25.66 7.18
CA HIS E 349 -37.78 -24.59 6.64
C HIS E 349 -39.17 -25.12 6.35
N GLU E 350 -40.18 -24.32 6.71
CA GLU E 350 -41.56 -24.77 6.57
C GLU E 350 -41.88 -25.13 5.12
N SER E 351 -41.49 -24.28 4.19
CA SER E 351 -41.75 -24.52 2.76
C SER E 351 -40.79 -23.67 1.95
N PRO E 352 -40.67 -23.95 0.66
CA PRO E 352 -39.81 -23.09 -0.18
C PRO E 352 -40.22 -21.64 -0.15
N GLU E 353 -41.52 -21.36 -0.08
CA GLU E 353 -41.98 -19.98 0.02
C GLU E 353 -41.43 -19.31 1.27
N THR E 354 -41.48 -20.00 2.41
CA THR E 354 -40.93 -19.44 3.64
C THR E 354 -39.41 -19.28 3.55
N PHE E 355 -38.73 -20.24 2.92
CA PHE E 355 -37.27 -20.16 2.78
C PHE E 355 -36.86 -18.89 2.05
N LEU E 356 -37.62 -18.49 1.03
CA LEU E 356 -37.29 -17.28 0.29
C LEU E 356 -37.55 -16.03 1.12
N GLU E 357 -38.61 -16.04 1.93
CA GLU E 357 -38.84 -14.92 2.85
C GLU E 357 -37.71 -14.81 3.86
N TRP E 358 -37.29 -15.95 4.43
CA TRP E 358 -36.20 -15.93 5.38
C TRP E 358 -34.90 -15.50 4.72
N SER E 359 -34.70 -15.86 3.45
CA SER E 359 -33.46 -15.50 2.77
C SER E 359 -33.36 -13.99 2.55
N LYS E 360 -34.47 -13.33 2.19
CA LYS E 360 -34.42 -11.88 2.03
C LYS E 360 -34.00 -11.20 3.34
N PHE E 361 -34.55 -11.65 4.46
CA PHE E 361 -34.23 -11.06 5.75
C PHE E 361 -32.77 -11.31 6.12
N VAL E 362 -32.31 -12.55 5.98
CA VAL E 362 -30.93 -12.87 6.39
C VAL E 362 -29.93 -12.02 5.63
N TYR E 363 -30.02 -12.03 4.30
CA TYR E 363 -29.01 -11.34 3.49
C TYR E 363 -29.11 -9.82 3.62
N ALA E 364 -30.31 -9.29 3.86
CA ALA E 364 -30.44 -7.85 4.03
C ALA E 364 -29.67 -7.36 5.26
N LEU E 365 -29.77 -8.09 6.36
CA LEU E 365 -29.14 -7.69 7.61
C LEU E 365 -27.85 -8.44 7.93
N LYS E 366 -27.45 -9.39 7.09
CA LYS E 366 -26.21 -10.13 7.34
C LYS E 366 -25.03 -9.17 7.36
N LEU E 367 -24.06 -9.44 8.23
CA LEU E 367 -22.85 -8.63 8.32
C LEU E 367 -21.63 -9.53 8.21
N GLU E 368 -20.70 -9.15 7.34
CA GLU E 368 -19.44 -9.87 7.17
C GLU E 368 -18.74 -9.38 5.90
S SO4 F . 16.67 -17.31 -17.09
O1 SO4 F . 17.19 -17.49 -15.73
O2 SO4 F . 15.21 -17.35 -17.06
O3 SO4 F . 17.10 -16.02 -17.62
O4 SO4 F . 17.16 -18.38 -17.95
S SO4 G . 32.83 10.50 1.33
O1 SO4 G . 32.32 9.57 2.32
O2 SO4 G . 32.16 11.79 1.48
O3 SO4 G . 32.59 9.98 -0.02
O4 SO4 G . 34.27 10.68 1.52
S SO4 H . 1.68 29.90 9.28
O1 SO4 H . 1.80 30.39 10.65
O2 SO4 H . 0.39 30.30 8.72
O3 SO4 H . 1.79 28.45 9.27
O4 SO4 H . 2.76 30.46 8.47
S SO4 I . -27.43 13.25 -4.47
O1 SO4 I . -28.52 13.94 -3.79
O2 SO4 I . -26.99 12.11 -3.67
O3 SO4 I . -26.32 14.18 -4.66
O4 SO4 I . -27.90 12.77 -5.77
S SO4 J . -19.56 -17.73 -20.73
O1 SO4 J . -20.23 -18.74 -19.91
O2 SO4 J . -19.36 -16.52 -19.94
O3 SO4 J . -18.29 -18.24 -21.19
O4 SO4 J . -20.40 -17.42 -21.88
#